data_1UIT
#
_entry.id   1UIT
#
_cell.length_a   1.000
_cell.length_b   1.000
_cell.length_c   1.000
_cell.angle_alpha   90.00
_cell.angle_beta   90.00
_cell.angle_gamma   90.00
#
_symmetry.space_group_name_H-M   'P 1'
#
_entity_poly.entity_id   1
_entity_poly.type   'polypeptide(L)'
_entity_poly.pdbx_seq_one_letter_code
;GSSGSSGGERRKDRPYVEEPRHVKVQKGSEPLGISIVSGEKGGIYVSKVTVGSIAHQAGLEYGDQLLEFNGINLRSATEQ
QARLIIGQQCDTITILAQYNPHVHQLSSHSRSGPSSG
;
_entity_poly.pdbx_strand_id   A
#
# COMPACT_ATOMS: atom_id res chain seq x y z
N GLY A 1 -35.87 -1.67 -16.17
CA GLY A 1 -35.20 -2.39 -15.10
C GLY A 1 -33.70 -2.11 -15.10
N SER A 2 -33.00 -2.76 -14.18
CA SER A 2 -31.56 -2.59 -14.07
C SER A 2 -30.98 -3.65 -13.14
N SER A 3 -29.70 -3.95 -13.35
CA SER A 3 -29.03 -4.94 -12.54
C SER A 3 -27.60 -4.48 -12.24
N GLY A 4 -26.84 -4.27 -13.31
CA GLY A 4 -25.46 -3.82 -13.16
C GLY A 4 -24.52 -4.69 -14.01
N SER A 5 -23.46 -4.07 -14.49
CA SER A 5 -22.48 -4.77 -15.30
C SER A 5 -21.27 -3.88 -15.54
N SER A 6 -20.16 -4.53 -15.90
CA SER A 6 -18.93 -3.80 -16.17
C SER A 6 -18.28 -4.33 -17.45
N GLY A 7 -17.32 -3.56 -17.95
CA GLY A 7 -16.60 -3.95 -19.15
C GLY A 7 -15.49 -2.94 -19.47
N GLY A 8 -14.54 -3.41 -20.27
CA GLY A 8 -13.42 -2.57 -20.66
C GLY A 8 -13.09 -2.74 -22.14
N GLU A 9 -11.88 -2.33 -22.50
CA GLU A 9 -11.43 -2.44 -23.88
C GLU A 9 -9.91 -2.33 -23.95
N ARG A 10 -9.28 -3.45 -24.26
CA ARG A 10 -7.82 -3.49 -24.37
C ARG A 10 -7.38 -2.97 -25.73
N ARG A 11 -6.58 -1.91 -25.69
CA ARG A 11 -6.07 -1.31 -26.92
C ARG A 11 -4.56 -1.12 -26.83
N LYS A 12 -3.97 -0.77 -27.96
CA LYS A 12 -2.54 -0.55 -28.02
C LYS A 12 -2.22 0.86 -27.53
N ASP A 13 -2.35 1.03 -26.22
CA ASP A 13 -2.08 2.33 -25.60
C ASP A 13 -1.05 2.14 -24.49
N ARG A 14 -0.21 3.16 -24.33
CA ARG A 14 0.82 3.13 -23.30
C ARG A 14 0.21 2.74 -21.95
N PRO A 15 1.04 2.06 -21.12
CA PRO A 15 0.60 1.63 -19.81
C PRO A 15 0.55 2.81 -18.84
N TYR A 16 1.26 3.87 -19.20
CA TYR A 16 1.31 5.06 -18.36
C TYR A 16 2.05 4.78 -17.06
N VAL A 17 1.48 3.89 -16.26
CA VAL A 17 2.08 3.54 -14.99
C VAL A 17 1.80 2.06 -14.69
N GLU A 18 2.76 1.43 -14.03
CA GLU A 18 2.64 0.03 -13.69
C GLU A 18 1.22 -0.28 -13.20
N GLU A 19 0.48 -0.98 -14.05
CA GLU A 19 -0.88 -1.35 -13.73
C GLU A 19 -1.00 -1.76 -12.27
N PRO A 20 -2.25 -1.69 -11.73
CA PRO A 20 -2.50 -2.06 -10.35
C PRO A 20 -2.47 -3.58 -10.17
N ARG A 21 -2.07 -4.00 -8.98
CA ARG A 21 -1.99 -5.41 -8.67
C ARG A 21 -2.78 -5.72 -7.39
N HIS A 22 -3.07 -7.00 -7.21
CA HIS A 22 -3.81 -7.44 -6.04
C HIS A 22 -2.95 -8.39 -5.21
N VAL A 23 -2.40 -7.86 -4.14
CA VAL A 23 -1.55 -8.65 -3.26
C VAL A 23 -2.41 -9.23 -2.13
N LYS A 24 -2.39 -10.55 -2.05
CA LYS A 24 -3.15 -11.25 -1.02
C LYS A 24 -2.36 -11.24 0.29
N VAL A 25 -3.10 -11.23 1.40
CA VAL A 25 -2.49 -11.23 2.71
C VAL A 25 -3.14 -12.30 3.57
N GLN A 26 -2.29 -13.10 4.21
CA GLN A 26 -2.77 -14.16 5.07
C GLN A 26 -2.59 -13.79 6.54
N LYS A 27 -3.41 -12.84 6.97
CA LYS A 27 -3.35 -12.38 8.36
C LYS A 27 -3.49 -13.58 9.29
N GLY A 28 -4.71 -14.08 9.38
CA GLY A 28 -4.99 -15.22 10.23
C GLY A 28 -5.09 -14.79 11.71
N SER A 29 -5.78 -13.68 11.91
CA SER A 29 -5.96 -13.15 13.26
C SER A 29 -4.70 -12.41 13.70
N GLU A 30 -4.13 -11.66 12.77
CA GLU A 30 -2.92 -10.90 13.06
C GLU A 30 -2.95 -9.56 12.32
N PRO A 31 -2.14 -8.60 12.85
CA PRO A 31 -2.06 -7.28 12.25
C PRO A 31 -1.24 -7.31 10.95
N LEU A 32 -1.24 -6.17 10.26
CA LEU A 32 -0.50 -6.07 9.02
C LEU A 32 0.94 -5.64 9.32
N GLY A 33 1.05 -4.58 10.12
CA GLY A 33 2.36 -4.06 10.49
C GLY A 33 2.97 -3.27 9.35
N ILE A 34 2.37 -2.11 9.07
CA ILE A 34 2.86 -1.25 8.02
C ILE A 34 2.51 0.20 8.34
N SER A 35 3.37 1.10 7.89
CA SER A 35 3.16 2.52 8.13
C SER A 35 2.59 3.18 6.87
N ILE A 36 1.68 4.13 7.10
CA ILE A 36 1.07 4.85 6.00
C ILE A 36 1.04 6.34 6.32
N VAL A 37 1.10 7.14 5.26
CA VAL A 37 1.09 8.58 5.41
C VAL A 37 0.13 9.20 4.38
N SER A 38 -0.46 10.31 4.76
CA SER A 38 -1.39 11.00 3.87
C SER A 38 -0.69 12.19 3.19
N GLY A 39 -1.10 12.45 1.97
CA GLY A 39 -0.53 13.55 1.20
C GLY A 39 -1.51 14.70 1.08
N GLU A 40 -0.95 15.91 1.00
CA GLU A 40 -1.78 17.11 0.89
C GLU A 40 -2.96 16.85 -0.04
N LYS A 41 -2.66 16.80 -1.33
CA LYS A 41 -3.70 16.56 -2.33
C LYS A 41 -3.36 15.28 -3.10
N GLY A 42 -3.29 14.18 -2.37
CA GLY A 42 -2.98 12.90 -2.98
C GLY A 42 -3.77 11.77 -2.30
N GLY A 43 -3.06 10.68 -2.05
CA GLY A 43 -3.68 9.53 -1.41
C GLY A 43 -2.83 9.03 -0.24
N ILE A 44 -2.88 7.72 -0.02
CA ILE A 44 -2.13 7.11 1.06
C ILE A 44 -0.86 6.46 0.48
N TYR A 45 0.23 6.61 1.21
CA TYR A 45 1.50 6.04 0.80
C TYR A 45 2.18 5.31 1.94
N VAL A 46 2.77 4.17 1.60
CA VAL A 46 3.46 3.36 2.59
C VAL A 46 4.70 4.10 3.08
N SER A 47 4.79 4.25 4.40
CA SER A 47 5.92 4.93 5.00
C SER A 47 6.92 3.91 5.55
N LYS A 48 6.43 2.70 5.76
CA LYS A 48 7.27 1.63 6.27
C LYS A 48 6.47 0.33 6.29
N VAL A 49 7.19 -0.78 6.45
CA VAL A 49 6.56 -2.09 6.50
C VAL A 49 7.39 -3.02 7.37
N THR A 50 6.93 -3.19 8.60
CA THR A 50 7.61 -4.05 9.55
C THR A 50 8.02 -5.36 8.88
N VAL A 51 9.29 -5.71 9.08
CA VAL A 51 9.81 -6.94 8.49
C VAL A 51 9.49 -8.11 9.42
N GLY A 52 8.94 -9.16 8.82
CA GLY A 52 8.57 -10.34 9.57
C GLY A 52 7.08 -10.35 9.92
N SER A 53 6.45 -9.22 9.65
CA SER A 53 5.02 -9.07 9.92
C SER A 53 4.21 -9.52 8.71
N ILE A 54 2.91 -9.68 8.94
CA ILE A 54 2.01 -10.11 7.87
C ILE A 54 2.42 -9.42 6.57
N ALA A 55 2.34 -8.11 6.58
CA ALA A 55 2.69 -7.32 5.41
C ALA A 55 3.91 -7.94 4.74
N HIS A 56 5.04 -7.86 5.43
CA HIS A 56 6.29 -8.41 4.92
C HIS A 56 6.00 -9.71 4.17
N GLN A 57 5.38 -10.65 4.87
CA GLN A 57 5.05 -11.93 4.29
C GLN A 57 4.36 -11.74 2.93
N ALA A 58 3.39 -10.83 2.93
CA ALA A 58 2.65 -10.54 1.71
C ALA A 58 3.63 -10.05 0.63
N GLY A 59 4.58 -9.24 1.07
CA GLY A 59 5.58 -8.70 0.17
C GLY A 59 5.27 -7.24 -0.17
N LEU A 60 5.01 -6.47 0.89
CA LEU A 60 4.71 -5.06 0.72
C LEU A 60 5.98 -4.23 0.93
N GLU A 61 6.07 -3.14 0.20
CA GLU A 61 7.22 -2.26 0.30
C GLU A 61 6.76 -0.80 0.36
N TYR A 62 7.72 0.07 0.65
CA TYR A 62 7.44 1.49 0.75
C TYR A 62 7.25 2.11 -0.64
N GLY A 63 6.45 3.16 -0.68
CA GLY A 63 6.18 3.84 -1.94
C GLY A 63 4.92 3.28 -2.60
N ASP A 64 4.69 2.00 -2.36
CA ASP A 64 3.54 1.33 -2.93
C ASP A 64 2.26 2.06 -2.50
N GLN A 65 1.70 2.81 -3.44
CA GLN A 65 0.48 3.56 -3.18
C GLN A 65 -0.71 2.61 -3.05
N LEU A 66 -1.35 2.67 -1.88
CA LEU A 66 -2.50 1.82 -1.62
C LEU A 66 -3.74 2.44 -2.27
N LEU A 67 -4.24 1.77 -3.30
CA LEU A 67 -5.42 2.25 -4.01
C LEU A 67 -6.67 1.83 -3.23
N GLU A 68 -6.78 0.53 -3.01
CA GLU A 68 -7.93 -0.01 -2.29
C GLU A 68 -7.48 -1.15 -1.36
N PHE A 69 -8.11 -1.20 -0.20
CA PHE A 69 -7.79 -2.24 0.78
C PHE A 69 -8.96 -3.20 0.94
N ASN A 70 -8.84 -4.35 0.30
CA ASN A 70 -9.87 -5.36 0.38
C ASN A 70 -11.16 -4.82 -0.23
N GLY A 71 -11.03 -3.70 -0.93
CA GLY A 71 -12.17 -3.07 -1.56
C GLY A 71 -12.24 -1.58 -1.20
N ILE A 72 -12.04 -1.31 0.08
CA ILE A 72 -12.08 0.06 0.56
C ILE A 72 -11.29 0.96 -0.39
N ASN A 73 -11.60 2.25 -0.34
CA ASN A 73 -10.92 3.21 -1.20
C ASN A 73 -9.95 4.04 -0.35
N LEU A 74 -8.67 3.75 -0.54
CA LEU A 74 -7.62 4.45 0.20
C LEU A 74 -7.47 5.86 -0.38
N ARG A 75 -7.80 5.99 -1.65
CA ARG A 75 -7.70 7.27 -2.33
C ARG A 75 -8.42 8.35 -1.52
N SER A 76 -9.40 7.92 -0.74
CA SER A 76 -10.16 8.83 0.08
C SER A 76 -9.86 8.59 1.56
N ALA A 77 -9.50 7.36 1.86
CA ALA A 77 -9.18 6.97 3.22
C ALA A 77 -8.06 7.87 3.75
N THR A 78 -8.25 8.34 4.98
CA THR A 78 -7.27 9.21 5.60
C THR A 78 -6.21 8.39 6.32
N GLU A 79 -5.17 9.08 6.76
CA GLU A 79 -4.07 8.42 7.46
C GLU A 79 -4.60 7.71 8.72
N GLN A 80 -5.54 8.36 9.37
CA GLN A 80 -6.14 7.80 10.58
C GLN A 80 -7.00 6.59 10.23
N GLN A 81 -7.66 6.67 9.09
CA GLN A 81 -8.51 5.58 8.64
C GLN A 81 -7.67 4.45 8.07
N ALA A 82 -6.73 4.83 7.20
CA ALA A 82 -5.86 3.85 6.58
C ALA A 82 -5.14 3.05 7.67
N ARG A 83 -4.71 3.75 8.70
CA ARG A 83 -4.00 3.12 9.81
C ARG A 83 -4.94 2.14 10.52
N LEU A 84 -6.23 2.31 10.28
CA LEU A 84 -7.23 1.44 10.89
C LEU A 84 -7.65 0.36 9.89
N ILE A 85 -8.08 0.82 8.72
CA ILE A 85 -8.51 -0.10 7.69
C ILE A 85 -7.52 -1.26 7.58
N ILE A 86 -6.24 -0.90 7.53
CA ILE A 86 -5.19 -1.89 7.44
C ILE A 86 -5.08 -2.64 8.76
N GLY A 87 -5.36 -1.92 9.84
CA GLY A 87 -5.29 -2.51 11.17
C GLY A 87 -6.64 -3.10 11.57
N GLN A 88 -7.28 -3.77 10.61
CA GLN A 88 -8.57 -4.39 10.85
C GLN A 88 -8.39 -5.85 11.25
N GLN A 89 -9.52 -6.54 11.38
CA GLN A 89 -9.50 -7.94 11.75
C GLN A 89 -10.09 -8.80 10.64
N CYS A 90 -9.20 -9.32 9.81
CA CYS A 90 -9.62 -10.16 8.70
C CYS A 90 -8.54 -11.22 8.46
N ASP A 91 -8.92 -12.47 8.73
CA ASP A 91 -7.99 -13.57 8.54
C ASP A 91 -7.20 -13.38 7.25
N THR A 92 -7.95 -13.15 6.17
CA THR A 92 -7.33 -12.95 4.87
C THR A 92 -7.86 -11.66 4.23
N ILE A 93 -6.93 -10.79 3.90
CA ILE A 93 -7.29 -9.51 3.28
C ILE A 93 -6.36 -9.26 2.09
N THR A 94 -6.92 -8.59 1.09
CA THR A 94 -6.15 -8.27 -0.12
C THR A 94 -5.85 -6.77 -0.16
N ILE A 95 -4.91 -6.42 -1.04
CA ILE A 95 -4.53 -5.04 -1.19
C ILE A 95 -4.37 -4.72 -2.69
N LEU A 96 -4.75 -3.51 -3.05
CA LEU A 96 -4.65 -3.08 -4.43
C LEU A 96 -3.59 -1.98 -4.55
N ALA A 97 -2.36 -2.41 -4.80
CA ALA A 97 -1.26 -1.48 -4.93
C ALA A 97 -1.06 -1.13 -6.41
N GLN A 98 -0.14 -0.20 -6.64
CA GLN A 98 0.15 0.23 -8.00
C GLN A 98 1.39 1.12 -8.02
N TYR A 99 2.54 0.48 -7.99
CA TYR A 99 3.80 1.20 -8.01
C TYR A 99 3.72 2.45 -8.90
N ASN A 100 4.17 3.56 -8.36
CA ASN A 100 4.14 4.82 -9.10
C ASN A 100 5.54 5.44 -9.07
N PRO A 101 6.14 5.54 -10.29
CA PRO A 101 7.47 6.12 -10.42
C PRO A 101 7.43 7.65 -10.27
N HIS A 102 6.86 8.08 -9.15
CA HIS A 102 6.75 9.50 -8.88
C HIS A 102 6.54 9.72 -7.38
N VAL A 103 7.46 9.17 -6.60
CA VAL A 103 7.39 9.29 -5.16
C VAL A 103 8.75 8.92 -4.55
N HIS A 104 9.76 9.70 -4.91
CA HIS A 104 11.10 9.47 -4.40
C HIS A 104 11.50 10.58 -3.44
N GLN A 105 11.06 10.45 -2.20
CA GLN A 105 11.36 11.44 -1.19
C GLN A 105 11.90 10.75 0.07
N LEU A 106 12.38 11.58 0.99
CA LEU A 106 12.93 11.08 2.24
C LEU A 106 12.99 12.20 3.27
N SER A 107 12.85 11.82 4.53
CA SER A 107 12.90 12.79 5.61
C SER A 107 13.28 12.10 6.92
N SER A 108 13.77 12.90 7.85
CA SER A 108 14.18 12.38 9.14
C SER A 108 13.09 12.65 10.18
N HIS A 109 13.04 11.77 11.18
CA HIS A 109 12.06 11.90 12.25
C HIS A 109 12.38 13.13 13.10
N SER A 110 11.45 13.45 13.98
CA SER A 110 11.63 14.61 14.86
C SER A 110 12.52 14.23 16.04
N ARG A 111 13.18 15.24 16.58
CA ARG A 111 14.08 15.03 17.72
C ARG A 111 13.26 14.89 19.01
N SER A 112 13.29 13.68 19.55
CA SER A 112 12.56 13.40 20.78
C SER A 112 12.81 11.96 21.22
N GLY A 113 12.50 11.69 22.48
CA GLY A 113 12.69 10.36 23.04
C GLY A 113 11.37 9.78 23.52
N PRO A 114 11.45 8.99 24.62
CA PRO A 114 10.27 8.36 25.19
C PRO A 114 9.41 9.38 25.93
N SER A 115 8.84 10.30 25.18
CA SER A 115 8.00 11.33 25.77
C SER A 115 6.54 11.10 25.36
N SER A 116 5.66 11.89 25.96
CA SER A 116 4.24 11.79 25.68
C SER A 116 3.79 10.32 25.76
N GLY A 117 3.57 9.87 26.98
CA GLY A 117 3.14 8.50 27.21
C GLY A 117 4.24 7.69 27.89
N GLY A 1 -7.37 11.74 -18.45
CA GLY A 1 -8.48 12.58 -18.91
C GLY A 1 -9.83 11.98 -18.50
N SER A 2 -10.38 11.18 -19.40
CA SER A 2 -11.66 10.55 -19.14
C SER A 2 -11.65 9.12 -19.68
N SER A 3 -11.32 8.19 -18.80
CA SER A 3 -11.27 6.78 -19.17
C SER A 3 -11.73 5.91 -18.00
N GLY A 4 -11.93 4.64 -18.30
CA GLY A 4 -12.37 3.70 -17.28
C GLY A 4 -11.27 2.68 -16.95
N SER A 5 -11.52 1.44 -17.32
CA SER A 5 -10.56 0.38 -17.07
C SER A 5 -10.65 -0.68 -18.18
N SER A 6 -9.49 -1.05 -18.69
CA SER A 6 -9.42 -2.05 -19.75
C SER A 6 -8.69 -3.29 -19.25
N GLY A 7 -8.82 -4.37 -20.01
CA GLY A 7 -8.18 -5.63 -19.66
C GLY A 7 -6.95 -5.86 -20.52
N GLY A 8 -6.05 -6.70 -20.01
CA GLY A 8 -4.83 -7.03 -20.72
C GLY A 8 -3.60 -6.50 -19.97
N GLU A 9 -2.94 -7.43 -19.28
CA GLU A 9 -1.75 -7.07 -18.53
C GLU A 9 -0.66 -8.14 -18.71
N ARG A 10 0.48 -7.70 -19.19
CA ARG A 10 1.60 -8.60 -19.41
C ARG A 10 2.92 -7.83 -19.42
N ARG A 11 4.00 -8.57 -19.45
CA ARG A 11 5.33 -7.97 -19.46
C ARG A 11 5.68 -7.46 -20.86
N LYS A 12 6.12 -6.22 -20.90
CA LYS A 12 6.48 -5.60 -22.17
C LYS A 12 6.95 -4.17 -21.92
N ASP A 13 6.04 -3.36 -21.39
CA ASP A 13 6.35 -1.97 -21.10
C ASP A 13 5.16 -1.33 -20.38
N ARG A 14 5.40 -0.16 -19.81
CA ARG A 14 4.36 0.56 -19.11
C ARG A 14 3.81 1.68 -19.99
N PRO A 15 2.47 1.60 -20.26
CA PRO A 15 1.81 2.58 -21.09
C PRO A 15 1.60 3.89 -20.31
N TYR A 16 1.72 3.78 -19.00
CA TYR A 16 1.54 4.95 -18.14
C TYR A 16 2.18 4.71 -16.77
N VAL A 17 1.97 3.51 -16.25
CA VAL A 17 2.51 3.14 -14.95
C VAL A 17 2.26 1.66 -14.69
N GLU A 18 3.09 1.09 -13.84
CA GLU A 18 2.96 -0.32 -13.50
C GLU A 18 1.52 -0.64 -13.10
N GLU A 19 0.84 -1.34 -14.00
CA GLU A 19 -0.55 -1.72 -13.75
C GLU A 19 -0.73 -2.11 -12.28
N PRO A 20 -1.99 -1.94 -11.80
CA PRO A 20 -2.31 -2.27 -10.42
C PRO A 20 -2.42 -3.78 -10.24
N ARG A 21 -2.01 -4.24 -9.06
CA ARG A 21 -2.05 -5.64 -8.74
C ARG A 21 -2.83 -5.88 -7.45
N HIS A 22 -3.08 -7.15 -7.15
CA HIS A 22 -3.82 -7.52 -5.96
C HIS A 22 -2.95 -8.42 -5.08
N VAL A 23 -2.39 -7.82 -4.04
CA VAL A 23 -1.53 -8.56 -3.12
C VAL A 23 -2.39 -9.15 -2.00
N LYS A 24 -2.34 -10.47 -1.89
CA LYS A 24 -3.11 -11.17 -0.87
C LYS A 24 -2.33 -11.13 0.45
N VAL A 25 -3.09 -11.16 1.54
CA VAL A 25 -2.48 -11.14 2.87
C VAL A 25 -3.10 -12.24 3.72
N GLN A 26 -2.23 -12.97 4.42
CA GLN A 26 -2.68 -14.06 5.26
C GLN A 26 -2.54 -13.67 6.74
N LYS A 27 -3.37 -12.71 7.14
CA LYS A 27 -3.35 -12.24 8.51
C LYS A 27 -3.56 -13.42 9.46
N GLY A 28 -4.82 -13.80 9.60
CA GLY A 28 -5.17 -14.92 10.47
C GLY A 28 -5.48 -14.43 11.88
N SER A 29 -4.46 -13.89 12.53
CA SER A 29 -4.61 -13.39 13.89
C SER A 29 -3.38 -12.57 14.28
N GLU A 30 -2.83 -11.88 13.31
CA GLU A 30 -1.65 -11.06 13.54
C GLU A 30 -1.83 -9.68 12.91
N PRO A 31 -1.02 -8.71 13.43
CA PRO A 31 -1.10 -7.34 12.93
C PRO A 31 -0.41 -7.23 11.57
N LEU A 32 -0.73 -6.13 10.88
CA LEU A 32 -0.16 -5.89 9.57
C LEU A 32 1.32 -5.51 9.72
N GLY A 33 1.55 -4.43 10.44
CA GLY A 33 2.91 -3.96 10.67
C GLY A 33 3.43 -3.17 9.47
N ILE A 34 2.71 -2.10 9.14
CA ILE A 34 3.09 -1.27 8.02
C ILE A 34 2.75 0.19 8.34
N SER A 35 3.63 1.08 7.89
CA SER A 35 3.44 2.50 8.13
C SER A 35 2.86 3.17 6.88
N ILE A 36 1.99 4.14 7.12
CA ILE A 36 1.36 4.86 6.02
C ILE A 36 1.41 6.36 6.31
N VAL A 37 1.37 7.14 5.24
CA VAL A 37 1.40 8.59 5.36
C VAL A 37 0.47 9.21 4.32
N SER A 38 -0.10 10.35 4.70
CA SER A 38 -1.01 11.04 3.81
C SER A 38 -0.30 12.24 3.15
N GLY A 39 -0.71 12.52 1.93
CA GLY A 39 -0.12 13.61 1.18
C GLY A 39 -0.91 14.91 1.40
N GLU A 40 -1.74 14.89 2.44
CA GLU A 40 -2.55 16.05 2.77
C GLU A 40 -3.69 16.20 1.76
N LYS A 41 -3.33 16.50 0.52
CA LYS A 41 -4.30 16.66 -0.53
C LYS A 41 -5.16 15.40 -0.64
N GLY A 42 -4.49 14.26 -0.61
CA GLY A 42 -5.17 12.99 -0.70
C GLY A 42 -4.21 11.88 -1.16
N GLY A 43 -4.54 10.65 -0.77
CA GLY A 43 -3.72 9.51 -1.14
C GLY A 43 -2.91 9.00 0.07
N ILE A 44 -2.64 7.71 0.04
CA ILE A 44 -1.89 7.08 1.12
C ILE A 44 -0.67 6.38 0.54
N TYR A 45 0.47 6.57 1.21
CA TYR A 45 1.71 5.97 0.77
C TYR A 45 2.41 5.26 1.94
N VAL A 46 2.90 4.07 1.65
CA VAL A 46 3.59 3.27 2.65
C VAL A 46 4.88 3.99 3.06
N SER A 47 5.00 4.22 4.35
CA SER A 47 6.18 4.89 4.90
C SER A 47 7.21 3.86 5.34
N LYS A 48 6.73 2.66 5.61
CA LYS A 48 7.60 1.58 6.05
C LYS A 48 6.78 0.30 6.21
N VAL A 49 7.48 -0.80 6.40
CA VAL A 49 6.84 -2.09 6.57
C VAL A 49 7.71 -2.98 7.45
N THR A 50 7.17 -3.36 8.59
CA THR A 50 7.89 -4.22 9.52
C THR A 50 8.40 -5.48 8.81
N VAL A 51 9.24 -6.22 9.51
CA VAL A 51 9.80 -7.43 8.96
C VAL A 51 9.22 -8.64 9.71
N GLY A 52 9.02 -9.72 8.96
CA GLY A 52 8.47 -10.93 9.54
C GLY A 52 7.01 -10.73 9.97
N SER A 53 6.44 -9.64 9.49
CA SER A 53 5.06 -9.31 9.82
C SER A 53 4.14 -9.66 8.64
N ILE A 54 2.86 -9.77 8.94
CA ILE A 54 1.88 -10.08 7.92
C ILE A 54 2.25 -9.37 6.62
N ALA A 55 2.17 -8.04 6.67
CA ALA A 55 2.50 -7.23 5.51
C ALA A 55 3.71 -7.83 4.79
N HIS A 56 4.84 -7.78 5.47
CA HIS A 56 6.07 -8.31 4.91
C HIS A 56 5.78 -9.64 4.20
N GLN A 57 5.03 -10.49 4.89
CA GLN A 57 4.68 -11.78 4.33
C GLN A 57 3.88 -11.61 3.04
N ALA A 58 2.96 -10.66 3.07
CA ALA A 58 2.12 -10.39 1.91
C ALA A 58 3.01 -9.98 0.73
N GLY A 59 4.08 -9.27 1.06
CA GLY A 59 5.02 -8.82 0.04
C GLY A 59 4.79 -7.35 -0.30
N LEU A 60 4.62 -6.55 0.74
CA LEU A 60 4.38 -5.13 0.56
C LEU A 60 5.73 -4.39 0.53
N GLU A 61 5.66 -3.10 0.24
CA GLU A 61 6.85 -2.27 0.18
C GLU A 61 6.48 -0.80 0.27
N TYR A 62 7.51 0.04 0.33
CA TYR A 62 7.31 1.47 0.41
C TYR A 62 7.12 2.09 -0.98
N GLY A 63 6.33 3.14 -1.03
CA GLY A 63 6.06 3.83 -2.27
C GLY A 63 4.82 3.25 -2.97
N ASP A 64 4.46 2.05 -2.54
CA ASP A 64 3.30 1.38 -3.11
C ASP A 64 2.03 2.08 -2.65
N GLN A 65 1.43 2.82 -3.57
CA GLN A 65 0.22 3.56 -3.27
C GLN A 65 -0.97 2.59 -3.15
N LEU A 66 -1.65 2.68 -2.02
CA LEU A 66 -2.81 1.83 -1.77
C LEU A 66 -4.02 2.40 -2.49
N LEU A 67 -4.41 1.72 -3.55
CA LEU A 67 -5.56 2.13 -4.33
C LEU A 67 -6.85 1.67 -3.64
N GLU A 68 -6.85 0.40 -3.25
CA GLU A 68 -8.00 -0.17 -2.59
C GLU A 68 -7.57 -1.31 -1.67
N PHE A 69 -8.09 -1.28 -0.45
CA PHE A 69 -7.76 -2.31 0.53
C PHE A 69 -8.91 -3.30 0.70
N ASN A 70 -8.73 -4.48 0.13
CA ASN A 70 -9.74 -5.51 0.20
C ASN A 70 -11.05 -5.00 -0.41
N GLY A 71 -10.91 -3.93 -1.18
CA GLY A 71 -12.06 -3.33 -1.84
C GLY A 71 -12.20 -1.85 -1.45
N ILE A 72 -12.04 -1.59 -0.15
CA ILE A 72 -12.15 -0.24 0.35
C ILE A 72 -11.48 0.72 -0.63
N ASN A 73 -12.04 1.92 -0.72
CA ASN A 73 -11.52 2.93 -1.61
C ASN A 73 -10.53 3.81 -0.84
N LEU A 74 -9.25 3.53 -1.05
CA LEU A 74 -8.19 4.28 -0.38
C LEU A 74 -8.15 5.70 -0.95
N ARG A 75 -8.18 5.77 -2.28
CA ARG A 75 -8.15 7.06 -2.95
C ARG A 75 -9.00 8.08 -2.19
N SER A 76 -8.32 9.05 -1.61
CA SER A 76 -9.00 10.09 -0.86
C SER A 76 -9.24 9.63 0.57
N ALA A 77 -8.29 8.85 1.07
CA ALA A 77 -8.39 8.34 2.43
C ALA A 77 -7.40 9.10 3.33
N THR A 78 -7.73 9.14 4.61
CA THR A 78 -6.89 9.83 5.57
C THR A 78 -6.00 8.82 6.31
N GLU A 79 -4.81 9.29 6.67
CA GLU A 79 -3.85 8.46 7.37
C GLU A 79 -4.55 7.70 8.51
N GLN A 80 -5.42 8.40 9.20
CA GLN A 80 -6.15 7.81 10.31
C GLN A 80 -7.08 6.71 9.80
N GLN A 81 -7.57 6.89 8.59
CA GLN A 81 -8.46 5.91 7.98
C GLN A 81 -7.68 4.67 7.58
N ALA A 82 -6.58 4.90 6.87
CA ALA A 82 -5.74 3.80 6.41
C ALA A 82 -5.35 2.93 7.61
N ARG A 83 -4.73 3.58 8.59
CA ARG A 83 -4.30 2.89 9.79
C ARG A 83 -5.45 2.05 10.36
N LEU A 84 -6.67 2.43 10.00
CA LEU A 84 -7.85 1.72 10.46
C LEU A 84 -8.20 0.61 9.46
N ILE A 85 -8.30 1.02 8.20
CA ILE A 85 -8.64 0.07 7.14
C ILE A 85 -7.63 -1.08 7.16
N ILE A 86 -6.35 -0.71 7.16
CA ILE A 86 -5.29 -1.70 7.18
C ILE A 86 -5.28 -2.40 8.55
N GLY A 87 -5.51 -1.63 9.58
CA GLY A 87 -5.53 -2.15 10.93
C GLY A 87 -6.91 -2.69 11.29
N GLN A 88 -7.51 -3.39 10.34
CA GLN A 88 -8.83 -3.96 10.54
C GLN A 88 -8.73 -5.46 10.82
N GLN A 89 -9.88 -6.10 10.88
CA GLN A 89 -9.93 -7.53 11.13
C GLN A 89 -10.29 -8.29 9.85
N CYS A 90 -9.69 -9.47 9.71
CA CYS A 90 -9.93 -10.29 8.54
C CYS A 90 -8.78 -11.29 8.41
N ASP A 91 -9.11 -12.56 8.61
CA ASP A 91 -8.11 -13.61 8.52
C ASP A 91 -7.29 -13.43 7.24
N THR A 92 -8.01 -13.19 6.15
CA THR A 92 -7.36 -12.98 4.87
C THR A 92 -7.89 -11.73 4.18
N ILE A 93 -6.97 -10.83 3.85
CA ILE A 93 -7.34 -9.58 3.20
C ILE A 93 -6.38 -9.32 2.03
N THR A 94 -6.91 -8.67 1.01
CA THR A 94 -6.13 -8.35 -0.16
C THR A 94 -5.80 -6.86 -0.21
N ILE A 95 -4.89 -6.51 -1.10
CA ILE A 95 -4.48 -5.12 -1.25
C ILE A 95 -4.30 -4.81 -2.73
N LEU A 96 -4.77 -3.62 -3.12
CA LEU A 96 -4.67 -3.19 -4.50
C LEU A 96 -3.62 -2.07 -4.59
N ALA A 97 -2.38 -2.48 -4.79
CA ALA A 97 -1.29 -1.52 -4.90
C ALA A 97 -1.01 -1.23 -6.38
N GLN A 98 -0.09 -0.32 -6.61
CA GLN A 98 0.28 0.05 -7.97
C GLN A 98 1.44 1.04 -7.96
N TYR A 99 2.65 0.49 -7.85
CA TYR A 99 3.84 1.30 -7.82
C TYR A 99 3.71 2.50 -8.78
N ASN A 100 4.26 3.62 -8.34
CA ASN A 100 4.21 4.83 -9.15
C ASN A 100 5.56 5.55 -9.03
N PRO A 101 6.27 5.64 -10.19
CA PRO A 101 7.56 6.30 -10.24
C PRO A 101 7.40 7.82 -10.19
N HIS A 102 6.69 8.28 -9.16
CA HIS A 102 6.45 9.70 -8.99
C HIS A 102 6.05 9.99 -7.54
N VAL A 103 6.87 9.48 -6.63
CA VAL A 103 6.62 9.67 -5.21
C VAL A 103 7.92 9.49 -4.44
N HIS A 104 8.80 10.46 -4.59
CA HIS A 104 10.10 10.41 -3.91
C HIS A 104 9.89 10.71 -2.42
N GLN A 105 9.62 11.98 -2.13
CA GLN A 105 9.41 12.40 -0.76
C GLN A 105 10.60 11.99 0.12
N LEU A 106 11.55 12.91 0.21
CA LEU A 106 12.75 12.66 1.01
C LEU A 106 12.78 13.63 2.19
N SER A 107 12.97 14.90 1.86
CA SER A 107 13.02 15.93 2.88
C SER A 107 11.83 15.80 3.83
N SER A 108 11.93 16.48 4.96
CA SER A 108 10.88 16.44 5.96
C SER A 108 10.63 15.00 6.40
N HIS A 109 11.37 14.58 7.41
CA HIS A 109 11.24 13.22 7.93
C HIS A 109 11.80 13.16 9.35
N SER A 110 11.13 13.85 10.25
CA SER A 110 11.55 13.88 11.64
C SER A 110 10.46 13.29 12.54
N ARG A 111 9.30 13.90 12.48
CA ARG A 111 8.17 13.44 13.28
C ARG A 111 8.54 13.42 14.77
N SER A 112 7.52 13.25 15.59
CA SER A 112 7.72 13.21 17.03
C SER A 112 7.69 11.76 17.53
N GLY A 113 8.84 11.29 17.97
CA GLY A 113 8.96 9.93 18.48
C GLY A 113 8.37 9.83 19.88
N PRO A 114 7.26 9.05 19.99
CA PRO A 114 6.60 8.86 21.28
C PRO A 114 7.40 7.90 22.15
N SER A 115 7.38 8.18 23.46
CA SER A 115 8.09 7.34 24.40
C SER A 115 7.69 7.73 25.84
N SER A 116 7.91 9.00 26.16
CA SER A 116 7.58 9.50 27.48
C SER A 116 6.11 9.24 27.78
N GLY A 117 5.24 9.77 26.93
CA GLY A 117 3.82 9.60 27.09
C GLY A 117 3.05 10.80 26.53
N GLY A 1 -16.00 -12.59 -19.57
CA GLY A 1 -16.48 -13.75 -20.31
C GLY A 1 -15.44 -14.24 -21.31
N SER A 2 -15.49 -15.53 -21.59
CA SER A 2 -14.56 -16.13 -22.52
C SER A 2 -15.14 -16.11 -23.94
N SER A 3 -14.56 -15.28 -24.78
CA SER A 3 -15.01 -15.16 -26.15
C SER A 3 -13.85 -14.71 -27.05
N GLY A 4 -14.02 -14.96 -28.34
CA GLY A 4 -13.00 -14.59 -29.32
C GLY A 4 -13.63 -13.97 -30.55
N SER A 5 -13.81 -12.65 -30.50
CA SER A 5 -14.40 -11.93 -31.61
C SER A 5 -14.45 -10.43 -31.30
N SER A 6 -13.70 -9.67 -32.08
CA SER A 6 -13.65 -8.23 -31.89
C SER A 6 -12.69 -7.60 -32.90
N GLY A 7 -12.77 -6.29 -33.01
CA GLY A 7 -11.91 -5.56 -33.93
C GLY A 7 -11.84 -4.08 -33.56
N GLY A 8 -10.61 -3.59 -33.45
CA GLY A 8 -10.39 -2.20 -33.11
C GLY A 8 -8.89 -1.90 -32.94
N GLU A 9 -8.55 -0.63 -33.07
CA GLU A 9 -7.16 -0.21 -32.94
C GLU A 9 -7.10 1.27 -32.58
N ARG A 10 -6.81 1.53 -31.31
CA ARG A 10 -6.71 2.89 -30.82
C ARG A 10 -5.57 3.02 -29.81
N ARG A 11 -4.74 4.03 -30.02
CA ARG A 11 -3.61 4.27 -29.15
C ARG A 11 -3.55 5.74 -28.74
N LYS A 12 -3.80 5.98 -27.46
CA LYS A 12 -3.77 7.33 -26.93
C LYS A 12 -2.41 7.61 -26.31
N ASP A 13 -2.07 8.89 -26.24
CA ASP A 13 -0.79 9.31 -25.67
C ASP A 13 -0.91 9.34 -24.15
N ARG A 14 -0.14 8.48 -23.51
CA ARG A 14 -0.14 8.40 -22.05
C ARG A 14 1.25 8.01 -21.54
N PRO A 15 1.57 8.52 -20.32
CA PRO A 15 2.85 8.24 -19.71
C PRO A 15 2.90 6.81 -19.16
N TYR A 16 1.72 6.27 -18.94
CA TYR A 16 1.60 4.92 -18.42
C TYR A 16 2.34 4.78 -17.09
N VAL A 17 1.85 3.87 -16.26
CA VAL A 17 2.46 3.64 -14.96
C VAL A 17 2.20 2.19 -14.53
N GLU A 18 3.01 1.73 -13.60
CA GLU A 18 2.88 0.37 -13.10
C GLU A 18 1.42 0.07 -12.76
N GLU A 19 0.81 -0.78 -13.58
CA GLU A 19 -0.58 -1.16 -13.37
C GLU A 19 -0.81 -1.55 -11.91
N PRO A 20 -2.09 -1.43 -11.48
CA PRO A 20 -2.47 -1.76 -10.12
C PRO A 20 -2.50 -3.27 -9.91
N ARG A 21 -1.72 -3.71 -8.94
CA ARG A 21 -1.65 -5.14 -8.63
C ARG A 21 -2.45 -5.44 -7.36
N HIS A 22 -2.80 -6.72 -7.21
CA HIS A 22 -3.57 -7.15 -6.06
C HIS A 22 -2.73 -8.13 -5.23
N VAL A 23 -2.31 -7.66 -4.06
CA VAL A 23 -1.51 -8.49 -3.17
C VAL A 23 -2.41 -9.06 -2.08
N LYS A 24 -2.35 -10.38 -1.93
CA LYS A 24 -3.15 -11.06 -0.93
C LYS A 24 -2.39 -11.07 0.39
N VAL A 25 -3.16 -11.08 1.48
CA VAL A 25 -2.57 -11.08 2.81
C VAL A 25 -3.26 -12.15 3.66
N GLN A 26 -2.44 -12.95 4.33
CA GLN A 26 -2.97 -14.01 5.19
C GLN A 26 -2.73 -13.67 6.65
N LYS A 27 -3.50 -12.71 7.15
CA LYS A 27 -3.39 -12.28 8.53
C LYS A 27 -3.56 -13.49 9.45
N GLY A 28 -4.81 -13.91 9.59
CA GLY A 28 -5.13 -15.05 10.43
C GLY A 28 -5.51 -14.61 11.84
N SER A 29 -4.57 -13.96 12.51
CA SER A 29 -4.81 -13.47 13.86
C SER A 29 -3.74 -12.44 14.23
N GLU A 30 -3.30 -11.70 13.23
CA GLU A 30 -2.29 -10.68 13.44
C GLU A 30 -2.52 -9.49 12.49
N PRO A 31 -1.97 -8.32 12.89
CA PRO A 31 -2.11 -7.11 12.09
C PRO A 31 -1.21 -7.16 10.86
N LEU A 32 -1.32 -6.13 10.04
CA LEU A 32 -0.53 -6.05 8.82
C LEU A 32 0.91 -5.68 9.19
N GLY A 33 1.05 -4.60 9.93
CA GLY A 33 2.36 -4.14 10.35
C GLY A 33 3.04 -3.33 9.25
N ILE A 34 2.42 -2.21 8.91
CA ILE A 34 2.95 -1.34 7.87
C ILE A 34 2.60 0.11 8.20
N SER A 35 3.53 1.00 7.89
CA SER A 35 3.34 2.42 8.14
C SER A 35 2.75 3.09 6.89
N ILE A 36 1.92 4.09 7.14
CA ILE A 36 1.29 4.83 6.06
C ILE A 36 1.36 6.33 6.35
N VAL A 37 1.23 7.12 5.30
CA VAL A 37 1.27 8.56 5.44
C VAL A 37 0.32 9.19 4.42
N SER A 38 -0.23 10.34 4.80
CA SER A 38 -1.15 11.06 3.95
C SER A 38 -0.43 12.21 3.25
N GLY A 39 -0.91 12.51 2.05
CA GLY A 39 -0.32 13.60 1.26
C GLY A 39 -1.36 14.66 0.94
N GLU A 40 -0.94 15.62 0.13
CA GLU A 40 -1.83 16.70 -0.27
C GLU A 40 -2.85 16.21 -1.30
N LYS A 41 -3.77 15.38 -0.81
CA LYS A 41 -4.81 14.83 -1.67
C LYS A 41 -4.16 13.97 -2.74
N GLY A 42 -3.22 13.14 -2.31
CA GLY A 42 -2.52 12.25 -3.22
C GLY A 42 -2.74 10.79 -2.84
N GLY A 43 -3.52 10.60 -1.79
CA GLY A 43 -3.84 9.26 -1.32
C GLY A 43 -2.89 8.85 -0.18
N ILE A 44 -2.95 7.57 0.15
CA ILE A 44 -2.11 7.03 1.22
C ILE A 44 -0.89 6.37 0.61
N TYR A 45 0.25 6.60 1.26
CA TYR A 45 1.51 6.04 0.80
C TYR A 45 2.23 5.29 1.92
N VAL A 46 2.77 4.14 1.56
CA VAL A 46 3.48 3.32 2.52
C VAL A 46 4.73 4.06 3.00
N SER A 47 4.86 4.16 4.32
CA SER A 47 6.00 4.85 4.91
C SER A 47 7.05 3.82 5.37
N LYS A 48 6.57 2.61 5.61
CA LYS A 48 7.45 1.53 6.05
C LYS A 48 6.63 0.25 6.22
N VAL A 49 7.35 -0.84 6.39
CA VAL A 49 6.71 -2.14 6.57
C VAL A 49 7.52 -2.98 7.56
N THR A 50 6.83 -3.44 8.59
CA THR A 50 7.47 -4.26 9.61
C THR A 50 7.99 -5.56 9.01
N VAL A 51 9.26 -5.80 9.22
CA VAL A 51 9.90 -7.01 8.71
C VAL A 51 9.48 -8.20 9.57
N GLY A 52 8.94 -9.21 8.91
CA GLY A 52 8.50 -10.41 9.59
C GLY A 52 7.01 -10.34 9.92
N SER A 53 6.42 -9.19 9.63
CA SER A 53 5.01 -8.97 9.88
C SER A 53 4.18 -9.46 8.70
N ILE A 54 2.89 -9.63 8.95
CA ILE A 54 1.98 -10.09 7.91
C ILE A 54 2.37 -9.46 6.57
N ALA A 55 2.27 -8.14 6.53
CA ALA A 55 2.61 -7.41 5.32
C ALA A 55 3.86 -8.03 4.69
N HIS A 56 4.96 -7.92 5.40
CA HIS A 56 6.22 -8.46 4.92
C HIS A 56 5.97 -9.79 4.21
N GLN A 57 5.27 -10.67 4.90
CA GLN A 57 4.95 -11.98 4.34
C GLN A 57 4.24 -11.82 2.99
N ALA A 58 3.25 -10.95 2.98
CA ALA A 58 2.48 -10.69 1.78
C ALA A 58 3.42 -10.21 0.67
N GLY A 59 4.32 -9.31 1.06
CA GLY A 59 5.27 -8.76 0.11
C GLY A 59 4.97 -7.28 -0.18
N LEU A 60 4.78 -6.53 0.88
CA LEU A 60 4.50 -5.11 0.76
C LEU A 60 5.80 -4.32 0.79
N GLU A 61 5.76 -3.16 0.14
CA GLU A 61 6.93 -2.30 0.08
C GLU A 61 6.52 -0.83 0.19
N TYR A 62 7.52 0.03 0.32
CA TYR A 62 7.27 1.45 0.43
C TYR A 62 7.10 2.09 -0.95
N GLY A 63 6.36 3.19 -0.97
CA GLY A 63 6.10 3.90 -2.21
C GLY A 63 4.91 3.30 -2.94
N ASP A 64 4.51 2.12 -2.50
CA ASP A 64 3.38 1.43 -3.10
C ASP A 64 2.08 2.08 -2.65
N GLN A 65 1.68 3.11 -3.40
CA GLN A 65 0.45 3.83 -3.08
C GLN A 65 -0.73 2.86 -2.99
N LEU A 66 -1.33 2.82 -1.81
CA LEU A 66 -2.46 1.94 -1.58
C LEU A 66 -3.71 2.55 -2.22
N LEU A 67 -4.21 1.87 -3.24
CA LEU A 67 -5.40 2.33 -3.94
C LEU A 67 -6.64 1.87 -3.19
N GLU A 68 -6.69 0.57 -2.94
CA GLU A 68 -7.83 -0.02 -2.24
C GLU A 68 -7.34 -1.15 -1.33
N PHE A 69 -8.00 -1.25 -0.18
CA PHE A 69 -7.66 -2.28 0.79
C PHE A 69 -8.83 -3.24 1.00
N ASN A 70 -8.84 -4.31 0.21
CA ASN A 70 -9.89 -5.30 0.29
C ASN A 70 -11.19 -4.70 -0.22
N GLY A 71 -11.09 -3.52 -0.78
CA GLY A 71 -12.24 -2.83 -1.32
C GLY A 71 -12.26 -1.36 -0.88
N ILE A 72 -11.95 -1.14 0.38
CA ILE A 72 -11.93 0.20 0.93
C ILE A 72 -11.04 1.09 0.05
N ASN A 73 -11.63 2.17 -0.43
CA ASN A 73 -10.90 3.10 -1.27
C ASN A 73 -9.92 3.90 -0.43
N LEU A 74 -8.64 3.70 -0.70
CA LEU A 74 -7.59 4.38 0.04
C LEU A 74 -7.47 5.82 -0.49
N ARG A 75 -7.82 5.98 -1.76
CA ARG A 75 -7.76 7.28 -2.39
C ARG A 75 -8.57 8.30 -1.60
N SER A 76 -9.66 7.82 -1.01
CA SER A 76 -10.53 8.67 -0.22
C SER A 76 -10.23 8.49 1.27
N ALA A 77 -9.46 7.45 1.56
CA ALA A 77 -9.11 7.14 2.93
C ALA A 77 -8.04 8.14 3.41
N THR A 78 -7.94 8.26 4.73
CA THR A 78 -6.98 9.18 5.31
C THR A 78 -5.83 8.40 5.96
N GLU A 79 -4.99 9.13 6.68
CA GLU A 79 -3.86 8.52 7.36
C GLU A 79 -4.32 7.77 8.60
N GLN A 80 -5.32 8.34 9.25
CA GLN A 80 -5.86 7.73 10.46
C GLN A 80 -6.74 6.53 10.10
N GLN A 81 -7.57 6.73 9.09
CA GLN A 81 -8.46 5.66 8.64
C GLN A 81 -7.66 4.51 8.05
N ALA A 82 -6.67 4.87 7.23
CA ALA A 82 -5.83 3.87 6.59
C ALA A 82 -5.14 3.04 7.66
N ARG A 83 -4.75 3.72 8.74
CA ARG A 83 -4.07 3.05 9.84
C ARG A 83 -5.05 2.12 10.58
N LEU A 84 -6.32 2.31 10.28
CA LEU A 84 -7.36 1.50 10.91
C LEU A 84 -7.81 0.42 9.93
N ILE A 85 -8.21 0.86 8.74
CA ILE A 85 -8.66 -0.06 7.72
C ILE A 85 -7.70 -1.25 7.64
N ILE A 86 -6.42 -0.92 7.58
CA ILE A 86 -5.39 -1.95 7.50
C ILE A 86 -5.30 -2.67 8.84
N GLY A 87 -5.61 -1.94 9.89
CA GLY A 87 -5.57 -2.50 11.23
C GLY A 87 -6.92 -3.14 11.61
N GLN A 88 -7.58 -3.68 10.59
CA GLN A 88 -8.87 -4.32 10.80
C GLN A 88 -8.69 -5.82 11.03
N GLN A 89 -9.82 -6.51 11.11
CA GLN A 89 -9.80 -7.95 11.33
C GLN A 89 -10.29 -8.68 10.08
N CYS A 90 -9.51 -9.67 9.66
CA CYS A 90 -9.85 -10.45 8.48
C CYS A 90 -8.75 -11.48 8.25
N ASP A 91 -9.10 -12.73 8.51
CA ASP A 91 -8.14 -13.82 8.34
C ASP A 91 -7.34 -13.60 7.05
N THR A 92 -8.07 -13.31 5.98
CA THR A 92 -7.44 -13.08 4.69
C THR A 92 -7.99 -11.79 4.07
N ILE A 93 -7.07 -10.90 3.73
CA ILE A 93 -7.42 -9.63 3.12
C ILE A 93 -6.49 -9.35 1.95
N THR A 94 -7.02 -8.61 0.98
CA THR A 94 -6.26 -8.26 -0.20
C THR A 94 -5.90 -6.78 -0.18
N ILE A 95 -4.96 -6.42 -1.04
CA ILE A 95 -4.52 -5.04 -1.14
C ILE A 95 -4.31 -4.67 -2.61
N LEU A 96 -4.71 -3.45 -2.95
CA LEU A 96 -4.58 -2.97 -4.31
C LEU A 96 -3.54 -1.85 -4.35
N ALA A 97 -2.34 -2.22 -4.76
CA ALA A 97 -1.25 -1.25 -4.85
C ALA A 97 -1.08 -0.81 -6.31
N GLN A 98 -0.26 0.22 -6.48
CA GLN A 98 -0.01 0.74 -7.81
C GLN A 98 1.24 1.63 -7.80
N TYR A 99 2.39 0.97 -7.79
CA TYR A 99 3.66 1.68 -7.79
C TYR A 99 3.62 2.90 -8.71
N ASN A 100 4.12 4.02 -8.20
CA ASN A 100 4.14 5.24 -8.97
C ASN A 100 5.56 5.80 -8.99
N PRO A 101 6.16 5.81 -10.22
CA PRO A 101 7.52 6.31 -10.39
C PRO A 101 7.54 7.84 -10.32
N HIS A 102 7.01 8.36 -9.22
CA HIS A 102 6.97 9.80 -9.03
C HIS A 102 6.64 10.11 -7.57
N VAL A 103 7.51 9.65 -6.69
CA VAL A 103 7.32 9.87 -5.26
C VAL A 103 8.69 9.93 -4.57
N HIS A 104 8.87 10.98 -3.79
CA HIS A 104 10.12 11.16 -3.07
C HIS A 104 10.02 12.38 -2.15
N GLN A 105 9.41 12.15 -1.00
CA GLN A 105 9.23 13.23 -0.02
C GLN A 105 9.95 12.88 1.28
N LEU A 106 9.94 13.84 2.19
CA LEU A 106 10.58 13.65 3.48
C LEU A 106 12.07 13.34 3.26
N SER A 107 12.82 13.38 4.36
CA SER A 107 14.25 13.10 4.30
C SER A 107 14.66 12.28 5.52
N SER A 108 14.48 12.87 6.69
CA SER A 108 14.83 12.21 7.93
C SER A 108 14.38 13.05 9.12
N HIS A 109 14.30 12.40 10.27
CA HIS A 109 13.88 13.07 11.49
C HIS A 109 13.87 12.08 12.65
N SER A 110 15.02 12.00 13.32
CA SER A 110 15.15 11.09 14.45
C SER A 110 16.15 11.67 15.46
N ARG A 111 16.07 11.15 16.68
CA ARG A 111 16.95 11.60 17.74
C ARG A 111 16.99 10.58 18.88
N SER A 112 18.10 9.84 18.92
CA SER A 112 18.28 8.82 19.94
C SER A 112 18.77 9.47 21.24
N GLY A 113 18.64 8.70 22.32
CA GLY A 113 19.07 9.19 23.63
C GLY A 113 20.06 8.22 24.27
N PRO A 114 21.36 8.45 23.97
CA PRO A 114 22.42 7.62 24.52
C PRO A 114 22.67 7.94 25.99
N SER A 115 22.21 7.03 26.84
CA SER A 115 22.37 7.19 28.28
C SER A 115 23.86 7.32 28.62
N SER A 116 24.11 7.97 29.75
CA SER A 116 25.48 8.17 30.20
C SER A 116 26.13 6.82 30.50
N GLY A 117 27.46 6.81 30.51
CA GLY A 117 28.21 5.60 30.78
C GLY A 117 27.89 4.51 29.75
N GLY A 1 3.85 13.53 -39.28
CA GLY A 1 3.49 12.95 -38.00
C GLY A 1 3.04 11.49 -38.16
N SER A 2 2.69 10.88 -37.04
CA SER A 2 2.24 9.50 -37.05
C SER A 2 1.56 9.16 -35.72
N SER A 3 0.71 8.15 -35.77
CA SER A 3 0.00 7.72 -34.58
C SER A 3 -0.29 6.22 -34.66
N GLY A 4 -0.69 5.66 -33.52
CA GLY A 4 -1.00 4.24 -33.45
C GLY A 4 -2.50 4.02 -33.26
N SER A 5 -2.88 2.75 -33.24
CA SER A 5 -4.28 2.39 -33.08
C SER A 5 -4.40 0.94 -32.61
N SER A 6 -5.51 0.65 -31.93
CA SER A 6 -5.74 -0.69 -31.43
C SER A 6 -7.15 -0.78 -30.84
N GLY A 7 -7.56 -2.00 -30.55
CA GLY A 7 -8.88 -2.24 -29.98
C GLY A 7 -8.88 -3.51 -29.12
N GLY A 8 -10.08 -4.04 -28.92
CA GLY A 8 -10.24 -5.25 -28.13
C GLY A 8 -9.16 -6.27 -28.47
N GLU A 9 -8.22 -6.42 -27.55
CA GLU A 9 -7.13 -7.36 -27.74
C GLU A 9 -6.39 -7.60 -26.42
N ARG A 10 -6.05 -8.85 -26.18
CA ARG A 10 -5.34 -9.22 -24.97
C ARG A 10 -4.21 -8.24 -24.70
N ARG A 11 -4.41 -7.42 -23.66
CA ARG A 11 -3.40 -6.43 -23.29
C ARG A 11 -2.10 -7.12 -22.87
N LYS A 12 -1.04 -6.33 -22.82
CA LYS A 12 0.26 -6.85 -22.45
C LYS A 12 1.22 -5.68 -22.20
N ASP A 13 2.22 -5.95 -21.37
CA ASP A 13 3.20 -4.92 -21.04
C ASP A 13 2.50 -3.73 -20.38
N ARG A 14 3.30 -2.91 -19.73
CA ARG A 14 2.78 -1.73 -19.06
C ARG A 14 2.57 -0.60 -20.06
N PRO A 15 1.47 0.18 -19.83
CA PRO A 15 1.15 1.30 -20.70
C PRO A 15 2.09 2.49 -20.44
N TYR A 16 2.43 2.65 -19.18
CA TYR A 16 3.32 3.74 -18.79
C TYR A 16 3.87 3.52 -17.39
N VAL A 17 2.96 3.22 -16.47
CA VAL A 17 3.34 2.97 -15.08
C VAL A 17 3.13 1.50 -14.75
N GLU A 18 3.44 1.15 -13.51
CA GLU A 18 3.30 -0.21 -13.06
C GLU A 18 1.82 -0.50 -12.72
N GLU A 19 1.17 -1.18 -13.65
CA GLU A 19 -0.23 -1.52 -13.48
C GLU A 19 -0.51 -1.91 -12.03
N PRO A 20 -1.80 -1.78 -11.63
CA PRO A 20 -2.21 -2.11 -10.28
C PRO A 20 -2.26 -3.63 -10.07
N ARG A 21 -1.77 -4.06 -8.91
CA ARG A 21 -1.74 -5.47 -8.58
C ARG A 21 -2.70 -5.76 -7.42
N HIS A 22 -2.91 -7.05 -7.18
CA HIS A 22 -3.80 -7.46 -6.11
C HIS A 22 -3.04 -8.41 -5.17
N VAL A 23 -2.29 -7.81 -4.26
CA VAL A 23 -1.51 -8.58 -3.30
C VAL A 23 -2.44 -9.08 -2.19
N LYS A 24 -2.35 -10.38 -1.91
CA LYS A 24 -3.17 -10.98 -0.88
C LYS A 24 -2.40 -10.98 0.45
N VAL A 25 -3.15 -11.09 1.53
CA VAL A 25 -2.55 -11.10 2.85
C VAL A 25 -3.17 -12.24 3.67
N GLN A 26 -2.30 -12.98 4.34
CA GLN A 26 -2.73 -14.10 5.15
C GLN A 26 -2.57 -13.77 6.64
N LYS A 27 -3.37 -12.82 7.10
CA LYS A 27 -3.33 -12.40 8.49
C LYS A 27 -3.50 -13.62 9.39
N GLY A 28 -4.75 -14.03 9.55
CA GLY A 28 -5.06 -15.17 10.39
C GLY A 28 -5.31 -14.75 11.84
N SER A 29 -4.23 -14.31 12.48
CA SER A 29 -4.31 -13.89 13.86
C SER A 29 -3.07 -13.09 14.24
N GLU A 30 -2.62 -12.27 13.29
CA GLU A 30 -1.44 -11.45 13.51
C GLU A 30 -1.66 -10.05 12.95
N PRO A 31 -0.79 -9.10 13.42
CA PRO A 31 -0.89 -7.72 12.99
C PRO A 31 -0.34 -7.57 11.56
N LEU A 32 -0.52 -6.36 11.02
CA LEU A 32 -0.04 -6.07 9.68
C LEU A 32 1.41 -5.57 9.75
N GLY A 33 1.59 -4.54 10.57
CA GLY A 33 2.92 -3.96 10.73
C GLY A 33 3.35 -3.18 9.48
N ILE A 34 2.57 -2.15 9.18
CA ILE A 34 2.85 -1.32 8.02
C ILE A 34 2.56 0.14 8.36
N SER A 35 3.37 1.03 7.78
CA SER A 35 3.21 2.45 8.02
C SER A 35 2.64 3.12 6.77
N ILE A 36 1.77 4.09 7.00
CA ILE A 36 1.15 4.81 5.90
C ILE A 36 1.20 6.32 6.21
N VAL A 37 1.13 7.10 5.15
CA VAL A 37 1.15 8.56 5.28
C VAL A 37 0.18 9.18 4.29
N SER A 38 -0.27 10.38 4.62
CA SER A 38 -1.21 11.10 3.77
C SER A 38 -0.50 12.27 3.09
N GLY A 39 -0.93 12.55 1.87
CA GLY A 39 -0.37 13.65 1.11
C GLY A 39 -1.29 14.87 1.12
N GLU A 40 -0.69 16.03 0.87
CA GLU A 40 -1.44 17.27 0.86
C GLU A 40 -2.81 17.05 0.18
N LYS A 41 -2.74 16.62 -1.07
CA LYS A 41 -3.96 16.37 -1.83
C LYS A 41 -4.74 15.23 -1.19
N GLY A 42 -4.02 14.17 -0.85
CA GLY A 42 -4.63 13.02 -0.22
C GLY A 42 -3.82 11.75 -0.50
N GLY A 43 -4.54 10.70 -0.85
CA GLY A 43 -3.91 9.42 -1.15
C GLY A 43 -3.09 8.93 0.05
N ILE A 44 -2.85 7.63 0.06
CA ILE A 44 -2.08 7.02 1.14
C ILE A 44 -0.85 6.34 0.55
N TYR A 45 0.29 6.60 1.18
CA TYR A 45 1.55 6.01 0.74
C TYR A 45 2.23 5.26 1.88
N VAL A 46 2.78 4.11 1.54
CA VAL A 46 3.47 3.28 2.51
C VAL A 46 4.74 4.00 2.98
N SER A 47 4.83 4.18 4.29
CA SER A 47 5.98 4.84 4.87
C SER A 47 7.01 3.80 5.32
N LYS A 48 6.53 2.60 5.58
CA LYS A 48 7.39 1.52 6.02
C LYS A 48 6.57 0.24 6.16
N VAL A 49 7.27 -0.86 6.41
CA VAL A 49 6.62 -2.15 6.57
C VAL A 49 7.50 -3.04 7.44
N THR A 50 6.92 -3.48 8.55
CA THR A 50 7.64 -4.35 9.47
C THR A 50 8.10 -5.62 8.76
N VAL A 51 9.22 -6.16 9.22
CA VAL A 51 9.76 -7.37 8.65
C VAL A 51 9.26 -8.58 9.43
N GLY A 52 8.84 -9.60 8.69
CA GLY A 52 8.34 -10.81 9.30
C GLY A 52 6.83 -10.71 9.54
N SER A 53 6.38 -9.49 9.81
CA SER A 53 4.97 -9.25 10.06
C SER A 53 4.14 -9.66 8.84
N ILE A 54 2.84 -9.81 9.07
CA ILE A 54 1.94 -10.19 8.00
C ILE A 54 2.34 -9.46 6.71
N ALA A 55 2.35 -8.14 6.80
CA ALA A 55 2.70 -7.32 5.66
C ALA A 55 3.85 -7.98 4.89
N HIS A 56 5.01 -8.00 5.53
CA HIS A 56 6.18 -8.60 4.93
C HIS A 56 5.78 -9.87 4.17
N GLN A 57 5.21 -10.80 4.92
CA GLN A 57 4.77 -12.06 4.35
C GLN A 57 3.99 -11.81 3.05
N ALA A 58 3.10 -10.83 3.11
CA ALA A 58 2.29 -10.48 1.95
C ALA A 58 3.21 -10.02 0.82
N GLY A 59 4.20 -9.23 1.18
CA GLY A 59 5.16 -8.72 0.22
C GLY A 59 4.86 -7.25 -0.10
N LEU A 60 4.61 -6.49 0.95
CA LEU A 60 4.32 -5.07 0.79
C LEU A 60 5.65 -4.29 0.71
N GLU A 61 5.55 -3.11 0.13
CA GLU A 61 6.73 -2.26 -0.02
C GLU A 61 6.33 -0.78 0.10
N TYR A 62 7.34 0.05 0.25
CA TYR A 62 7.12 1.49 0.37
C TYR A 62 6.91 2.13 -0.99
N GLY A 63 6.18 3.25 -0.98
CA GLY A 63 5.91 3.97 -2.21
C GLY A 63 4.74 3.33 -2.96
N ASP A 64 4.29 2.20 -2.44
CA ASP A 64 3.19 1.48 -3.05
C ASP A 64 1.87 2.13 -2.64
N GLN A 65 1.41 3.03 -3.50
CA GLN A 65 0.16 3.73 -3.25
C GLN A 65 -1.00 2.73 -3.13
N LEU A 66 -1.65 2.76 -1.97
CA LEU A 66 -2.77 1.86 -1.73
C LEU A 66 -4.02 2.41 -2.43
N LEU A 67 -4.34 1.81 -3.56
CA LEU A 67 -5.49 2.21 -4.33
C LEU A 67 -6.76 1.71 -3.64
N GLU A 68 -6.74 0.44 -3.27
CA GLU A 68 -7.87 -0.16 -2.59
C GLU A 68 -7.40 -1.25 -1.64
N PHE A 69 -8.13 -1.38 -0.54
CA PHE A 69 -7.80 -2.37 0.47
C PHE A 69 -9.01 -3.25 0.80
N ASN A 70 -8.96 -4.49 0.34
CA ASN A 70 -10.04 -5.43 0.58
C ASN A 70 -11.30 -4.92 -0.10
N GLY A 71 -11.12 -3.93 -0.97
CA GLY A 71 -12.23 -3.35 -1.69
C GLY A 71 -12.68 -2.03 -1.04
N ILE A 72 -11.71 -1.31 -0.51
CA ILE A 72 -11.98 -0.04 0.14
C ILE A 72 -11.30 1.09 -0.65
N ASN A 73 -12.13 2.00 -1.14
CA ASN A 73 -11.62 3.12 -1.91
C ASN A 73 -10.66 3.93 -1.04
N LEU A 74 -9.41 3.52 -1.06
CA LEU A 74 -8.38 4.19 -0.29
C LEU A 74 -8.27 5.64 -0.75
N ARG A 75 -8.21 5.80 -2.06
CA ARG A 75 -8.09 7.14 -2.65
C ARG A 75 -8.95 8.13 -1.87
N SER A 76 -8.26 9.10 -1.27
CA SER A 76 -8.94 10.12 -0.49
C SER A 76 -9.15 9.63 0.94
N ALA A 77 -8.26 8.74 1.37
CA ALA A 77 -8.33 8.19 2.71
C ALA A 77 -7.31 8.89 3.60
N THR A 78 -7.76 9.21 4.81
CA THR A 78 -6.89 9.88 5.77
C THR A 78 -5.99 8.86 6.49
N GLU A 79 -4.76 9.27 6.72
CA GLU A 79 -3.80 8.41 7.40
C GLU A 79 -4.48 7.67 8.55
N GLN A 80 -5.40 8.37 9.19
CA GLN A 80 -6.13 7.79 10.32
C GLN A 80 -7.03 6.65 9.84
N GLN A 81 -7.75 6.93 8.76
CA GLN A 81 -8.66 5.94 8.18
C GLN A 81 -7.87 4.68 7.78
N ALA A 82 -6.86 4.89 6.97
CA ALA A 82 -6.03 3.79 6.51
C ALA A 82 -5.60 2.94 7.70
N ARG A 83 -4.81 3.56 8.57
CA ARG A 83 -4.33 2.87 9.76
C ARG A 83 -5.42 1.97 10.33
N LEU A 84 -6.66 2.41 10.14
CA LEU A 84 -7.80 1.65 10.64
C LEU A 84 -8.20 0.61 9.60
N ILE A 85 -8.47 1.07 8.39
CA ILE A 85 -8.86 0.19 7.32
C ILE A 85 -7.84 -0.94 7.18
N ILE A 86 -6.57 -0.55 7.13
CA ILE A 86 -5.49 -1.52 7.01
C ILE A 86 -5.34 -2.27 8.33
N GLY A 87 -5.45 -1.52 9.42
CA GLY A 87 -5.34 -2.11 10.75
C GLY A 87 -6.67 -2.67 11.22
N GLN A 88 -7.33 -3.39 10.31
CA GLN A 88 -8.62 -4.00 10.62
C GLN A 88 -8.45 -5.50 10.86
N GLN A 89 -9.58 -6.17 11.01
CA GLN A 89 -9.58 -7.59 11.26
C GLN A 89 -10.03 -8.34 10.01
N CYS A 90 -9.46 -9.53 9.83
CA CYS A 90 -9.80 -10.35 8.67
C CYS A 90 -8.68 -11.38 8.48
N ASP A 91 -9.04 -12.64 8.70
CA ASP A 91 -8.07 -13.72 8.56
C ASP A 91 -7.28 -13.52 7.27
N THR A 92 -8.01 -13.27 6.19
CA THR A 92 -7.39 -13.06 4.90
C THR A 92 -7.95 -11.79 4.24
N ILE A 93 -7.04 -10.91 3.86
CA ILE A 93 -7.43 -9.67 3.22
C ILE A 93 -6.50 -9.40 2.03
N THR A 94 -7.05 -8.75 1.02
CA THR A 94 -6.29 -8.42 -0.18
C THR A 94 -5.99 -6.92 -0.22
N ILE A 95 -5.05 -6.57 -1.10
CA ILE A 95 -4.66 -5.18 -1.25
C ILE A 95 -4.49 -4.87 -2.73
N LEU A 96 -4.78 -3.62 -3.09
CA LEU A 96 -4.66 -3.19 -4.46
C LEU A 96 -3.67 -2.02 -4.54
N ALA A 97 -2.41 -2.37 -4.76
CA ALA A 97 -1.36 -1.37 -4.85
C ALA A 97 -1.08 -1.06 -6.33
N GLN A 98 -0.17 -0.12 -6.55
CA GLN A 98 0.20 0.27 -7.90
C GLN A 98 1.39 1.23 -7.87
N TYR A 99 2.57 0.65 -7.66
CA TYR A 99 3.79 1.44 -7.60
C TYR A 99 3.75 2.57 -8.62
N ASN A 100 4.27 3.72 -8.20
CA ASN A 100 4.29 4.89 -9.06
C ASN A 100 5.66 5.57 -8.94
N PRO A 101 6.37 5.65 -10.10
CA PRO A 101 7.68 6.27 -10.13
C PRO A 101 7.57 7.79 -10.05
N HIS A 102 6.88 8.26 -9.02
CA HIS A 102 6.70 9.68 -8.82
C HIS A 102 6.40 9.95 -7.35
N VAL A 103 7.27 9.44 -6.49
CA VAL A 103 7.11 9.62 -5.06
C VAL A 103 8.40 9.20 -4.35
N HIS A 104 9.05 10.19 -3.74
CA HIS A 104 10.29 9.93 -3.02
C HIS A 104 10.65 11.14 -2.15
N GLN A 105 10.85 12.27 -2.83
CA GLN A 105 11.19 13.50 -2.13
C GLN A 105 10.21 13.74 -0.98
N LEU A 106 10.46 14.83 -0.25
CA LEU A 106 9.62 15.19 0.88
C LEU A 106 9.76 14.13 1.97
N SER A 107 9.29 14.49 3.15
CA SER A 107 9.36 13.59 4.29
C SER A 107 10.83 13.28 4.62
N SER A 108 11.37 12.30 3.91
CA SER A 108 12.76 11.91 4.11
C SER A 108 12.85 10.90 5.25
N HIS A 109 13.90 10.12 5.24
CA HIS A 109 14.13 9.11 6.26
C HIS A 109 15.38 9.46 7.07
N SER A 110 15.18 9.61 8.37
CA SER A 110 16.28 9.95 9.25
C SER A 110 17.49 9.05 8.95
N ARG A 111 18.41 9.60 8.19
CA ARG A 111 19.61 8.87 7.82
C ARG A 111 20.79 9.30 8.70
N SER A 112 21.38 8.32 9.36
CA SER A 112 22.52 8.58 10.23
C SER A 112 23.78 8.78 9.40
N GLY A 113 24.73 9.52 9.98
CA GLY A 113 25.98 9.80 9.30
C GLY A 113 26.98 8.66 9.52
N PRO A 114 27.61 8.66 10.72
CA PRO A 114 28.58 7.64 11.06
C PRO A 114 27.89 6.31 11.38
N SER A 115 27.61 5.56 10.32
CA SER A 115 26.95 4.27 10.48
C SER A 115 28.00 3.16 10.64
N SER A 116 29.26 3.58 10.66
CA SER A 116 30.36 2.65 10.81
C SER A 116 31.50 3.31 11.59
N GLY A 117 32.23 2.47 12.32
CA GLY A 117 33.35 2.96 13.12
C GLY A 117 32.87 3.72 14.34
N GLY A 1 -15.42 16.33 -18.23
CA GLY A 1 -16.24 15.37 -17.51
C GLY A 1 -15.85 13.94 -17.85
N SER A 2 -16.54 13.39 -18.83
CA SER A 2 -16.28 12.02 -19.26
C SER A 2 -14.94 11.96 -20.00
N SER A 3 -14.44 10.74 -20.15
CA SER A 3 -13.17 10.53 -20.84
C SER A 3 -13.28 9.32 -21.77
N GLY A 4 -13.60 8.18 -21.17
CA GLY A 4 -13.74 6.95 -21.94
C GLY A 4 -14.35 5.84 -21.08
N SER A 5 -15.39 5.22 -21.63
CA SER A 5 -16.08 4.15 -20.94
C SER A 5 -16.33 2.98 -21.90
N SER A 6 -17.05 3.29 -22.96
CA SER A 6 -17.38 2.29 -23.96
C SER A 6 -17.20 2.86 -25.36
N GLY A 7 -16.04 2.59 -25.95
CA GLY A 7 -15.73 3.08 -27.29
C GLY A 7 -15.70 1.92 -28.29
N GLY A 8 -14.64 1.14 -28.21
CA GLY A 8 -14.48 0.00 -29.10
C GLY A 8 -13.01 -0.46 -29.14
N GLU A 9 -12.27 0.12 -30.08
CA GLU A 9 -10.87 -0.21 -30.22
C GLU A 9 -9.98 0.87 -29.59
N ARG A 10 -8.85 0.44 -29.09
CA ARG A 10 -7.91 1.35 -28.45
C ARG A 10 -6.47 1.00 -28.86
N ARG A 11 -5.66 2.05 -28.95
CA ARG A 11 -4.27 1.87 -29.32
C ARG A 11 -3.36 2.14 -28.12
N LYS A 12 -3.15 1.10 -27.32
CA LYS A 12 -2.31 1.20 -26.15
C LYS A 12 -1.05 2.00 -26.50
N ASP A 13 -0.69 2.91 -25.60
CA ASP A 13 0.48 3.74 -25.80
C ASP A 13 1.04 4.16 -24.44
N ARG A 14 2.33 3.87 -24.24
CA ARG A 14 2.99 4.22 -23.00
C ARG A 14 2.34 3.47 -21.83
N PRO A 15 3.21 2.93 -20.94
CA PRO A 15 2.74 2.20 -19.77
C PRO A 15 2.18 3.15 -18.71
N TYR A 16 2.60 4.41 -18.81
CA TYR A 16 2.16 5.42 -17.87
C TYR A 16 2.73 5.17 -16.48
N VAL A 17 2.39 4.01 -15.93
CA VAL A 17 2.86 3.64 -14.61
C VAL A 17 2.59 2.15 -14.36
N GLU A 18 3.42 1.55 -13.53
CA GLU A 18 3.28 0.14 -13.21
C GLU A 18 1.82 -0.18 -12.86
N GLU A 19 1.16 -0.87 -13.77
CA GLU A 19 -0.22 -1.25 -13.57
C GLU A 19 -0.45 -1.69 -12.12
N PRO A 20 -1.75 -1.64 -11.70
CA PRO A 20 -2.11 -2.03 -10.34
C PRO A 20 -2.08 -3.55 -10.18
N ARG A 21 -1.75 -3.98 -8.98
CA ARG A 21 -1.68 -5.40 -8.68
C ARG A 21 -2.54 -5.72 -7.46
N HIS A 22 -2.82 -7.01 -7.29
CA HIS A 22 -3.62 -7.47 -6.17
C HIS A 22 -2.80 -8.40 -5.29
N VAL A 23 -2.35 -7.86 -4.17
CA VAL A 23 -1.54 -8.63 -3.23
C VAL A 23 -2.43 -9.12 -2.09
N LYS A 24 -2.49 -10.43 -1.95
CA LYS A 24 -3.30 -11.04 -0.90
C LYS A 24 -2.53 -11.00 0.42
N VAL A 25 -3.27 -11.06 1.50
CA VAL A 25 -2.67 -11.04 2.83
C VAL A 25 -3.32 -12.11 3.70
N GLN A 26 -2.49 -12.82 4.45
CA GLN A 26 -2.97 -13.87 5.33
C GLN A 26 -2.78 -13.47 6.79
N LYS A 27 -3.60 -12.53 7.23
CA LYS A 27 -3.53 -12.04 8.60
C LYS A 27 -3.77 -13.22 9.56
N GLY A 28 -5.04 -13.51 9.77
CA GLY A 28 -5.41 -14.60 10.67
C GLY A 28 -5.78 -14.07 12.06
N SER A 29 -4.81 -13.43 12.69
CA SER A 29 -5.02 -12.87 14.02
C SER A 29 -3.83 -12.00 14.42
N GLU A 30 -3.27 -11.34 13.41
CA GLU A 30 -2.13 -10.47 13.64
C GLU A 30 -2.27 -9.18 12.83
N PRO A 31 -1.53 -8.13 13.29
CA PRO A 31 -1.56 -6.84 12.62
C PRO A 31 -0.77 -6.89 11.31
N LEU A 32 -1.00 -5.87 10.48
CA LEU A 32 -0.32 -5.78 9.21
C LEU A 32 1.18 -5.54 9.44
N GLY A 33 1.46 -4.43 10.11
CA GLY A 33 2.83 -4.07 10.41
C GLY A 33 3.45 -3.24 9.27
N ILE A 34 2.80 -2.14 8.96
CA ILE A 34 3.26 -1.27 7.90
C ILE A 34 2.83 0.17 8.20
N SER A 35 3.69 1.10 7.80
CA SER A 35 3.41 2.51 8.02
C SER A 35 2.91 3.15 6.72
N ILE A 36 2.00 4.10 6.88
CA ILE A 36 1.42 4.79 5.74
C ILE A 36 1.34 6.29 6.05
N VAL A 37 1.36 7.08 4.98
CA VAL A 37 1.29 8.52 5.12
C VAL A 37 0.29 9.08 4.12
N SER A 38 -0.30 10.21 4.49
CA SER A 38 -1.29 10.85 3.63
C SER A 38 -0.65 12.04 2.90
N GLY A 39 -1.12 12.26 1.69
CA GLY A 39 -0.61 13.37 0.88
C GLY A 39 -1.65 14.48 0.72
N GLU A 40 -1.20 15.60 0.21
CA GLU A 40 -2.09 16.74 0.00
C GLU A 40 -3.12 16.41 -1.07
N LYS A 41 -4.03 15.52 -0.72
CA LYS A 41 -5.08 15.13 -1.65
C LYS A 41 -6.00 14.12 -0.96
N GLY A 42 -5.40 13.25 -0.17
CA GLY A 42 -6.15 12.22 0.55
C GLY A 42 -5.60 10.83 0.25
N GLY A 43 -4.57 10.80 -0.58
CA GLY A 43 -3.94 9.54 -0.95
C GLY A 43 -3.20 8.93 0.24
N ILE A 44 -2.69 7.72 0.03
CA ILE A 44 -1.95 7.03 1.08
C ILE A 44 -0.72 6.36 0.46
N TYR A 45 0.40 6.51 1.16
CA TYR A 45 1.65 5.93 0.70
C TYR A 45 2.42 5.30 1.87
N VAL A 46 2.90 4.09 1.62
CA VAL A 46 3.65 3.36 2.64
C VAL A 46 4.85 4.22 3.07
N SER A 47 5.04 4.27 4.38
CA SER A 47 6.14 5.04 4.95
C SER A 47 7.21 4.10 5.48
N LYS A 48 6.80 2.86 5.73
CA LYS A 48 7.72 1.86 6.25
C LYS A 48 6.99 0.52 6.37
N VAL A 49 7.78 -0.54 6.48
CA VAL A 49 7.22 -1.88 6.60
C VAL A 49 7.82 -2.57 7.83
N THR A 50 7.14 -3.61 8.28
CA THR A 50 7.60 -4.36 9.44
C THR A 50 8.14 -5.72 9.01
N VAL A 51 9.30 -6.05 9.54
CA VAL A 51 9.95 -7.32 9.22
C VAL A 51 9.23 -8.45 9.95
N GLY A 52 9.00 -9.53 9.23
CA GLY A 52 8.32 -10.69 9.81
C GLY A 52 6.87 -10.35 10.16
N SER A 53 6.35 -9.35 9.46
CA SER A 53 4.97 -8.92 9.69
C SER A 53 4.09 -9.38 8.53
N ILE A 54 2.80 -9.50 8.83
CA ILE A 54 1.84 -9.94 7.83
C ILE A 54 2.17 -9.25 6.50
N ALA A 55 2.00 -7.94 6.48
CA ALA A 55 2.28 -7.16 5.29
C ALA A 55 3.54 -7.71 4.60
N HIS A 56 4.62 -7.73 5.36
CA HIS A 56 5.89 -8.23 4.84
C HIS A 56 5.67 -9.57 4.15
N GLN A 57 4.87 -10.41 4.79
CA GLN A 57 4.57 -11.73 4.24
C GLN A 57 3.85 -11.59 2.90
N ALA A 58 2.91 -10.64 2.86
CA ALA A 58 2.15 -10.41 1.65
C ALA A 58 3.10 -10.01 0.52
N GLY A 59 4.18 -9.34 0.90
CA GLY A 59 5.17 -8.91 -0.07
C GLY A 59 4.99 -7.42 -0.41
N LEU A 60 4.69 -6.64 0.62
CA LEU A 60 4.50 -5.22 0.44
C LEU A 60 5.85 -4.50 0.45
N GLU A 61 5.79 -3.18 0.36
CA GLU A 61 7.00 -2.38 0.36
C GLU A 61 6.65 -0.89 0.36
N TYR A 62 7.65 -0.08 0.65
CA TYR A 62 7.46 1.36 0.68
C TYR A 62 7.38 1.94 -0.73
N GLY A 63 6.66 3.04 -0.85
CA GLY A 63 6.49 3.70 -2.13
C GLY A 63 5.31 3.11 -2.91
N ASP A 64 4.84 1.96 -2.43
CA ASP A 64 3.73 1.28 -3.06
C ASP A 64 2.43 2.00 -2.70
N GLN A 65 1.92 2.77 -3.65
CA GLN A 65 0.69 3.52 -3.45
C GLN A 65 -0.49 2.56 -3.32
N LEU A 66 -1.28 2.78 -2.28
CA LEU A 66 -2.45 1.95 -2.03
C LEU A 66 -3.67 2.57 -2.71
N LEU A 67 -4.30 1.78 -3.57
CA LEU A 67 -5.48 2.24 -4.28
C LEU A 67 -6.73 1.86 -3.50
N GLU A 68 -6.87 0.57 -3.26
CA GLU A 68 -8.02 0.06 -2.52
C GLU A 68 -7.59 -1.09 -1.61
N PHE A 69 -8.23 -1.16 -0.45
CA PHE A 69 -7.92 -2.20 0.51
C PHE A 69 -9.13 -3.13 0.71
N ASN A 70 -9.01 -4.32 0.16
CA ASN A 70 -10.07 -5.31 0.26
C ASN A 70 -11.37 -4.72 -0.28
N GLY A 71 -11.21 -3.66 -1.07
CA GLY A 71 -12.36 -3.00 -1.66
C GLY A 71 -12.43 -1.53 -1.23
N ILE A 72 -12.04 -1.30 0.02
CA ILE A 72 -12.05 0.05 0.57
C ILE A 72 -11.36 1.00 -0.40
N ASN A 73 -11.81 2.25 -0.40
CA ASN A 73 -11.25 3.26 -1.27
C ASN A 73 -10.22 4.09 -0.49
N LEU A 74 -8.98 3.67 -0.57
CA LEU A 74 -7.90 4.36 0.12
C LEU A 74 -7.56 5.64 -0.65
N ARG A 75 -7.86 5.62 -1.94
CA ARG A 75 -7.59 6.77 -2.78
C ARG A 75 -8.13 8.05 -2.13
N SER A 76 -9.10 7.87 -1.25
CA SER A 76 -9.70 8.99 -0.55
C SER A 76 -9.82 8.68 0.94
N ALA A 77 -8.70 8.25 1.52
CA ALA A 77 -8.67 7.93 2.93
C ALA A 77 -7.46 8.60 3.58
N THR A 78 -7.61 8.92 4.86
CA THR A 78 -6.55 9.56 5.60
C THR A 78 -5.55 8.53 6.12
N GLU A 79 -4.54 9.03 6.82
CA GLU A 79 -3.52 8.16 7.37
C GLU A 79 -4.06 7.40 8.58
N GLN A 80 -4.88 8.10 9.37
CA GLN A 80 -5.46 7.50 10.55
C GLN A 80 -6.45 6.41 10.16
N GLN A 81 -7.28 6.72 9.17
CA GLN A 81 -8.27 5.77 8.70
C GLN A 81 -7.58 4.56 8.05
N ALA A 82 -6.54 4.85 7.28
CA ALA A 82 -5.79 3.81 6.60
C ALA A 82 -5.12 2.92 7.66
N ARG A 83 -4.60 3.56 8.68
CA ARG A 83 -3.92 2.84 9.75
C ARG A 83 -4.91 1.95 10.50
N LEU A 84 -6.19 2.16 10.20
CA LEU A 84 -7.25 1.39 10.84
C LEU A 84 -7.71 0.29 9.88
N ILE A 85 -8.08 0.71 8.67
CA ILE A 85 -8.54 -0.23 7.67
C ILE A 85 -7.54 -1.39 7.56
N ILE A 86 -6.27 -1.04 7.65
CA ILE A 86 -5.21 -2.03 7.56
C ILE A 86 -5.10 -2.78 8.90
N GLY A 87 -5.41 -2.04 9.97
CA GLY A 87 -5.35 -2.61 11.30
C GLY A 87 -6.68 -3.26 11.68
N GLN A 88 -7.42 -3.66 10.67
CA GLN A 88 -8.72 -4.28 10.89
C GLN A 88 -8.57 -5.81 10.98
N GLN A 89 -9.71 -6.47 11.04
CA GLN A 89 -9.72 -7.92 11.13
C GLN A 89 -10.13 -8.53 9.78
N CYS A 90 -9.55 -9.68 9.48
CA CYS A 90 -9.84 -10.38 8.24
C CYS A 90 -8.76 -11.42 8.00
N ASP A 91 -9.13 -12.67 8.25
CA ASP A 91 -8.20 -13.78 8.07
C ASP A 91 -7.42 -13.58 6.76
N THR A 92 -8.15 -13.18 5.73
CA THR A 92 -7.55 -12.94 4.43
C THR A 92 -8.08 -11.64 3.82
N ILE A 93 -7.16 -10.74 3.53
CA ILE A 93 -7.51 -9.46 2.94
C ILE A 93 -6.63 -9.20 1.72
N THR A 94 -7.23 -8.55 0.72
CA THR A 94 -6.51 -8.23 -0.49
C THR A 94 -6.18 -6.74 -0.54
N ILE A 95 -5.13 -6.41 -1.28
CA ILE A 95 -4.71 -5.03 -1.43
C ILE A 95 -4.47 -4.73 -2.90
N LEU A 96 -4.87 -3.53 -3.31
CA LEU A 96 -4.69 -3.11 -4.69
C LEU A 96 -3.64 -1.99 -4.74
N ALA A 97 -2.38 -2.41 -4.82
CA ALA A 97 -1.29 -1.47 -4.88
C ALA A 97 -1.02 -1.08 -6.33
N GLN A 98 -0.19 -0.07 -6.50
CA GLN A 98 0.14 0.41 -7.84
C GLN A 98 1.42 1.24 -7.80
N TYR A 99 2.55 0.53 -7.75
CA TYR A 99 3.84 1.19 -7.71
C TYR A 99 3.85 2.44 -8.59
N ASN A 100 4.24 3.56 -7.99
CA ASN A 100 4.30 4.82 -8.71
C ASN A 100 5.62 5.51 -8.39
N PRO A 101 6.45 5.67 -9.46
CA PRO A 101 7.75 6.32 -9.31
C PRO A 101 7.59 7.84 -9.17
N HIS A 102 6.78 8.22 -8.19
CA HIS A 102 6.53 9.63 -7.93
C HIS A 102 5.65 9.78 -6.70
N VAL A 103 6.04 9.08 -5.65
CA VAL A 103 5.29 9.13 -4.40
C VAL A 103 6.18 9.73 -3.30
N HIS A 104 6.70 10.92 -3.59
CA HIS A 104 7.55 11.62 -2.65
C HIS A 104 6.71 12.58 -1.81
N GLN A 105 7.40 13.31 -0.95
CA GLN A 105 6.73 14.28 -0.09
C GLN A 105 7.53 15.59 -0.04
N LEU A 106 6.81 16.67 0.25
CA LEU A 106 7.44 17.97 0.32
C LEU A 106 6.99 18.67 1.61
N SER A 107 7.86 19.53 2.12
CA SER A 107 7.57 20.27 3.34
C SER A 107 7.29 19.29 4.48
N SER A 108 8.22 19.23 5.42
CA SER A 108 8.09 18.34 6.56
C SER A 108 9.29 18.51 7.50
N HIS A 109 9.09 19.34 8.51
CA HIS A 109 10.15 19.59 9.48
C HIS A 109 9.74 19.03 10.84
N SER A 110 10.61 18.19 11.39
CA SER A 110 10.36 17.57 12.68
C SER A 110 11.51 17.88 13.64
N ARG A 111 12.71 17.56 13.20
CA ARG A 111 13.90 17.80 14.00
C ARG A 111 13.76 17.10 15.36
N SER A 112 14.33 15.91 15.45
CA SER A 112 14.28 15.15 16.68
C SER A 112 15.59 14.38 16.88
N GLY A 113 16.15 14.53 18.07
CA GLY A 113 17.40 13.87 18.39
C GLY A 113 18.32 14.78 19.20
N PRO A 114 18.48 14.43 20.51
CA PRO A 114 19.33 15.22 21.39
C PRO A 114 20.81 14.97 21.09
N SER A 115 21.66 15.61 21.89
CA SER A 115 23.10 15.46 21.73
C SER A 115 23.58 14.20 22.43
N SER A 116 22.62 13.44 22.94
CA SER A 116 22.92 12.21 23.64
C SER A 116 21.87 11.15 23.33
N GLY A 117 22.32 10.06 22.72
CA GLY A 117 21.42 8.98 22.37
C GLY A 117 21.57 8.59 20.90
N GLY A 1 -16.98 -7.80 5.83
CA GLY A 1 -16.65 -8.81 4.84
C GLY A 1 -16.98 -8.32 3.43
N SER A 2 -16.14 -8.72 2.49
CA SER A 2 -16.32 -8.34 1.09
C SER A 2 -15.22 -8.94 0.23
N SER A 3 -15.51 -9.06 -1.05
CA SER A 3 -14.56 -9.64 -1.99
C SER A 3 -15.02 -9.37 -3.43
N GLY A 4 -14.06 -9.04 -4.28
CA GLY A 4 -14.34 -8.77 -5.67
C GLY A 4 -13.34 -9.45 -6.58
N SER A 5 -12.16 -8.87 -6.67
CA SER A 5 -11.09 -9.41 -7.50
C SER A 5 -11.52 -9.39 -8.97
N SER A 6 -10.68 -8.79 -9.79
CA SER A 6 -10.95 -8.70 -11.22
C SER A 6 -9.99 -9.60 -12.00
N GLY A 7 -10.48 -10.10 -13.12
CA GLY A 7 -9.68 -10.97 -13.96
C GLY A 7 -10.27 -11.06 -15.37
N GLY A 8 -9.40 -10.88 -16.35
CA GLY A 8 -9.81 -10.93 -17.74
C GLY A 8 -8.76 -11.64 -18.60
N GLU A 9 -8.49 -11.05 -19.75
CA GLU A 9 -7.51 -11.63 -20.67
C GLU A 9 -6.10 -11.18 -20.28
N ARG A 10 -5.27 -12.17 -19.98
CA ARG A 10 -3.89 -11.90 -19.60
C ARG A 10 -3.12 -11.30 -20.78
N ARG A 11 -1.97 -10.74 -20.46
CA ARG A 11 -1.12 -10.14 -21.49
C ARG A 11 0.24 -9.74 -20.89
N LYS A 12 0.17 -9.15 -19.70
CA LYS A 12 1.38 -8.72 -19.02
C LYS A 12 2.07 -7.62 -19.84
N ASP A 13 1.58 -6.40 -19.65
CA ASP A 13 2.13 -5.26 -20.36
C ASP A 13 1.77 -3.97 -19.61
N ARG A 14 2.76 -3.10 -19.50
CA ARG A 14 2.56 -1.84 -18.80
C ARG A 14 2.34 -0.71 -19.81
N PRO A 15 1.23 0.05 -19.59
CA PRO A 15 0.89 1.14 -20.47
C PRO A 15 1.79 2.35 -20.22
N TYR A 16 2.28 2.44 -18.99
CA TYR A 16 3.15 3.53 -18.60
C TYR A 16 3.70 3.33 -17.18
N VAL A 17 2.78 3.06 -16.26
CA VAL A 17 3.15 2.83 -14.88
C VAL A 17 2.94 1.36 -14.53
N GLU A 18 3.17 1.05 -13.26
CA GLU A 18 3.01 -0.31 -12.78
C GLU A 18 1.53 -0.60 -12.51
N GLU A 19 0.91 -1.30 -13.45
CA GLU A 19 -0.49 -1.64 -13.33
C GLU A 19 -0.82 -2.01 -11.88
N PRO A 20 -2.13 -1.87 -11.54
CA PRO A 20 -2.59 -2.17 -10.20
C PRO A 20 -2.67 -3.69 -9.98
N ARG A 21 -1.97 -4.14 -8.94
CA ARG A 21 -1.95 -5.55 -8.61
C ARG A 21 -2.84 -5.83 -7.40
N HIS A 22 -3.02 -7.12 -7.12
CA HIS A 22 -3.85 -7.53 -6.01
C HIS A 22 -3.03 -8.43 -5.07
N VAL A 23 -2.30 -7.78 -4.18
CA VAL A 23 -1.48 -8.51 -3.22
C VAL A 23 -2.36 -9.03 -2.08
N LYS A 24 -2.36 -10.35 -1.94
CA LYS A 24 -3.16 -10.98 -0.90
C LYS A 24 -2.39 -10.93 0.42
N VAL A 25 -3.13 -11.10 1.51
CA VAL A 25 -2.54 -11.08 2.83
C VAL A 25 -3.09 -12.24 3.66
N GLN A 26 -2.19 -12.90 4.37
CA GLN A 26 -2.58 -14.03 5.20
C GLN A 26 -2.41 -13.68 6.68
N LYS A 27 -3.26 -12.78 7.14
CA LYS A 27 -3.22 -12.34 8.53
C LYS A 27 -3.36 -13.57 9.44
N GLY A 28 -4.61 -14.00 9.62
CA GLY A 28 -4.89 -15.15 10.46
C GLY A 28 -5.26 -14.71 11.88
N SER A 29 -4.26 -14.19 12.58
CA SER A 29 -4.46 -13.73 13.95
C SER A 29 -3.31 -12.82 14.37
N GLU A 30 -2.84 -12.04 13.41
CA GLU A 30 -1.75 -11.12 13.68
C GLU A 30 -2.00 -9.77 12.98
N PRO A 31 -1.26 -8.74 13.45
CA PRO A 31 -1.41 -7.41 12.88
C PRO A 31 -0.72 -7.33 11.50
N LEU A 32 -0.88 -6.17 10.88
CA LEU A 32 -0.29 -5.94 9.57
C LEU A 32 1.19 -5.59 9.73
N GLY A 33 1.44 -4.56 10.54
CA GLY A 33 2.79 -4.12 10.78
C GLY A 33 3.34 -3.33 9.60
N ILE A 34 2.76 -2.16 9.39
CA ILE A 34 3.18 -1.31 8.28
C ILE A 34 2.89 0.16 8.64
N SER A 35 3.55 1.05 7.92
CA SER A 35 3.38 2.48 8.16
C SER A 35 2.75 3.13 6.92
N ILE A 36 1.88 4.10 7.19
CA ILE A 36 1.22 4.82 6.11
C ILE A 36 1.27 6.32 6.39
N VAL A 37 1.31 7.08 5.31
CA VAL A 37 1.37 8.53 5.43
C VAL A 37 0.38 9.15 4.43
N SER A 38 -0.15 10.30 4.83
CA SER A 38 -1.10 11.01 3.98
C SER A 38 -0.41 12.16 3.26
N GLY A 39 -0.88 12.43 2.05
CA GLY A 39 -0.31 13.48 1.25
C GLY A 39 -1.35 14.58 0.96
N GLU A 40 -0.89 15.82 0.98
CA GLU A 40 -1.77 16.95 0.73
C GLU A 40 -2.65 16.67 -0.49
N LYS A 41 -1.99 16.35 -1.59
CA LYS A 41 -2.70 16.06 -2.82
C LYS A 41 -3.84 15.10 -2.54
N GLY A 42 -3.54 14.08 -1.76
CA GLY A 42 -4.53 13.08 -1.39
C GLY A 42 -4.00 11.67 -1.68
N GLY A 43 -4.45 10.73 -0.84
CA GLY A 43 -4.04 9.35 -0.99
C GLY A 43 -3.19 8.90 0.20
N ILE A 44 -2.88 7.61 0.22
CA ILE A 44 -2.07 7.05 1.29
C ILE A 44 -0.87 6.33 0.69
N TYR A 45 0.28 6.52 1.34
CA TYR A 45 1.51 5.90 0.89
C TYR A 45 2.20 5.14 2.02
N VAL A 46 2.76 4.00 1.67
CA VAL A 46 3.45 3.17 2.65
C VAL A 46 4.71 3.91 3.14
N SER A 47 4.80 4.06 4.45
CA SER A 47 5.93 4.74 5.05
C SER A 47 6.99 3.72 5.46
N LYS A 48 6.54 2.49 5.66
CA LYS A 48 7.43 1.42 6.05
C LYS A 48 6.64 0.11 6.14
N VAL A 49 7.37 -0.98 6.34
CA VAL A 49 6.76 -2.29 6.43
C VAL A 49 7.62 -3.19 7.33
N THR A 50 7.06 -3.53 8.49
CA THR A 50 7.76 -4.38 9.43
C THR A 50 8.19 -5.69 8.77
N VAL A 51 9.30 -6.23 9.25
CA VAL A 51 9.83 -7.47 8.72
C VAL A 51 9.30 -8.64 9.54
N GLY A 52 8.88 -9.68 8.83
CA GLY A 52 8.35 -10.86 9.48
C GLY A 52 6.84 -10.74 9.71
N SER A 53 6.38 -9.49 9.76
CA SER A 53 4.98 -9.22 9.98
C SER A 53 4.17 -9.64 8.75
N ILE A 54 2.88 -9.86 8.97
CA ILE A 54 1.99 -10.26 7.88
C ILE A 54 2.36 -9.49 6.61
N ALA A 55 2.27 -8.17 6.71
CA ALA A 55 2.60 -7.31 5.58
C ALA A 55 3.79 -7.91 4.82
N HIS A 56 4.94 -7.84 5.46
CA HIS A 56 6.16 -8.36 4.85
C HIS A 56 5.84 -9.63 4.07
N GLN A 57 5.29 -10.60 4.78
CA GLN A 57 4.92 -11.87 4.18
C GLN A 57 4.21 -11.63 2.85
N ALA A 58 3.24 -10.73 2.89
CA ALA A 58 2.47 -10.41 1.69
C ALA A 58 3.41 -9.90 0.61
N GLY A 59 4.44 -9.19 1.05
CA GLY A 59 5.43 -8.63 0.13
C GLY A 59 5.13 -7.17 -0.16
N LEU A 60 4.78 -6.44 0.90
CA LEU A 60 4.48 -5.02 0.77
C LEU A 60 5.78 -4.24 0.72
N GLU A 61 5.69 -3.05 0.14
CA GLU A 61 6.86 -2.18 0.02
C GLU A 61 6.44 -0.71 0.14
N TYR A 62 7.43 0.14 0.35
CA TYR A 62 7.19 1.56 0.49
C TYR A 62 6.96 2.21 -0.88
N GLY A 63 6.19 3.29 -0.86
CA GLY A 63 5.90 4.01 -2.10
C GLY A 63 4.70 3.39 -2.82
N ASP A 64 4.34 2.19 -2.38
CA ASP A 64 3.22 1.49 -2.97
C ASP A 64 1.92 2.16 -2.56
N GLN A 65 1.46 3.06 -3.41
CA GLN A 65 0.22 3.79 -3.15
C GLN A 65 -0.95 2.82 -3.06
N LEU A 66 -1.56 2.80 -1.88
CA LEU A 66 -2.69 1.92 -1.64
C LEU A 66 -3.92 2.48 -2.33
N LEU A 67 -4.32 1.82 -3.41
CA LEU A 67 -5.48 2.26 -4.17
C LEU A 67 -6.76 1.86 -3.42
N GLU A 68 -6.89 0.56 -3.19
CA GLU A 68 -8.04 0.04 -2.49
C GLU A 68 -7.65 -1.17 -1.64
N PHE A 69 -7.90 -1.06 -0.34
CA PHE A 69 -7.58 -2.13 0.59
C PHE A 69 -8.79 -3.03 0.81
N ASN A 70 -8.66 -4.27 0.37
CA ASN A 70 -9.73 -5.24 0.52
C ASN A 70 -10.97 -4.75 -0.22
N GLY A 71 -10.75 -3.75 -1.07
CA GLY A 71 -11.84 -3.19 -1.85
C GLY A 71 -12.43 -1.97 -1.14
N ILE A 72 -11.56 -1.20 -0.51
CA ILE A 72 -11.98 -0.01 0.20
C ILE A 72 -11.37 1.23 -0.46
N ASN A 73 -12.24 2.16 -0.83
CA ASN A 73 -11.79 3.38 -1.47
C ASN A 73 -10.79 4.09 -0.57
N LEU A 74 -9.52 3.87 -0.86
CA LEU A 74 -8.45 4.48 -0.09
C LEU A 74 -8.00 5.77 -0.77
N ARG A 75 -8.20 5.81 -2.08
CA ARG A 75 -7.82 6.96 -2.87
C ARG A 75 -8.35 8.25 -2.21
N SER A 76 -9.39 8.08 -1.40
CA SER A 76 -9.98 9.20 -0.71
C SER A 76 -10.09 8.90 0.78
N ALA A 77 -8.96 8.52 1.36
CA ALA A 77 -8.92 8.20 2.78
C ALA A 77 -7.77 8.97 3.44
N THR A 78 -7.87 9.10 4.75
CA THR A 78 -6.86 9.81 5.51
C THR A 78 -5.85 8.83 6.11
N GLU A 79 -4.93 9.38 6.89
CA GLU A 79 -3.91 8.56 7.53
C GLU A 79 -4.51 7.82 8.73
N GLN A 80 -5.40 8.50 9.43
CA GLN A 80 -6.04 7.92 10.59
C GLN A 80 -6.96 6.78 10.17
N GLN A 81 -7.66 6.99 9.07
CA GLN A 81 -8.58 5.99 8.55
C GLN A 81 -7.79 4.76 8.07
N ALA A 82 -6.74 5.03 7.30
CA ALA A 82 -5.92 3.96 6.78
C ALA A 82 -5.52 3.02 7.92
N ARG A 83 -4.75 3.57 8.86
CA ARG A 83 -4.30 2.80 10.00
C ARG A 83 -5.42 1.89 10.50
N LEU A 84 -6.65 2.36 10.32
CA LEU A 84 -7.81 1.59 10.75
C LEU A 84 -8.19 0.59 9.67
N ILE A 85 -8.35 1.11 8.46
CA ILE A 85 -8.71 0.26 7.33
C ILE A 85 -7.70 -0.88 7.21
N ILE A 86 -6.43 -0.51 7.13
CA ILE A 86 -5.36 -1.49 7.01
C ILE A 86 -5.28 -2.29 8.30
N GLY A 87 -5.51 -1.61 9.41
CA GLY A 87 -5.46 -2.24 10.72
C GLY A 87 -6.81 -2.87 11.07
N GLN A 88 -7.42 -3.51 10.08
CA GLN A 88 -8.70 -4.15 10.27
C GLN A 88 -8.52 -5.63 10.60
N GLN A 89 -9.63 -6.33 10.67
CA GLN A 89 -9.60 -7.75 10.97
C GLN A 89 -10.07 -8.57 9.76
N CYS A 90 -9.44 -9.72 9.58
CA CYS A 90 -9.77 -10.60 8.48
C CYS A 90 -8.62 -11.58 8.27
N ASP A 91 -8.95 -12.85 8.37
CA ASP A 91 -7.96 -13.90 8.20
C ASP A 91 -7.16 -13.64 6.92
N THR A 92 -7.90 -13.41 5.84
CA THR A 92 -7.30 -13.15 4.55
C THR A 92 -7.88 -11.88 3.92
N ILE A 93 -7.00 -10.94 3.63
CA ILE A 93 -7.42 -9.68 3.03
C ILE A 93 -6.52 -9.37 1.83
N THR A 94 -7.13 -8.78 0.82
CA THR A 94 -6.39 -8.42 -0.38
C THR A 94 -6.12 -6.91 -0.41
N ILE A 95 -5.08 -6.54 -1.15
CA ILE A 95 -4.71 -5.14 -1.27
C ILE A 95 -4.48 -4.81 -2.75
N LEU A 96 -4.92 -3.62 -3.12
CA LEU A 96 -4.76 -3.15 -4.49
C LEU A 96 -3.73 -2.04 -4.54
N ALA A 97 -2.48 -2.44 -4.75
CA ALA A 97 -1.39 -1.48 -4.82
C ALA A 97 -1.10 -1.15 -6.28
N GLN A 98 -0.41 -0.04 -6.48
CA GLN A 98 -0.06 0.40 -7.82
C GLN A 98 1.13 1.37 -7.77
N TYR A 99 2.30 0.79 -7.56
CA TYR A 99 3.53 1.59 -7.49
C TYR A 99 3.49 2.72 -8.51
N ASN A 100 4.15 3.82 -8.15
CA ASN A 100 4.21 4.98 -9.01
C ASN A 100 5.57 5.66 -8.86
N PRO A 101 6.33 5.70 -9.99
CA PRO A 101 7.64 6.32 -9.99
C PRO A 101 7.53 7.85 -9.97
N HIS A 102 6.80 8.34 -8.98
CA HIS A 102 6.61 9.77 -8.84
C HIS A 102 6.29 10.10 -7.38
N VAL A 103 7.10 9.54 -6.49
CA VAL A 103 6.93 9.76 -5.07
C VAL A 103 8.30 9.91 -4.41
N HIS A 104 8.35 10.77 -3.40
CA HIS A 104 9.60 11.01 -2.68
C HIS A 104 9.35 12.02 -1.56
N GLN A 105 8.92 13.21 -1.95
CA GLN A 105 8.64 14.26 -0.98
C GLN A 105 7.68 13.75 0.09
N LEU A 106 8.10 13.92 1.34
CA LEU A 106 7.29 13.48 2.46
C LEU A 106 6.57 14.69 3.06
N SER A 107 5.65 14.40 3.96
CA SER A 107 4.88 15.45 4.62
C SER A 107 5.81 16.38 5.38
N SER A 108 5.50 17.67 5.30
CA SER A 108 6.30 18.68 5.97
C SER A 108 6.03 18.64 7.47
N HIS A 109 6.80 17.79 8.16
CA HIS A 109 6.65 17.65 9.60
C HIS A 109 5.22 17.23 9.93
N SER A 110 5.05 15.92 10.09
CA SER A 110 3.74 15.37 10.40
C SER A 110 3.75 14.76 11.80
N ARG A 111 3.65 15.63 12.80
CA ARG A 111 3.66 15.19 14.19
C ARG A 111 4.74 14.14 14.41
N SER A 112 4.67 13.50 15.56
CA SER A 112 5.65 12.48 15.91
C SER A 112 5.01 11.10 15.83
N GLY A 113 3.92 10.93 16.57
CA GLY A 113 3.20 9.67 16.59
C GLY A 113 3.81 8.71 17.61
N PRO A 114 2.92 7.91 18.25
CA PRO A 114 3.37 6.95 19.25
C PRO A 114 4.03 5.74 18.59
N SER A 115 4.76 5.00 19.40
CA SER A 115 5.45 3.82 18.91
C SER A 115 4.95 2.58 19.65
N SER A 116 3.80 2.08 19.19
CA SER A 116 3.20 0.90 19.80
C SER A 116 2.39 0.14 18.75
N GLY A 117 1.43 0.85 18.16
CA GLY A 117 0.58 0.25 17.14
C GLY A 117 -0.87 0.17 17.62
N GLY A 1 -13.71 2.11 -24.95
CA GLY A 1 -12.73 2.58 -25.92
C GLY A 1 -11.54 1.63 -26.01
N SER A 2 -11.49 0.89 -27.12
CA SER A 2 -10.42 -0.06 -27.33
C SER A 2 -9.98 -0.02 -28.80
N SER A 3 -8.87 0.66 -29.03
CA SER A 3 -8.34 0.78 -30.38
C SER A 3 -6.82 0.59 -30.37
N GLY A 4 -6.29 0.18 -31.52
CA GLY A 4 -4.87 -0.04 -31.64
C GLY A 4 -4.56 -0.96 -32.83
N SER A 5 -3.27 -1.28 -32.97
CA SER A 5 -2.84 -2.14 -34.05
C SER A 5 -1.51 -2.81 -33.69
N SER A 6 -1.29 -3.98 -34.27
CA SER A 6 -0.08 -4.72 -34.01
C SER A 6 0.04 -5.04 -32.52
N GLY A 7 -0.13 -6.32 -32.21
CA GLY A 7 -0.05 -6.78 -30.83
C GLY A 7 1.28 -7.48 -30.56
N GLY A 8 1.39 -8.02 -29.35
CA GLY A 8 2.60 -8.72 -28.96
C GLY A 8 3.29 -8.01 -27.80
N GLU A 9 4.31 -7.24 -28.13
CA GLU A 9 5.05 -6.51 -27.12
C GLU A 9 4.41 -5.15 -26.87
N ARG A 10 4.51 -4.70 -25.62
CA ARG A 10 3.93 -3.42 -25.24
C ARG A 10 4.54 -2.30 -26.09
N ARG A 11 3.80 -1.90 -27.11
CA ARG A 11 4.25 -0.84 -28.00
C ARG A 11 3.08 0.09 -28.35
N LYS A 12 3.44 1.28 -28.81
CA LYS A 12 2.44 2.26 -29.19
C LYS A 12 1.72 2.76 -27.94
N ASP A 13 0.96 1.86 -27.33
CA ASP A 13 0.22 2.20 -26.12
C ASP A 13 1.11 1.97 -24.91
N ARG A 14 1.46 3.07 -24.25
CA ARG A 14 2.30 3.01 -23.08
C ARG A 14 1.46 2.75 -21.83
N PRO A 15 2.05 1.98 -20.87
CA PRO A 15 1.37 1.66 -19.64
C PRO A 15 1.34 2.85 -18.70
N TYR A 16 2.21 3.81 -18.98
CA TYR A 16 2.30 5.02 -18.16
C TYR A 16 2.85 4.69 -16.76
N VAL A 17 2.09 3.87 -16.05
CA VAL A 17 2.49 3.48 -14.71
C VAL A 17 2.08 2.02 -14.47
N GLU A 18 3.01 1.27 -13.90
CA GLU A 18 2.76 -0.13 -13.61
C GLU A 18 1.34 -0.32 -13.07
N GLU A 19 0.49 -0.90 -13.90
CA GLU A 19 -0.89 -1.14 -13.51
C GLU A 19 -0.96 -1.55 -12.04
N PRO A 20 -2.15 -1.31 -11.43
CA PRO A 20 -2.37 -1.65 -10.04
C PRO A 20 -2.54 -3.16 -9.86
N ARG A 21 -1.80 -3.70 -8.90
CA ARG A 21 -1.85 -5.12 -8.62
C ARG A 21 -2.64 -5.38 -7.33
N HIS A 22 -2.94 -6.64 -7.09
CA HIS A 22 -3.67 -7.03 -5.90
C HIS A 22 -2.82 -7.97 -5.05
N VAL A 23 -2.34 -7.44 -3.94
CA VAL A 23 -1.51 -8.22 -3.04
C VAL A 23 -2.38 -8.84 -1.95
N LYS A 24 -2.37 -10.16 -1.89
CA LYS A 24 -3.16 -10.88 -0.90
C LYS A 24 -2.40 -10.91 0.42
N VAL A 25 -3.16 -11.03 1.50
CA VAL A 25 -2.57 -11.07 2.83
C VAL A 25 -3.21 -12.22 3.63
N GLN A 26 -2.36 -12.96 4.32
CA GLN A 26 -2.84 -14.07 5.13
C GLN A 26 -2.63 -13.78 6.62
N LYS A 27 -3.45 -12.88 7.14
CA LYS A 27 -3.36 -12.50 8.53
C LYS A 27 -3.69 -13.70 9.40
N GLY A 28 -4.93 -13.72 9.90
CA GLY A 28 -5.37 -14.81 10.74
C GLY A 28 -5.67 -14.32 12.16
N SER A 29 -4.61 -13.98 12.87
CA SER A 29 -4.74 -13.49 14.23
C SER A 29 -3.62 -12.49 14.54
N GLU A 30 -3.21 -11.76 13.51
CA GLU A 30 -2.16 -10.78 13.66
C GLU A 30 -2.42 -9.58 12.75
N PRO A 31 -1.80 -8.43 13.12
CA PRO A 31 -1.96 -7.21 12.34
C PRO A 31 -1.13 -7.27 11.05
N LEU A 32 -1.29 -6.24 10.24
CA LEU A 32 -0.57 -6.17 8.98
C LEU A 32 0.88 -5.79 9.24
N GLY A 33 1.06 -4.69 9.96
CA GLY A 33 2.40 -4.23 10.30
C GLY A 33 2.99 -3.41 9.15
N ILE A 34 2.35 -2.28 8.88
CA ILE A 34 2.81 -1.40 7.81
C ILE A 34 2.51 0.05 8.19
N SER A 35 3.39 0.94 7.77
CA SER A 35 3.24 2.35 8.05
C SER A 35 2.63 3.06 6.83
N ILE A 36 1.77 4.03 7.13
CA ILE A 36 1.12 4.79 6.07
C ILE A 36 1.23 6.29 6.40
N VAL A 37 1.05 7.09 5.36
CA VAL A 37 1.13 8.54 5.51
C VAL A 37 0.22 9.21 4.47
N SER A 38 -0.33 10.35 4.86
CA SER A 38 -1.21 11.09 3.96
C SER A 38 -0.45 12.24 3.32
N GLY A 39 -0.85 12.56 2.09
CA GLY A 39 -0.21 13.64 1.35
C GLY A 39 -1.23 14.68 0.91
N GLU A 40 -0.76 15.91 0.80
CA GLU A 40 -1.62 17.01 0.39
C GLU A 40 -2.20 16.74 -1.00
N LYS A 41 -1.56 15.82 -1.71
CA LYS A 41 -2.00 15.46 -3.04
C LYS A 41 -3.28 14.62 -2.95
N GLY A 42 -3.29 13.74 -1.96
CA GLY A 42 -4.44 12.86 -1.76
C GLY A 42 -4.06 11.40 -1.93
N GLY A 43 -4.54 10.58 -1.01
CA GLY A 43 -4.26 9.15 -1.06
C GLY A 43 -3.43 8.72 0.16
N ILE A 44 -3.05 7.45 0.16
CA ILE A 44 -2.26 6.91 1.25
C ILE A 44 -1.02 6.22 0.67
N TYR A 45 0.12 6.53 1.27
CA TYR A 45 1.38 5.96 0.84
C TYR A 45 2.04 5.15 1.96
N VAL A 46 2.73 4.10 1.57
CA VAL A 46 3.41 3.24 2.52
C VAL A 46 4.68 3.94 3.01
N SER A 47 4.75 4.14 4.31
CA SER A 47 5.91 4.79 4.91
C SER A 47 6.92 3.74 5.38
N LYS A 48 6.43 2.52 5.53
CA LYS A 48 7.27 1.41 5.97
C LYS A 48 6.43 0.13 6.04
N VAL A 49 7.13 -0.97 6.22
CA VAL A 49 6.48 -2.27 6.30
C VAL A 49 7.28 -3.19 7.21
N THR A 50 6.79 -3.35 8.42
CA THR A 50 7.45 -4.20 9.40
C THR A 50 8.02 -5.45 8.72
N VAL A 51 9.19 -5.86 9.18
CA VAL A 51 9.85 -7.03 8.62
C VAL A 51 9.47 -8.26 9.46
N GLY A 52 8.99 -9.28 8.75
CA GLY A 52 8.58 -10.51 9.40
C GLY A 52 7.09 -10.48 9.77
N SER A 53 6.49 -9.33 9.53
CA SER A 53 5.08 -9.16 9.82
C SER A 53 4.24 -9.62 8.64
N ILE A 54 2.93 -9.76 8.89
CA ILE A 54 2.01 -10.18 7.84
C ILE A 54 2.41 -9.54 6.52
N ALA A 55 2.31 -8.22 6.48
CA ALA A 55 2.64 -7.48 5.27
C ALA A 55 3.87 -8.12 4.62
N HIS A 56 4.99 -8.04 5.34
CA HIS A 56 6.23 -8.62 4.84
C HIS A 56 5.94 -9.93 4.10
N GLN A 57 5.23 -10.80 4.80
CA GLN A 57 4.88 -12.10 4.23
C GLN A 57 4.14 -11.91 2.90
N ALA A 58 3.18 -10.99 2.92
CA ALA A 58 2.40 -10.71 1.73
C ALA A 58 3.33 -10.23 0.62
N GLY A 59 4.24 -9.33 0.98
CA GLY A 59 5.19 -8.79 0.03
C GLY A 59 4.89 -7.31 -0.26
N LEU A 60 4.72 -6.56 0.81
CA LEU A 60 4.43 -5.14 0.69
C LEU A 60 5.75 -4.36 0.71
N GLU A 61 5.71 -3.20 0.08
CA GLU A 61 6.89 -2.34 0.01
C GLU A 61 6.49 -0.87 0.19
N TYR A 62 7.50 -0.03 0.30
CA TYR A 62 7.27 1.39 0.47
C TYR A 62 7.11 2.09 -0.88
N GLY A 63 6.41 3.21 -0.86
CA GLY A 63 6.18 3.98 -2.08
C GLY A 63 5.00 3.41 -2.87
N ASP A 64 4.54 2.25 -2.43
CA ASP A 64 3.42 1.59 -3.08
C ASP A 64 2.11 2.21 -2.61
N GLN A 65 1.66 3.20 -3.34
CA GLN A 65 0.42 3.89 -3.01
C GLN A 65 -0.75 2.90 -2.98
N LEU A 66 -1.54 3.00 -1.93
CA LEU A 66 -2.69 2.12 -1.76
C LEU A 66 -3.92 2.79 -2.39
N LEU A 67 -4.52 2.08 -3.33
CA LEU A 67 -5.71 2.58 -4.01
C LEU A 67 -6.96 1.98 -3.37
N GLU A 68 -6.86 0.70 -3.05
CA GLU A 68 -7.96 -0.01 -2.44
C GLU A 68 -7.45 -1.12 -1.51
N PHE A 69 -8.09 -1.24 -0.37
CA PHE A 69 -7.71 -2.24 0.61
C PHE A 69 -8.83 -3.27 0.80
N ASN A 70 -8.62 -4.45 0.24
CA ASN A 70 -9.59 -5.52 0.34
C ASN A 70 -10.93 -5.05 -0.25
N GLY A 71 -10.85 -3.97 -1.01
CA GLY A 71 -12.03 -3.41 -1.63
C GLY A 71 -12.23 -1.95 -1.23
N ILE A 72 -11.82 -1.64 -0.01
CA ILE A 72 -11.95 -0.30 0.52
C ILE A 72 -11.37 0.69 -0.50
N ASN A 73 -11.74 1.95 -0.34
CA ASN A 73 -11.27 3.00 -1.22
C ASN A 73 -10.26 3.88 -0.48
N LEU A 74 -9.00 3.69 -0.82
CA LEU A 74 -7.94 4.45 -0.20
C LEU A 74 -7.86 5.84 -0.85
N ARG A 75 -8.00 5.84 -2.16
CA ARG A 75 -7.95 7.08 -2.91
C ARG A 75 -8.72 8.19 -2.17
N SER A 76 -9.73 7.76 -1.44
CA SER A 76 -10.55 8.68 -0.67
C SER A 76 -10.49 8.34 0.82
N ALA A 77 -9.27 8.10 1.28
CA ALA A 77 -9.06 7.77 2.68
C ALA A 77 -8.04 8.73 3.27
N THR A 78 -7.71 8.48 4.54
CA THR A 78 -6.74 9.31 5.24
C THR A 78 -5.75 8.45 6.00
N GLU A 79 -4.85 9.12 6.72
CA GLU A 79 -3.84 8.43 7.49
C GLU A 79 -4.49 7.72 8.69
N GLN A 80 -5.51 8.36 9.24
CA GLN A 80 -6.22 7.81 10.38
C GLN A 80 -7.02 6.59 9.96
N GLN A 81 -7.82 6.78 8.91
CA GLN A 81 -8.65 5.69 8.40
C GLN A 81 -7.78 4.49 8.04
N ALA A 82 -6.86 4.72 7.12
CA ALA A 82 -5.96 3.66 6.69
C ALA A 82 -5.50 2.85 7.90
N ARG A 83 -4.78 3.53 8.78
CA ARG A 83 -4.27 2.89 9.99
C ARG A 83 -5.34 1.97 10.58
N LEU A 84 -6.58 2.40 10.46
CA LEU A 84 -7.70 1.62 10.98
C LEU A 84 -8.04 0.51 9.99
N ILE A 85 -8.09 0.89 8.72
CA ILE A 85 -8.40 -0.06 7.66
C ILE A 85 -7.40 -1.22 7.71
N ILE A 86 -6.13 -0.87 7.59
CA ILE A 86 -5.07 -1.86 7.61
C ILE A 86 -5.05 -2.54 8.98
N GLY A 87 -5.42 -1.77 9.99
CA GLY A 87 -5.44 -2.28 11.35
C GLY A 87 -6.78 -2.92 11.68
N GLN A 88 -7.35 -3.59 10.68
CA GLN A 88 -8.62 -4.25 10.85
C GLN A 88 -8.42 -5.75 11.10
N GLN A 89 -9.53 -6.47 11.16
CA GLN A 89 -9.50 -7.90 11.39
C GLN A 89 -9.95 -8.66 10.14
N CYS A 90 -9.29 -9.77 9.89
CA CYS A 90 -9.62 -10.59 8.74
C CYS A 90 -8.49 -11.60 8.53
N ASP A 91 -8.86 -12.88 8.54
CA ASP A 91 -7.89 -13.94 8.35
C ASP A 91 -7.09 -13.68 7.06
N THR A 92 -7.83 -13.38 6.00
CA THR A 92 -7.20 -13.11 4.71
C THR A 92 -7.81 -11.85 4.09
N ILE A 93 -6.92 -10.90 3.80
CA ILE A 93 -7.36 -9.65 3.20
C ILE A 93 -6.43 -9.31 2.03
N THR A 94 -6.99 -8.57 1.07
CA THR A 94 -6.24 -8.18 -0.11
C THR A 94 -5.92 -6.68 -0.06
N ILE A 95 -4.96 -6.28 -0.87
CA ILE A 95 -4.56 -4.89 -0.93
C ILE A 95 -4.28 -4.50 -2.38
N LEU A 96 -4.68 -3.29 -2.73
CA LEU A 96 -4.49 -2.79 -4.07
C LEU A 96 -3.44 -1.67 -4.05
N ALA A 97 -2.31 -1.94 -4.69
CA ALA A 97 -1.22 -0.98 -4.74
C ALA A 97 -0.88 -0.71 -6.21
N GLN A 98 0.05 0.22 -6.40
CA GLN A 98 0.49 0.59 -7.73
C GLN A 98 1.69 1.51 -7.67
N TYR A 99 2.87 0.90 -7.74
CA TYR A 99 4.11 1.66 -7.69
C TYR A 99 4.02 2.91 -8.55
N ASN A 100 4.55 4.00 -8.02
CA ASN A 100 4.54 5.27 -8.73
C ASN A 100 5.97 5.83 -8.79
N PRO A 101 6.51 5.88 -10.04
CA PRO A 101 7.85 6.39 -10.25
C PRO A 101 7.89 7.92 -10.12
N HIS A 102 7.33 8.41 -9.02
CA HIS A 102 7.30 9.84 -8.78
C HIS A 102 7.72 10.12 -7.33
N VAL A 103 7.15 9.34 -6.42
CA VAL A 103 7.46 9.50 -5.01
C VAL A 103 8.93 9.16 -4.77
N HIS A 104 9.47 9.73 -3.70
CA HIS A 104 10.86 9.51 -3.35
C HIS A 104 11.13 10.03 -1.94
N GLN A 105 12.32 9.72 -1.45
CA GLN A 105 12.70 10.16 -0.11
C GLN A 105 12.14 9.21 0.94
N LEU A 106 12.98 8.86 1.90
CA LEU A 106 12.58 7.96 2.96
C LEU A 106 12.95 8.58 4.31
N SER A 107 12.04 9.40 4.82
CA SER A 107 12.25 10.06 6.10
C SER A 107 12.86 9.08 7.10
N SER A 108 13.98 9.49 7.68
CA SER A 108 14.67 8.66 8.66
C SER A 108 15.55 9.53 9.56
N HIS A 109 15.76 9.05 10.78
CA HIS A 109 16.58 9.77 11.73
C HIS A 109 17.84 8.96 12.03
N SER A 110 18.80 9.08 11.12
CA SER A 110 20.07 8.38 11.27
C SER A 110 20.85 8.96 12.46
N ARG A 111 21.86 8.22 12.86
CA ARG A 111 22.70 8.64 13.97
C ARG A 111 23.90 7.70 14.12
N SER A 112 24.98 8.27 14.64
CA SER A 112 26.20 7.50 14.84
C SER A 112 26.96 8.02 16.07
N GLY A 113 27.72 7.13 16.67
CA GLY A 113 28.49 7.48 17.85
C GLY A 113 29.99 7.29 17.60
N PRO A 114 30.77 7.31 18.71
CA PRO A 114 32.21 7.15 18.63
C PRO A 114 32.58 5.70 18.36
N SER A 115 33.87 5.48 18.14
CA SER A 115 34.37 4.14 17.86
C SER A 115 35.89 4.12 17.94
N SER A 116 36.45 2.92 17.93
CA SER A 116 37.88 2.75 18.00
C SER A 116 38.53 3.24 16.71
N GLY A 117 39.85 3.40 16.77
CA GLY A 117 40.59 3.87 15.61
C GLY A 117 40.68 2.77 14.54
N GLY A 1 -27.82 -16.45 -10.55
CA GLY A 1 -27.12 -17.38 -11.41
C GLY A 1 -25.71 -17.67 -10.88
N SER A 2 -24.84 -18.08 -11.79
CA SER A 2 -23.47 -18.39 -11.43
C SER A 2 -22.68 -18.82 -12.67
N SER A 3 -22.25 -17.82 -13.42
CA SER A 3 -21.48 -18.09 -14.64
C SER A 3 -20.04 -17.63 -14.45
N GLY A 4 -19.16 -18.16 -15.30
CA GLY A 4 -17.75 -17.82 -15.24
C GLY A 4 -17.50 -16.44 -15.87
N SER A 5 -16.24 -16.21 -16.20
CA SER A 5 -15.85 -14.95 -16.82
C SER A 5 -14.71 -15.19 -17.81
N SER A 6 -15.01 -14.92 -19.08
CA SER A 6 -14.04 -15.09 -20.13
C SER A 6 -12.89 -14.10 -19.95
N GLY A 7 -11.70 -14.54 -20.33
CA GLY A 7 -10.51 -13.69 -20.21
C GLY A 7 -9.37 -14.25 -21.06
N GLY A 8 -8.16 -14.12 -20.52
CA GLY A 8 -6.98 -14.60 -21.21
C GLY A 8 -6.15 -13.44 -21.76
N GLU A 9 -5.66 -12.62 -20.83
CA GLU A 9 -4.86 -11.47 -21.21
C GLU A 9 -3.37 -11.82 -21.14
N ARG A 10 -2.69 -11.60 -22.25
CA ARG A 10 -1.26 -11.88 -22.32
C ARG A 10 -0.48 -10.87 -21.48
N ARG A 11 0.62 -11.35 -20.91
CA ARG A 11 1.46 -10.50 -20.08
C ARG A 11 1.83 -9.23 -20.83
N LYS A 12 1.63 -8.11 -20.16
CA LYS A 12 1.93 -6.81 -20.76
C LYS A 12 1.62 -5.70 -19.75
N ASP A 13 2.33 -4.60 -19.89
CA ASP A 13 2.12 -3.46 -19.00
C ASP A 13 2.26 -2.16 -19.81
N ARG A 14 1.33 -1.25 -19.56
CA ARG A 14 1.33 0.02 -20.25
C ARG A 14 2.58 0.83 -19.87
N PRO A 15 2.99 1.72 -20.80
CA PRO A 15 4.16 2.56 -20.58
C PRO A 15 3.84 3.68 -19.59
N TYR A 16 2.55 3.97 -19.45
CA TYR A 16 2.11 5.01 -18.55
C TYR A 16 2.72 4.84 -17.17
N VAL A 17 2.08 4.00 -16.37
CA VAL A 17 2.56 3.73 -15.02
C VAL A 17 2.35 2.26 -14.69
N GLU A 18 3.22 1.74 -13.84
CA GLU A 18 3.14 0.34 -13.44
C GLU A 18 1.71 -0.01 -13.03
N GLU A 19 1.04 -0.76 -13.91
CA GLU A 19 -0.33 -1.16 -13.65
C GLU A 19 -0.50 -1.56 -12.18
N PRO A 20 -1.78 -1.54 -11.73
CA PRO A 20 -2.09 -1.90 -10.36
C PRO A 20 -2.00 -3.41 -10.15
N ARG A 21 -1.77 -3.79 -8.90
CA ARG A 21 -1.66 -5.20 -8.55
C ARG A 21 -2.51 -5.51 -7.32
N HIS A 22 -2.87 -6.78 -7.19
CA HIS A 22 -3.67 -7.22 -6.06
C HIS A 22 -2.86 -8.17 -5.19
N VAL A 23 -2.39 -7.63 -4.07
CA VAL A 23 -1.60 -8.42 -3.15
C VAL A 23 -2.50 -8.93 -2.01
N LYS A 24 -2.47 -10.25 -1.82
CA LYS A 24 -3.28 -10.86 -0.79
C LYS A 24 -2.50 -10.84 0.53
N VAL A 25 -3.24 -10.96 1.62
CA VAL A 25 -2.65 -10.96 2.94
C VAL A 25 -3.24 -12.10 3.76
N GLN A 26 -2.36 -12.83 4.43
CA GLN A 26 -2.78 -13.95 5.26
C GLN A 26 -2.61 -13.61 6.74
N LYS A 27 -3.44 -12.68 7.19
CA LYS A 27 -3.40 -12.26 8.58
C LYS A 27 -3.61 -13.46 9.49
N GLY A 28 -4.88 -13.81 9.67
CA GLY A 28 -5.23 -14.94 10.52
C GLY A 28 -5.55 -14.49 11.94
N SER A 29 -4.52 -14.01 12.62
CA SER A 29 -4.68 -13.54 13.99
C SER A 29 -3.49 -12.69 14.39
N GLU A 30 -3.01 -11.91 13.44
CA GLU A 30 -1.86 -11.04 13.68
C GLU A 30 -2.05 -9.71 12.95
N PRO A 31 -1.27 -8.68 13.42
CA PRO A 31 -1.34 -7.36 12.82
C PRO A 31 -0.65 -7.33 11.46
N LEU A 32 -0.85 -6.22 10.76
CA LEU A 32 -0.24 -6.05 9.45
C LEU A 32 1.23 -5.66 9.61
N GLY A 33 1.44 -4.58 10.36
CA GLY A 33 2.79 -4.09 10.60
C GLY A 33 3.30 -3.31 9.40
N ILE A 34 2.69 -2.16 9.17
CA ILE A 34 3.08 -1.31 8.06
C ILE A 34 2.73 0.15 8.38
N SER A 35 3.51 1.06 7.81
CA SER A 35 3.29 2.47 8.04
C SER A 35 2.68 3.11 6.79
N ILE A 36 1.89 4.15 7.01
CA ILE A 36 1.25 4.85 5.92
C ILE A 36 1.25 6.35 6.21
N VAL A 37 1.22 7.13 5.14
CA VAL A 37 1.21 8.57 5.26
C VAL A 37 0.26 9.17 4.23
N SER A 38 -0.33 10.30 4.60
CA SER A 38 -1.26 10.98 3.72
C SER A 38 -0.58 12.17 3.04
N GLY A 39 -1.01 12.43 1.81
CA GLY A 39 -0.45 13.52 1.04
C GLY A 39 -1.46 14.66 0.89
N GLU A 40 -1.02 15.73 0.23
CA GLU A 40 -1.88 16.88 0.01
C GLU A 40 -3.18 16.45 -0.67
N LYS A 41 -4.21 16.26 0.14
CA LYS A 41 -5.50 15.85 -0.36
C LYS A 41 -5.32 14.78 -1.44
N GLY A 42 -4.37 13.89 -1.19
CA GLY A 42 -4.07 12.82 -2.12
C GLY A 42 -4.54 11.46 -1.58
N GLY A 43 -3.75 10.44 -1.84
CA GLY A 43 -4.07 9.10 -1.39
C GLY A 43 -3.20 8.71 -0.19
N ILE A 44 -2.99 7.41 -0.06
CA ILE A 44 -2.19 6.89 1.04
C ILE A 44 -0.95 6.19 0.46
N TYR A 45 0.19 6.44 1.11
CA TYR A 45 1.44 5.84 0.68
C TYR A 45 2.13 5.13 1.85
N VAL A 46 2.77 4.01 1.52
CA VAL A 46 3.47 3.23 2.52
C VAL A 46 4.71 4.01 2.99
N SER A 47 4.84 4.12 4.30
CA SER A 47 5.96 4.82 4.88
C SER A 47 6.99 3.82 5.42
N LYS A 48 6.54 2.58 5.56
CA LYS A 48 7.40 1.52 6.05
C LYS A 48 6.60 0.22 6.16
N VAL A 49 7.33 -0.88 6.33
CA VAL A 49 6.70 -2.19 6.44
C VAL A 49 7.58 -3.09 7.30
N THR A 50 7.03 -3.46 8.46
CA THR A 50 7.75 -4.32 9.38
C THR A 50 8.18 -5.61 8.68
N VAL A 51 9.35 -6.09 9.08
CA VAL A 51 9.89 -7.31 8.49
C VAL A 51 9.55 -8.49 9.41
N GLY A 52 8.99 -9.53 8.80
CA GLY A 52 8.62 -10.71 9.55
C GLY A 52 7.15 -10.66 9.98
N SER A 53 6.48 -9.60 9.57
CA SER A 53 5.08 -9.40 9.90
C SER A 53 4.20 -9.80 8.70
N ILE A 54 2.92 -9.90 8.98
CA ILE A 54 1.96 -10.25 7.93
C ILE A 54 2.35 -9.56 6.63
N ALA A 55 2.33 -8.24 6.67
CA ALA A 55 2.68 -7.45 5.50
C ALA A 55 3.85 -8.11 4.78
N HIS A 56 5.00 -8.05 5.42
CA HIS A 56 6.20 -8.64 4.85
C HIS A 56 5.87 -9.96 4.18
N GLN A 57 5.14 -10.80 4.92
CA GLN A 57 4.74 -12.10 4.40
C GLN A 57 3.94 -11.94 3.11
N ALA A 58 3.03 -10.97 3.14
CA ALA A 58 2.19 -10.70 1.98
C ALA A 58 3.07 -10.24 0.82
N GLY A 59 4.09 -9.48 1.15
CA GLY A 59 5.01 -8.96 0.15
C GLY A 59 4.73 -7.48 -0.14
N LEU A 60 4.74 -6.69 0.91
CA LEU A 60 4.49 -5.26 0.78
C LEU A 60 5.83 -4.52 0.76
N GLU A 61 5.76 -3.25 0.36
CA GLU A 61 6.95 -2.43 0.28
C GLU A 61 6.57 -0.95 0.32
N TYR A 62 7.57 -0.12 0.52
CA TYR A 62 7.35 1.32 0.57
C TYR A 62 7.24 1.90 -0.84
N GLY A 63 6.54 3.03 -0.92
CA GLY A 63 6.34 3.70 -2.20
C GLY A 63 5.14 3.12 -2.94
N ASP A 64 4.66 1.99 -2.44
CA ASP A 64 3.53 1.33 -3.05
C ASP A 64 2.23 2.03 -2.60
N GLN A 65 1.75 2.91 -3.45
CA GLN A 65 0.53 3.64 -3.16
C GLN A 65 -0.66 2.68 -3.05
N LEU A 66 -1.35 2.75 -1.93
CA LEU A 66 -2.50 1.90 -1.69
C LEU A 66 -3.72 2.50 -2.39
N LEU A 67 -4.13 1.86 -3.47
CA LEU A 67 -5.28 2.32 -4.22
C LEU A 67 -6.57 1.92 -3.49
N GLU A 68 -6.68 0.63 -3.22
CA GLU A 68 -7.85 0.10 -2.52
C GLU A 68 -7.44 -1.05 -1.61
N PHE A 69 -8.05 -1.07 -0.43
CA PHE A 69 -7.77 -2.11 0.54
C PHE A 69 -8.97 -3.03 0.72
N ASN A 70 -8.88 -4.20 0.11
CA ASN A 70 -9.95 -5.18 0.20
C ASN A 70 -11.25 -4.56 -0.32
N GLY A 71 -11.09 -3.47 -1.06
CA GLY A 71 -12.24 -2.77 -1.63
C GLY A 71 -12.27 -1.31 -1.17
N ILE A 72 -11.92 -1.12 0.09
CA ILE A 72 -11.91 0.22 0.67
C ILE A 72 -11.04 1.13 -0.20
N ASN A 73 -11.61 2.28 -0.55
CA ASN A 73 -10.90 3.23 -1.38
C ASN A 73 -9.93 4.04 -0.51
N LEU A 74 -8.65 3.87 -0.77
CA LEU A 74 -7.62 4.56 -0.01
C LEU A 74 -7.46 5.98 -0.57
N ARG A 75 -7.57 6.08 -1.89
CA ARG A 75 -7.44 7.36 -2.55
C ARG A 75 -8.16 8.44 -1.75
N SER A 76 -9.28 8.06 -1.15
CA SER A 76 -10.06 8.98 -0.36
C SER A 76 -9.74 8.80 1.13
N ALA A 77 -9.48 7.56 1.50
CA ALA A 77 -9.15 7.24 2.88
C ALA A 77 -8.01 8.15 3.35
N THR A 78 -8.06 8.50 4.63
CA THR A 78 -7.04 9.36 5.22
C THR A 78 -5.95 8.51 5.87
N GLU A 79 -5.07 9.19 6.60
CA GLU A 79 -3.98 8.52 7.28
C GLU A 79 -4.51 7.77 8.51
N GLN A 80 -5.47 8.39 9.18
CA GLN A 80 -6.06 7.79 10.36
C GLN A 80 -6.95 6.62 9.98
N GLN A 81 -7.73 6.82 8.92
CA GLN A 81 -8.64 5.79 8.44
C GLN A 81 -7.84 4.62 7.87
N ALA A 82 -6.78 4.96 7.15
CA ALA A 82 -5.93 3.95 6.54
C ALA A 82 -5.28 3.10 7.64
N ARG A 83 -4.84 3.78 8.69
CA ARG A 83 -4.20 3.11 9.80
C ARG A 83 -5.20 2.17 10.49
N LEU A 84 -6.46 2.34 10.14
CA LEU A 84 -7.52 1.51 10.71
C LEU A 84 -7.89 0.42 9.72
N ILE A 85 -8.25 0.85 8.52
CA ILE A 85 -8.63 -0.08 7.46
C ILE A 85 -7.61 -1.22 7.40
N ILE A 86 -6.35 -0.84 7.35
CA ILE A 86 -5.27 -1.81 7.29
C ILE A 86 -5.20 -2.58 8.61
N GLY A 87 -5.48 -1.86 9.69
CA GLY A 87 -5.45 -2.46 11.01
C GLY A 87 -6.82 -3.02 11.39
N GLN A 88 -7.41 -3.73 10.43
CA GLN A 88 -8.72 -4.33 10.63
C GLN A 88 -8.56 -5.79 11.10
N GLN A 89 -9.69 -6.46 11.19
CA GLN A 89 -9.69 -7.85 11.62
C GLN A 89 -10.28 -8.74 10.52
N CYS A 90 -9.39 -9.29 9.71
CA CYS A 90 -9.80 -10.17 8.63
C CYS A 90 -8.72 -11.22 8.42
N ASP A 91 -9.12 -12.47 8.60
CA ASP A 91 -8.20 -13.58 8.43
C ASP A 91 -7.37 -13.37 7.16
N THR A 92 -8.07 -13.11 6.06
CA THR A 92 -7.42 -12.89 4.79
C THR A 92 -8.00 -11.65 4.11
N ILE A 93 -7.09 -10.73 3.76
CA ILE A 93 -7.49 -9.50 3.10
C ILE A 93 -6.56 -9.23 1.92
N THR A 94 -7.10 -8.53 0.94
CA THR A 94 -6.33 -8.20 -0.25
C THR A 94 -6.02 -6.70 -0.29
N ILE A 95 -5.03 -6.35 -1.10
CA ILE A 95 -4.62 -4.97 -1.23
C ILE A 95 -4.38 -4.65 -2.71
N LEU A 96 -4.81 -3.47 -3.11
CA LEU A 96 -4.66 -3.03 -4.48
C LEU A 96 -3.66 -1.88 -4.54
N ALA A 97 -2.41 -2.23 -4.84
CA ALA A 97 -1.35 -1.23 -4.92
C ALA A 97 -1.06 -0.93 -6.39
N GLN A 98 -0.24 0.09 -6.60
CA GLN A 98 0.13 0.49 -7.95
C GLN A 98 1.39 1.35 -7.92
N TYR A 99 2.53 0.69 -7.82
CA TYR A 99 3.80 1.37 -7.78
C TYR A 99 3.80 2.59 -8.71
N ASN A 100 4.35 3.69 -8.20
CA ASN A 100 4.40 4.91 -8.98
C ASN A 100 5.81 5.51 -8.87
N PRO A 101 6.48 5.62 -10.04
CA PRO A 101 7.83 6.18 -10.09
C PRO A 101 7.80 7.69 -9.91
N HIS A 102 7.18 8.12 -8.83
CA HIS A 102 7.08 9.54 -8.54
C HIS A 102 6.65 9.74 -7.09
N VAL A 103 7.51 9.28 -6.19
CA VAL A 103 7.23 9.40 -4.76
C VAL A 103 8.55 9.63 -4.02
N HIS A 104 8.66 10.80 -3.41
CA HIS A 104 9.85 11.15 -2.66
C HIS A 104 9.45 11.70 -1.29
N GLN A 105 10.43 11.74 -0.40
CA GLN A 105 10.20 12.24 0.96
C GLN A 105 10.04 13.76 0.94
N LEU A 106 9.08 14.23 1.72
CA LEU A 106 8.82 15.66 1.81
C LEU A 106 7.94 15.93 3.03
N SER A 107 8.59 16.00 4.18
CA SER A 107 7.88 16.26 5.43
C SER A 107 8.83 16.06 6.62
N SER A 108 8.40 16.57 7.76
CA SER A 108 9.19 16.45 8.97
C SER A 108 8.27 16.41 10.20
N HIS A 109 7.75 15.23 10.47
CA HIS A 109 6.86 15.05 11.60
C HIS A 109 7.55 14.21 12.67
N SER A 110 7.66 14.79 13.87
CA SER A 110 8.30 14.11 14.98
C SER A 110 7.24 13.68 16.00
N ARG A 111 7.20 12.40 16.26
CA ARG A 111 6.25 11.85 17.22
C ARG A 111 6.97 10.95 18.23
N SER A 112 6.84 11.33 19.50
CA SER A 112 7.46 10.57 20.57
C SER A 112 6.44 9.64 21.22
N GLY A 113 6.93 8.48 21.65
CA GLY A 113 6.08 7.50 22.28
C GLY A 113 6.68 6.10 22.18
N PRO A 114 7.40 5.69 23.25
CA PRO A 114 8.03 4.38 23.29
C PRO A 114 6.99 3.29 23.53
N SER A 115 6.11 3.54 24.47
CA SER A 115 5.07 2.59 24.81
C SER A 115 5.70 1.30 25.35
N SER A 116 5.42 1.02 26.61
CA SER A 116 5.94 -0.18 27.25
C SER A 116 4.80 -1.10 27.65
N GLY A 117 5.00 -2.39 27.39
CA GLY A 117 3.99 -3.38 27.72
C GLY A 117 3.01 -3.58 26.56
N GLY A 1 -2.06 21.78 2.35
CA GLY A 1 -3.25 21.37 3.08
C GLY A 1 -4.14 20.45 2.22
N SER A 2 -5.43 20.66 2.36
CA SER A 2 -6.39 19.87 1.60
C SER A 2 -7.54 20.75 1.12
N SER A 3 -7.41 21.22 -0.10
CA SER A 3 -8.42 22.07 -0.69
C SER A 3 -8.41 21.95 -2.22
N GLY A 4 -9.59 21.87 -2.79
CA GLY A 4 -9.72 21.74 -4.24
C GLY A 4 -10.02 20.31 -4.64
N SER A 5 -11.31 20.01 -4.76
CA SER A 5 -11.74 18.67 -5.15
C SER A 5 -12.00 18.62 -6.65
N SER A 6 -11.28 17.72 -7.30
CA SER A 6 -11.43 17.56 -8.75
C SER A 6 -12.06 16.19 -9.05
N GLY A 7 -13.38 16.15 -8.92
CA GLY A 7 -14.12 14.93 -9.17
C GLY A 7 -14.23 14.66 -10.68
N GLY A 8 -13.56 13.61 -11.11
CA GLY A 8 -13.57 13.24 -12.51
C GLY A 8 -12.24 12.61 -12.94
N GLU A 9 -11.91 12.79 -14.21
CA GLU A 9 -10.67 12.25 -14.74
C GLU A 9 -10.48 10.81 -14.27
N ARG A 10 -11.26 9.92 -14.87
CA ARG A 10 -11.18 8.51 -14.52
C ARG A 10 -9.83 7.92 -14.95
N ARG A 11 -9.17 7.29 -14.00
CA ARG A 11 -7.88 6.69 -14.25
C ARG A 11 -8.01 5.55 -15.27
N LYS A 12 -7.04 5.49 -16.18
CA LYS A 12 -7.05 4.47 -17.20
C LYS A 12 -5.80 3.59 -17.05
N ASP A 13 -6.02 2.37 -16.60
CA ASP A 13 -4.92 1.44 -16.41
C ASP A 13 -3.99 1.50 -17.62
N ARG A 14 -2.80 2.02 -17.38
CA ARG A 14 -1.81 2.15 -18.44
C ARG A 14 -0.56 1.32 -18.10
N PRO A 15 0.09 0.79 -19.17
CA PRO A 15 1.29 0.00 -19.00
C PRO A 15 2.50 0.88 -18.66
N TYR A 16 2.34 2.16 -18.94
CA TYR A 16 3.40 3.12 -18.67
C TYR A 16 4.01 2.89 -17.28
N VAL A 17 3.13 2.72 -16.30
CA VAL A 17 3.57 2.49 -14.93
C VAL A 17 3.21 1.06 -14.53
N GLU A 18 3.49 0.76 -13.27
CA GLU A 18 3.20 -0.57 -12.73
C GLU A 18 1.72 -0.69 -12.38
N GLU A 19 0.98 -1.34 -13.26
CA GLU A 19 -0.44 -1.54 -13.05
C GLU A 19 -0.73 -1.77 -11.57
N PRO A 20 -1.96 -1.38 -11.15
CA PRO A 20 -2.37 -1.53 -9.77
C PRO A 20 -2.70 -2.99 -9.45
N ARG A 21 -1.71 -3.69 -8.91
CA ARG A 21 -1.88 -5.08 -8.57
C ARG A 21 -2.61 -5.21 -7.22
N HIS A 22 -3.25 -6.36 -7.05
CA HIS A 22 -3.98 -6.62 -5.83
C HIS A 22 -3.20 -7.59 -4.94
N VAL A 23 -2.35 -7.02 -4.10
CA VAL A 23 -1.53 -7.82 -3.21
C VAL A 23 -2.42 -8.44 -2.13
N LYS A 24 -2.36 -9.76 -2.04
CA LYS A 24 -3.15 -10.48 -1.05
C LYS A 24 -2.39 -10.53 0.27
N VAL A 25 -3.14 -10.71 1.34
CA VAL A 25 -2.54 -10.78 2.67
C VAL A 25 -3.16 -11.95 3.43
N GLN A 26 -2.28 -12.75 4.03
CA GLN A 26 -2.70 -13.91 4.79
C GLN A 26 -2.50 -13.67 6.28
N LYS A 27 -3.31 -12.77 6.82
CA LYS A 27 -3.23 -12.43 8.24
C LYS A 27 -3.32 -13.72 9.06
N GLY A 28 -4.51 -14.29 9.07
CA GLY A 28 -4.74 -15.52 9.82
C GLY A 28 -5.00 -15.23 11.30
N SER A 29 -4.04 -14.55 11.91
CA SER A 29 -4.15 -14.20 13.32
C SER A 29 -3.05 -13.21 13.70
N GLU A 30 -2.73 -12.34 12.75
CA GLU A 30 -1.70 -11.34 12.98
C GLU A 30 -2.02 -10.07 12.19
N PRO A 31 -1.53 -8.92 12.74
CA PRO A 31 -1.75 -7.63 12.10
C PRO A 31 -0.86 -7.47 10.87
N LEU A 32 -1.21 -6.48 10.06
CA LEU A 32 -0.44 -6.20 8.85
C LEU A 32 0.95 -5.71 9.24
N GLY A 33 0.98 -4.59 9.94
CA GLY A 33 2.24 -4.02 10.38
C GLY A 33 2.88 -3.19 9.26
N ILE A 34 2.12 -2.21 8.79
CA ILE A 34 2.60 -1.35 7.72
C ILE A 34 2.20 0.11 8.04
N SER A 35 3.13 1.01 7.73
CA SER A 35 2.90 2.42 7.97
C SER A 35 2.41 3.10 6.68
N ILE A 36 1.62 4.14 6.87
CA ILE A 36 1.08 4.88 5.74
C ILE A 36 1.11 6.38 6.06
N VAL A 37 1.19 7.17 4.99
CA VAL A 37 1.22 8.62 5.15
C VAL A 37 0.30 9.25 4.11
N SER A 38 -0.27 10.39 4.48
CA SER A 38 -1.17 11.11 3.59
C SER A 38 -0.43 12.28 2.93
N GLY A 39 -0.80 12.54 1.69
CA GLY A 39 -0.18 13.62 0.94
C GLY A 39 -1.05 14.88 0.96
N GLU A 40 -0.44 15.99 0.60
CA GLU A 40 -1.15 17.27 0.58
C GLU A 40 -1.97 17.39 -0.70
N LYS A 41 -2.87 16.43 -0.89
CA LYS A 41 -3.73 16.42 -2.06
C LYS A 41 -4.71 15.25 -1.95
N GLY A 42 -4.17 14.09 -1.61
CA GLY A 42 -4.99 12.90 -1.47
C GLY A 42 -4.21 11.64 -1.86
N GLY A 43 -4.56 10.54 -1.22
CA GLY A 43 -3.90 9.28 -1.49
C GLY A 43 -3.11 8.80 -0.27
N ILE A 44 -2.91 7.49 -0.21
CA ILE A 44 -2.18 6.90 0.90
C ILE A 44 -0.94 6.18 0.36
N TYR A 45 0.18 6.45 1.00
CA TYR A 45 1.44 5.84 0.60
C TYR A 45 2.13 5.16 1.78
N VAL A 46 2.65 3.98 1.52
CA VAL A 46 3.34 3.22 2.56
C VAL A 46 4.65 3.92 2.91
N SER A 47 4.81 4.18 4.20
CA SER A 47 6.01 4.86 4.68
C SER A 47 6.94 3.84 5.35
N LYS A 48 6.39 2.68 5.64
CA LYS A 48 7.16 1.60 6.27
C LYS A 48 6.34 0.32 6.25
N VAL A 49 7.05 -0.78 6.44
CA VAL A 49 6.41 -2.10 6.45
C VAL A 49 7.21 -3.05 7.34
N THR A 50 6.66 -3.30 8.52
CA THR A 50 7.32 -4.18 9.47
C THR A 50 7.86 -5.42 8.75
N VAL A 51 9.01 -5.88 9.24
CA VAL A 51 9.64 -7.06 8.65
C VAL A 51 9.24 -8.30 9.45
N GLY A 52 8.91 -9.35 8.71
CA GLY A 52 8.50 -10.61 9.32
C GLY A 52 6.98 -10.63 9.56
N SER A 53 6.43 -9.44 9.78
CA SER A 53 5.00 -9.32 10.02
C SER A 53 4.23 -9.68 8.75
N ILE A 54 2.92 -9.85 8.93
CA ILE A 54 2.06 -10.19 7.81
C ILE A 54 2.51 -9.43 6.56
N ALA A 55 2.51 -8.11 6.69
CA ALA A 55 2.92 -7.25 5.59
C ALA A 55 4.06 -7.91 4.83
N HIS A 56 5.22 -7.94 5.49
CA HIS A 56 6.40 -8.54 4.89
C HIS A 56 6.01 -9.80 4.12
N GLN A 57 5.35 -10.71 4.82
CA GLN A 57 4.92 -11.95 4.21
C GLN A 57 4.14 -11.66 2.92
N ALA A 58 3.21 -10.72 3.02
CA ALA A 58 2.40 -10.35 1.88
C ALA A 58 3.30 -9.87 0.75
N GLY A 59 4.35 -9.16 1.13
CA GLY A 59 5.30 -8.64 0.16
C GLY A 59 5.06 -7.15 -0.11
N LEU A 60 4.68 -6.45 0.95
CA LEU A 60 4.43 -5.02 0.84
C LEU A 60 5.74 -4.25 0.99
N GLU A 61 5.89 -3.24 0.15
CA GLU A 61 7.08 -2.42 0.17
C GLU A 61 6.72 -0.94 0.29
N TYR A 62 7.74 -0.12 0.47
CA TYR A 62 7.53 1.31 0.60
C TYR A 62 7.37 1.97 -0.77
N GLY A 63 6.65 3.08 -0.78
CA GLY A 63 6.41 3.81 -2.01
C GLY A 63 5.19 3.26 -2.75
N ASP A 64 4.79 2.06 -2.36
CA ASP A 64 3.63 1.42 -2.96
C ASP A 64 2.36 2.15 -2.52
N GLN A 65 1.70 2.76 -3.49
CA GLN A 65 0.47 3.49 -3.22
C GLN A 65 -0.70 2.51 -3.11
N LEU A 66 -1.40 2.58 -1.99
CA LEU A 66 -2.54 1.72 -1.76
C LEU A 66 -3.79 2.36 -2.37
N LEU A 67 -4.47 1.58 -3.19
CA LEU A 67 -5.68 2.06 -3.84
C LEU A 67 -6.89 1.72 -2.97
N GLU A 68 -7.03 0.43 -2.68
CA GLU A 68 -8.14 -0.03 -1.86
C GLU A 68 -7.66 -1.16 -0.93
N PHE A 69 -8.41 -1.33 0.15
CA PHE A 69 -8.09 -2.37 1.12
C PHE A 69 -9.26 -3.32 1.31
N ASN A 70 -9.13 -4.51 0.73
CA ASN A 70 -10.17 -5.51 0.83
C ASN A 70 -11.47 -4.96 0.24
N GLY A 71 -11.33 -3.90 -0.54
CA GLY A 71 -12.47 -3.27 -1.18
C GLY A 71 -12.60 -1.80 -0.74
N ILE A 72 -12.19 -1.56 0.50
CA ILE A 72 -12.26 -0.21 1.05
C ILE A 72 -11.42 0.73 0.18
N ASN A 73 -12.01 1.87 -0.14
CA ASN A 73 -11.34 2.87 -0.95
C ASN A 73 -10.25 3.56 -0.12
N LEU A 74 -9.05 3.55 -0.67
CA LEU A 74 -7.92 4.17 0.01
C LEU A 74 -7.48 5.42 -0.77
N ARG A 75 -7.63 5.34 -2.09
CA ARG A 75 -7.26 6.44 -2.95
C ARG A 75 -7.74 7.77 -2.36
N SER A 76 -8.81 7.68 -1.58
CA SER A 76 -9.37 8.86 -0.95
C SER A 76 -9.58 8.60 0.55
N ALA A 77 -8.53 8.13 1.20
CA ALA A 77 -8.59 7.83 2.62
C ALA A 77 -7.57 8.71 3.36
N THR A 78 -7.83 8.91 4.64
CA THR A 78 -6.96 9.72 5.47
C THR A 78 -5.94 8.83 6.19
N GLU A 79 -4.80 9.44 6.51
CA GLU A 79 -3.74 8.71 7.20
C GLU A 79 -4.30 8.02 8.44
N GLN A 80 -5.40 8.56 8.94
CA GLN A 80 -6.04 8.01 10.12
C GLN A 80 -6.92 6.82 9.74
N GLN A 81 -7.85 7.07 8.85
CA GLN A 81 -8.76 6.03 8.39
C GLN A 81 -7.97 4.87 7.78
N ALA A 82 -6.85 5.22 7.16
CA ALA A 82 -6.00 4.22 6.53
C ALA A 82 -5.36 3.35 7.61
N ARG A 83 -4.88 4.02 8.66
CA ARG A 83 -4.23 3.33 9.76
C ARG A 83 -5.27 2.49 10.53
N LEU A 84 -6.52 2.69 10.17
CA LEU A 84 -7.61 1.97 10.82
C LEU A 84 -8.02 0.78 9.95
N ILE A 85 -8.32 1.08 8.70
CA ILE A 85 -8.74 0.05 7.76
C ILE A 85 -7.71 -1.08 7.77
N ILE A 86 -6.45 -0.69 7.57
CA ILE A 86 -5.37 -1.65 7.54
C ILE A 86 -5.30 -2.37 8.90
N GLY A 87 -5.84 -1.70 9.91
CA GLY A 87 -5.85 -2.26 11.25
C GLY A 87 -7.08 -3.13 11.47
N GLN A 88 -7.80 -3.39 10.39
CA GLN A 88 -9.00 -4.19 10.46
C GLN A 88 -8.66 -5.61 10.91
N GLN A 89 -9.67 -6.47 10.88
CA GLN A 89 -9.49 -7.85 11.29
C GLN A 89 -10.10 -8.79 10.25
N CYS A 90 -9.24 -9.63 9.68
CA CYS A 90 -9.67 -10.58 8.67
C CYS A 90 -8.52 -11.55 8.40
N ASP A 91 -8.81 -12.82 8.57
CA ASP A 91 -7.81 -13.85 8.34
C ASP A 91 -7.09 -13.58 7.03
N THR A 92 -7.87 -13.38 5.98
CA THR A 92 -7.32 -13.09 4.67
C THR A 92 -7.93 -11.82 4.09
N ILE A 93 -7.07 -10.84 3.86
CA ILE A 93 -7.51 -9.57 3.31
C ILE A 93 -6.65 -9.21 2.10
N THR A 94 -7.30 -8.65 1.09
CA THR A 94 -6.62 -8.26 -0.13
C THR A 94 -6.29 -6.76 -0.10
N ILE A 95 -5.25 -6.41 -0.83
CA ILE A 95 -4.81 -5.02 -0.89
C ILE A 95 -4.53 -4.65 -2.35
N LEU A 96 -4.86 -3.41 -2.69
CA LEU A 96 -4.64 -2.93 -4.04
C LEU A 96 -3.54 -1.88 -4.04
N ALA A 97 -2.38 -2.28 -4.56
CA ALA A 97 -1.23 -1.39 -4.61
C ALA A 97 -0.95 -1.02 -6.07
N GLN A 98 -0.14 0.02 -6.23
CA GLN A 98 0.21 0.47 -7.57
C GLN A 98 1.54 1.23 -7.53
N TYR A 99 2.62 0.46 -7.47
CA TYR A 99 3.96 1.04 -7.42
C TYR A 99 4.11 2.13 -8.47
N ASN A 100 4.50 3.31 -8.00
CA ASN A 100 4.70 4.44 -8.89
C ASN A 100 6.13 4.96 -8.76
N PRO A 101 6.90 4.83 -9.88
CA PRO A 101 8.28 5.28 -9.89
C PRO A 101 8.36 6.80 -9.97
N HIS A 102 7.70 7.44 -9.02
CA HIS A 102 7.68 8.90 -8.97
C HIS A 102 7.35 9.36 -7.54
N VAL A 103 8.04 8.76 -6.59
CA VAL A 103 7.83 9.10 -5.19
C VAL A 103 9.11 8.84 -4.41
N HIS A 104 9.39 9.73 -3.47
CA HIS A 104 10.57 9.61 -2.64
C HIS A 104 10.53 10.66 -1.51
N GLN A 105 9.80 10.31 -0.46
CA GLN A 105 9.66 11.20 0.68
C GLN A 105 10.45 10.65 1.87
N LEU A 106 11.03 11.57 2.62
CA LEU A 106 11.82 11.21 3.78
C LEU A 106 12.99 10.34 3.35
N SER A 107 14.18 10.90 3.49
CA SER A 107 15.40 10.18 3.11
C SER A 107 15.60 8.97 4.02
N SER A 108 15.71 9.25 5.31
CA SER A 108 15.92 8.21 6.29
C SER A 108 15.42 8.67 7.66
N HIS A 109 14.47 7.92 8.21
CA HIS A 109 13.91 8.24 9.50
C HIS A 109 14.45 7.27 10.55
N SER A 110 14.70 7.81 11.74
CA SER A 110 15.22 6.99 12.84
C SER A 110 15.09 7.77 14.15
N ARG A 111 14.70 7.04 15.19
CA ARG A 111 14.54 7.62 16.50
C ARG A 111 15.26 6.79 17.56
N SER A 112 16.25 7.41 18.18
CA SER A 112 17.03 6.74 19.20
C SER A 112 16.62 7.23 20.59
N GLY A 113 16.90 6.41 21.60
CA GLY A 113 16.56 6.75 22.96
C GLY A 113 15.57 5.75 23.55
N PRO A 114 16.12 4.81 24.36
CA PRO A 114 15.31 3.78 24.99
C PRO A 114 14.52 4.37 26.16
N SER A 115 13.52 5.17 25.81
CA SER A 115 12.67 5.79 26.83
C SER A 115 11.79 4.74 27.50
N SER A 116 11.48 4.99 28.77
CA SER A 116 10.66 4.08 29.53
C SER A 116 9.22 4.12 29.03
N GLY A 117 8.96 3.34 27.99
CA GLY A 117 7.63 3.27 27.41
C GLY A 117 6.70 2.42 28.25
N GLY A 1 -16.45 -11.97 -27.28
CA GLY A 1 -17.11 -10.67 -27.16
C GLY A 1 -17.13 -10.20 -25.70
N SER A 2 -17.91 -9.16 -25.47
CA SER A 2 -18.03 -8.60 -24.13
C SER A 2 -16.65 -8.24 -23.58
N SER A 3 -16.64 -7.53 -22.47
CA SER A 3 -15.40 -7.12 -21.84
C SER A 3 -15.46 -7.39 -20.34
N GLY A 4 -14.31 -7.73 -19.78
CA GLY A 4 -14.22 -8.01 -18.36
C GLY A 4 -14.63 -9.45 -18.05
N SER A 5 -13.75 -10.37 -18.42
CA SER A 5 -14.00 -11.78 -18.19
C SER A 5 -12.82 -12.42 -17.44
N SER A 6 -13.08 -13.60 -16.90
CA SER A 6 -12.06 -14.31 -16.15
C SER A 6 -11.23 -15.18 -17.10
N GLY A 7 -10.05 -14.66 -17.46
CA GLY A 7 -9.16 -15.37 -18.35
C GLY A 7 -7.74 -14.81 -18.26
N GLY A 8 -7.21 -14.46 -19.42
CA GLY A 8 -5.86 -13.91 -19.49
C GLY A 8 -5.68 -13.05 -20.75
N GLU A 9 -4.70 -12.17 -20.68
CA GLU A 9 -4.42 -11.29 -21.80
C GLU A 9 -3.00 -10.73 -21.70
N ARG A 10 -2.04 -11.64 -21.67
CA ARG A 10 -0.64 -11.25 -21.57
C ARG A 10 -0.02 -11.15 -22.97
N ARG A 11 0.00 -9.93 -23.48
CA ARG A 11 0.56 -9.67 -24.79
C ARG A 11 1.15 -8.26 -24.86
N LYS A 12 0.34 -7.30 -24.44
CA LYS A 12 0.77 -5.91 -24.44
C LYS A 12 1.29 -5.53 -23.05
N ASP A 13 2.26 -4.64 -23.04
CA ASP A 13 2.84 -4.19 -21.78
C ASP A 13 2.86 -2.67 -21.74
N ARG A 14 2.42 -2.13 -20.62
CA ARG A 14 2.37 -0.68 -20.45
C ARG A 14 3.41 -0.24 -19.42
N PRO A 15 4.56 0.26 -19.94
CA PRO A 15 5.64 0.72 -19.08
C PRO A 15 5.30 2.08 -18.45
N TYR A 16 4.33 2.75 -19.06
CA TYR A 16 3.90 4.05 -18.58
C TYR A 16 3.75 4.04 -17.06
N VAL A 17 2.91 3.12 -16.57
CA VAL A 17 2.68 3.00 -15.15
C VAL A 17 2.41 1.53 -14.80
N GLU A 18 3.35 0.95 -14.07
CA GLU A 18 3.23 -0.44 -13.67
C GLU A 18 1.81 -0.73 -13.16
N GLU A 19 1.05 -1.42 -13.98
CA GLU A 19 -0.32 -1.76 -13.64
C GLU A 19 -0.41 -2.11 -12.14
N PRO A 20 -1.64 -1.95 -11.59
CA PRO A 20 -1.87 -2.25 -10.19
C PRO A 20 -1.93 -3.75 -9.95
N ARG A 21 -1.35 -4.17 -8.83
CA ARG A 21 -1.33 -5.57 -8.48
C ARG A 21 -2.24 -5.83 -7.27
N HIS A 22 -2.56 -7.11 -7.07
CA HIS A 22 -3.41 -7.50 -5.96
C HIS A 22 -2.62 -8.35 -4.97
N VAL A 23 -2.09 -7.68 -3.96
CA VAL A 23 -1.31 -8.35 -2.94
C VAL A 23 -2.24 -8.91 -1.86
N LYS A 24 -2.19 -10.22 -1.70
CA LYS A 24 -3.02 -10.89 -0.71
C LYS A 24 -2.32 -10.86 0.64
N VAL A 25 -3.13 -10.91 1.70
CA VAL A 25 -2.60 -10.90 3.05
C VAL A 25 -3.25 -12.02 3.86
N GLN A 26 -2.42 -12.77 4.56
CA GLN A 26 -2.90 -13.86 5.38
C GLN A 26 -2.74 -13.54 6.86
N LYS A 27 -3.56 -12.60 7.31
CA LYS A 27 -3.51 -12.17 8.71
C LYS A 27 -3.83 -13.37 9.61
N GLY A 28 -5.12 -13.59 9.80
CA GLY A 28 -5.58 -14.70 10.64
C GLY A 28 -5.76 -14.26 12.09
N SER A 29 -4.65 -13.93 12.72
CA SER A 29 -4.67 -13.48 14.11
C SER A 29 -3.39 -12.72 14.43
N GLU A 30 -2.97 -11.89 13.48
CA GLU A 30 -1.76 -11.10 13.65
C GLU A 30 -1.93 -9.73 12.99
N PRO A 31 -1.12 -8.75 13.48
CA PRO A 31 -1.17 -7.40 12.95
C PRO A 31 -0.49 -7.33 11.57
N LEU A 32 -0.70 -6.21 10.91
CA LEU A 32 -0.12 -6.00 9.59
C LEU A 32 1.35 -5.63 9.74
N GLY A 33 1.59 -4.54 10.48
CA GLY A 33 2.94 -4.07 10.70
C GLY A 33 3.45 -3.26 9.51
N ILE A 34 2.74 -2.17 9.23
CA ILE A 34 3.12 -1.30 8.13
C ILE A 34 2.76 0.15 8.48
N SER A 35 3.51 1.07 7.89
CA SER A 35 3.30 2.48 8.13
C SER A 35 2.73 3.14 6.88
N ILE A 36 1.83 4.09 7.10
CA ILE A 36 1.20 4.80 6.00
C ILE A 36 1.25 6.31 6.29
N VAL A 37 1.30 7.08 5.21
CA VAL A 37 1.34 8.53 5.33
C VAL A 37 0.41 9.15 4.30
N SER A 38 -0.11 10.32 4.64
CA SER A 38 -1.02 11.03 3.75
C SER A 38 -0.29 12.20 3.08
N GLY A 39 -0.72 12.49 1.87
CA GLY A 39 -0.12 13.58 1.11
C GLY A 39 -0.95 14.86 1.24
N GLU A 40 -0.82 15.72 0.24
CA GLU A 40 -1.55 16.97 0.22
C GLU A 40 -3.01 16.73 -0.17
N LYS A 41 -3.73 16.06 0.72
CA LYS A 41 -5.13 15.76 0.47
C LYS A 41 -5.24 14.77 -0.69
N GLY A 42 -4.36 13.78 -0.67
CA GLY A 42 -4.34 12.77 -1.71
C GLY A 42 -4.66 11.39 -1.12
N GLY A 43 -4.08 10.37 -1.75
CA GLY A 43 -4.29 9.00 -1.31
C GLY A 43 -3.42 8.68 -0.09
N ILE A 44 -3.04 7.42 0.01
CA ILE A 44 -2.20 6.96 1.10
C ILE A 44 -0.99 6.22 0.55
N TYR A 45 0.15 6.45 1.19
CA TYR A 45 1.39 5.81 0.77
C TYR A 45 2.04 5.08 1.93
N VAL A 46 2.76 4.02 1.59
CA VAL A 46 3.45 3.23 2.60
C VAL A 46 4.72 3.95 3.05
N SER A 47 4.86 4.09 4.36
CA SER A 47 6.02 4.76 4.92
C SER A 47 7.04 3.72 5.40
N LYS A 48 6.55 2.51 5.61
CA LYS A 48 7.40 1.43 6.07
C LYS A 48 6.59 0.14 6.17
N VAL A 49 7.29 -0.96 6.33
CA VAL A 49 6.65 -2.25 6.44
C VAL A 49 7.51 -3.18 7.31
N THR A 50 6.95 -3.53 8.46
CA THR A 50 7.65 -4.41 9.39
C THR A 50 8.05 -5.71 8.71
N VAL A 51 9.29 -6.11 8.93
CA VAL A 51 9.80 -7.33 8.35
C VAL A 51 9.44 -8.52 9.24
N GLY A 52 8.90 -9.55 8.61
CA GLY A 52 8.50 -10.74 9.34
C GLY A 52 7.02 -10.68 9.73
N SER A 53 6.47 -9.49 9.63
CA SER A 53 5.07 -9.28 9.97
C SER A 53 4.18 -9.67 8.78
N ILE A 54 2.90 -9.81 9.07
CA ILE A 54 1.93 -10.17 8.04
C ILE A 54 2.30 -9.47 6.74
N ALA A 55 2.31 -8.14 6.80
CA ALA A 55 2.64 -7.34 5.63
C ALA A 55 3.79 -8.01 4.87
N HIS A 56 4.95 -8.00 5.48
CA HIS A 56 6.13 -8.60 4.87
C HIS A 56 5.72 -9.86 4.11
N GLN A 57 5.11 -10.78 4.85
CA GLN A 57 4.66 -12.04 4.27
C GLN A 57 3.87 -11.77 2.99
N ALA A 58 2.96 -10.82 3.07
CA ALA A 58 2.14 -10.46 1.93
C ALA A 58 3.03 -10.00 0.78
N GLY A 59 4.01 -9.16 1.14
CA GLY A 59 4.93 -8.64 0.15
C GLY A 59 4.67 -7.16 -0.12
N LEU A 60 4.51 -6.41 0.97
CA LEU A 60 4.25 -4.98 0.87
C LEU A 60 5.60 -4.24 0.77
N GLU A 61 5.54 -3.07 0.15
CA GLU A 61 6.72 -2.25 -0.02
C GLU A 61 6.38 -0.77 0.10
N TYR A 62 7.41 0.03 0.30
CA TYR A 62 7.22 1.47 0.43
C TYR A 62 7.05 2.13 -0.94
N GLY A 63 6.38 3.28 -0.93
CA GLY A 63 6.15 4.02 -2.16
C GLY A 63 5.03 3.37 -2.99
N ASP A 64 4.52 2.27 -2.47
CA ASP A 64 3.45 1.55 -3.14
C ASP A 64 2.11 2.16 -2.74
N GLN A 65 1.69 3.16 -3.52
CA GLN A 65 0.43 3.82 -3.26
C GLN A 65 -0.69 2.81 -3.06
N LEU A 66 -1.47 3.02 -2.01
CA LEU A 66 -2.57 2.12 -1.70
C LEU A 66 -3.83 2.60 -2.45
N LEU A 67 -4.27 1.77 -3.38
CA LEU A 67 -5.46 2.09 -4.15
C LEU A 67 -6.70 1.71 -3.35
N GLU A 68 -6.92 0.41 -3.24
CA GLU A 68 -8.07 -0.09 -2.51
C GLU A 68 -7.65 -1.24 -1.58
N PHE A 69 -8.19 -1.21 -0.38
CA PHE A 69 -7.88 -2.24 0.60
C PHE A 69 -9.06 -3.21 0.78
N ASN A 70 -8.95 -4.35 0.12
CA ASN A 70 -9.99 -5.35 0.19
C ASN A 70 -11.31 -4.75 -0.28
N GLY A 71 -11.20 -3.63 -0.98
CA GLY A 71 -12.39 -2.94 -1.49
C GLY A 71 -12.39 -1.48 -1.05
N ILE A 72 -12.08 -1.26 0.22
CA ILE A 72 -12.04 0.08 0.77
C ILE A 72 -11.19 0.97 -0.14
N ASN A 73 -11.76 2.12 -0.50
CA ASN A 73 -11.07 3.06 -1.36
C ASN A 73 -10.12 3.92 -0.51
N LEU A 74 -8.84 3.83 -0.85
CA LEU A 74 -7.83 4.58 -0.14
C LEU A 74 -7.72 5.98 -0.73
N ARG A 75 -7.80 6.04 -2.06
CA ARG A 75 -7.72 7.31 -2.76
C ARG A 75 -8.44 8.40 -1.98
N SER A 76 -9.54 8.00 -1.34
CA SER A 76 -10.33 8.93 -0.55
C SER A 76 -10.35 8.50 0.91
N ALA A 77 -9.15 8.38 1.48
CA ALA A 77 -9.02 7.97 2.86
C ALA A 77 -8.04 8.90 3.58
N THR A 78 -7.94 8.71 4.89
CA THR A 78 -7.04 9.53 5.68
C THR A 78 -6.06 8.64 6.46
N GLU A 79 -4.88 9.18 6.70
CA GLU A 79 -3.85 8.45 7.42
C GLU A 79 -4.46 7.78 8.65
N GLN A 80 -5.39 8.49 9.28
CA GLN A 80 -6.04 7.98 10.47
C GLN A 80 -6.91 6.77 10.12
N GLN A 81 -7.55 6.86 8.97
CA GLN A 81 -8.42 5.79 8.50
C GLN A 81 -7.58 4.64 7.93
N ALA A 82 -6.72 4.99 6.97
CA ALA A 82 -5.86 4.01 6.34
C ALA A 82 -5.22 3.13 7.42
N ARG A 83 -4.80 3.78 8.50
CA ARG A 83 -4.18 3.08 9.60
C ARG A 83 -5.18 2.14 10.27
N LEU A 84 -6.43 2.58 10.29
CA LEU A 84 -7.49 1.78 10.90
C LEU A 84 -7.91 0.67 9.93
N ILE A 85 -7.96 1.04 8.65
CA ILE A 85 -8.34 0.08 7.62
C ILE A 85 -7.32 -1.05 7.58
N ILE A 86 -6.10 -0.68 7.22
CA ILE A 86 -5.02 -1.65 7.13
C ILE A 86 -4.94 -2.43 8.45
N GLY A 87 -5.41 -1.80 9.50
CA GLY A 87 -5.39 -2.41 10.83
C GLY A 87 -6.70 -3.16 11.10
N GLN A 88 -7.44 -3.40 10.03
CA GLN A 88 -8.71 -4.10 10.13
C GLN A 88 -8.48 -5.55 10.57
N GLN A 89 -9.57 -6.31 10.59
CA GLN A 89 -9.48 -7.71 10.99
C GLN A 89 -10.13 -8.60 9.92
N CYS A 90 -9.34 -9.55 9.44
CA CYS A 90 -9.81 -10.48 8.43
C CYS A 90 -8.72 -11.51 8.18
N ASP A 91 -9.10 -12.77 8.32
CA ASP A 91 -8.17 -13.87 8.12
C ASP A 91 -7.35 -13.60 6.85
N THR A 92 -8.06 -13.37 5.76
CA THR A 92 -7.42 -13.10 4.49
C THR A 92 -8.01 -11.85 3.85
N ILE A 93 -7.14 -10.88 3.58
CA ILE A 93 -7.56 -9.63 2.97
C ILE A 93 -6.65 -9.32 1.78
N THR A 94 -7.24 -8.68 0.78
CA THR A 94 -6.50 -8.31 -0.41
C THR A 94 -6.27 -6.81 -0.46
N ILE A 95 -5.25 -6.42 -1.22
CA ILE A 95 -4.92 -5.01 -1.37
C ILE A 95 -4.55 -4.73 -2.82
N LEU A 96 -4.87 -3.51 -3.24
CA LEU A 96 -4.58 -3.10 -4.60
C LEU A 96 -3.56 -1.96 -4.58
N ALA A 97 -2.38 -2.26 -5.14
CA ALA A 97 -1.32 -1.28 -5.18
C ALA A 97 -1.02 -0.92 -6.64
N GLN A 98 -0.11 0.03 -6.81
CA GLN A 98 0.27 0.46 -8.14
C GLN A 98 1.52 1.34 -8.08
N TYR A 99 2.67 0.70 -8.18
CA TYR A 99 3.93 1.42 -8.13
C TYR A 99 3.84 2.74 -8.88
N ASN A 100 4.38 3.78 -8.26
CA ASN A 100 4.37 5.11 -8.86
C ASN A 100 5.79 5.66 -8.89
N PRO A 101 6.37 5.68 -10.12
CA PRO A 101 7.72 6.18 -10.30
C PRO A 101 7.76 7.71 -10.23
N HIS A 102 7.24 8.22 -9.13
CA HIS A 102 7.20 9.66 -8.92
C HIS A 102 6.98 9.96 -7.44
N VAL A 103 7.76 9.29 -6.61
CA VAL A 103 7.66 9.48 -5.17
C VAL A 103 8.99 9.08 -4.51
N HIS A 104 10.02 9.86 -4.81
CA HIS A 104 11.33 9.61 -4.26
C HIS A 104 11.65 10.65 -3.17
N GLN A 105 10.86 10.60 -2.11
CA GLN A 105 11.04 11.52 -1.00
C GLN A 105 11.79 10.83 0.15
N LEU A 106 12.17 11.63 1.13
CA LEU A 106 12.88 11.12 2.28
C LEU A 106 14.25 10.61 1.83
N SER A 107 15.16 10.50 2.80
CA SER A 107 16.50 10.03 2.54
C SER A 107 16.46 8.55 2.12
N SER A 108 16.23 8.34 0.83
CA SER A 108 16.17 6.98 0.31
C SER A 108 17.36 6.73 -0.63
N HIS A 109 17.66 5.45 -0.80
CA HIS A 109 18.76 5.06 -1.66
C HIS A 109 20.08 5.55 -1.06
N SER A 110 20.86 4.61 -0.55
CA SER A 110 22.14 4.94 0.05
C SER A 110 23.23 4.03 -0.52
N ARG A 111 24.45 4.56 -0.53
CA ARG A 111 25.58 3.81 -1.04
C ARG A 111 26.44 3.28 0.12
N SER A 112 26.37 1.97 0.30
CA SER A 112 27.13 1.33 1.36
C SER A 112 28.39 0.68 0.79
N GLY A 113 29.52 1.27 1.12
CA GLY A 113 30.80 0.75 0.66
C GLY A 113 31.80 0.62 1.80
N PRO A 114 32.84 -0.22 1.57
CA PRO A 114 33.86 -0.45 2.57
C PRO A 114 34.81 0.75 2.66
N SER A 115 35.40 0.91 3.85
CA SER A 115 36.32 2.00 4.08
C SER A 115 35.61 3.34 3.86
N SER A 116 35.53 4.12 4.94
CA SER A 116 34.88 5.41 4.88
C SER A 116 35.90 6.48 4.48
N GLY A 117 36.03 6.67 3.18
CA GLY A 117 36.95 7.66 2.65
C GLY A 117 37.44 7.27 1.25
N GLY A 1 -9.10 1.29 -29.00
CA GLY A 1 -8.98 2.35 -29.98
C GLY A 1 -8.63 1.79 -31.36
N SER A 2 -9.66 1.36 -32.06
CA SER A 2 -9.48 0.80 -33.39
C SER A 2 -8.29 -0.16 -33.39
N SER A 3 -8.54 -1.38 -32.93
CA SER A 3 -7.50 -2.40 -32.88
C SER A 3 -8.13 -3.79 -32.90
N GLY A 4 -7.54 -4.66 -33.69
CA GLY A 4 -8.03 -6.03 -33.80
C GLY A 4 -8.32 -6.62 -32.42
N SER A 5 -9.60 -6.88 -32.19
CA SER A 5 -10.02 -7.44 -30.91
C SER A 5 -10.19 -8.96 -31.05
N SER A 6 -9.09 -9.66 -30.87
CA SER A 6 -9.10 -11.11 -30.96
C SER A 6 -8.00 -11.70 -30.09
N GLY A 7 -8.28 -12.87 -29.53
CA GLY A 7 -7.33 -13.55 -28.68
C GLY A 7 -5.90 -13.38 -29.20
N GLY A 8 -4.96 -13.30 -28.27
CA GLY A 8 -3.57 -13.14 -28.63
C GLY A 8 -2.71 -12.96 -27.38
N GLU A 9 -1.40 -12.96 -27.60
CA GLU A 9 -0.46 -12.80 -26.50
C GLU A 9 0.35 -11.51 -26.67
N ARG A 10 0.29 -10.68 -25.64
CA ARG A 10 1.00 -9.41 -25.67
C ARG A 10 1.47 -9.05 -24.26
N ARG A 11 2.28 -8.00 -24.20
CA ARG A 11 2.82 -7.54 -22.92
C ARG A 11 2.17 -6.21 -22.53
N LYS A 12 2.32 -5.87 -21.26
CA LYS A 12 1.76 -4.62 -20.75
C LYS A 12 2.90 -3.67 -20.38
N ASP A 13 2.79 -2.45 -20.89
CA ASP A 13 3.81 -1.44 -20.63
C ASP A 13 3.27 -0.44 -19.61
N ARG A 14 4.06 0.60 -19.36
CA ARG A 14 3.67 1.63 -18.42
C ARG A 14 3.53 2.98 -19.13
N PRO A 15 2.34 3.18 -19.75
CA PRO A 15 2.06 4.41 -20.46
C PRO A 15 1.78 5.56 -19.49
N TYR A 16 1.84 5.23 -18.20
CA TYR A 16 1.60 6.22 -17.17
C TYR A 16 2.34 5.86 -15.88
N VAL A 17 2.13 4.61 -15.46
CA VAL A 17 2.77 4.12 -14.25
C VAL A 17 2.56 2.61 -14.14
N GLU A 18 3.27 2.01 -13.19
CA GLU A 18 3.17 0.58 -12.98
C GLU A 18 1.72 0.19 -12.65
N GLU A 19 1.08 -0.47 -13.60
CA GLU A 19 -0.29 -0.90 -13.42
C GLU A 19 -0.52 -1.35 -11.99
N PRO A 20 -1.81 -1.27 -11.55
CA PRO A 20 -2.18 -1.66 -10.21
C PRO A 20 -2.20 -3.18 -10.07
N ARG A 21 -1.88 -3.65 -8.87
CA ARG A 21 -1.86 -5.07 -8.59
C ARG A 21 -2.70 -5.39 -7.35
N HIS A 22 -3.03 -6.66 -7.21
CA HIS A 22 -3.82 -7.11 -6.07
C HIS A 22 -2.99 -8.04 -5.19
N VAL A 23 -2.47 -7.46 -4.11
CA VAL A 23 -1.65 -8.22 -3.18
C VAL A 23 -2.54 -8.81 -2.08
N LYS A 24 -2.47 -10.12 -1.95
CA LYS A 24 -3.26 -10.82 -0.95
C LYS A 24 -2.51 -10.83 0.38
N VAL A 25 -3.27 -10.91 1.46
CA VAL A 25 -2.68 -10.93 2.79
C VAL A 25 -3.34 -12.03 3.62
N GLN A 26 -2.50 -12.83 4.25
CA GLN A 26 -2.99 -13.92 5.08
C GLN A 26 -2.78 -13.61 6.56
N LYS A 27 -3.57 -12.67 7.05
CA LYS A 27 -3.47 -12.27 8.45
C LYS A 27 -3.65 -13.49 9.34
N GLY A 28 -4.88 -13.99 9.40
CA GLY A 28 -5.19 -15.15 10.20
C GLY A 28 -5.46 -14.75 11.66
N SER A 29 -4.47 -14.13 12.26
CA SER A 29 -4.58 -13.69 13.64
C SER A 29 -3.46 -12.71 13.98
N GLU A 30 -3.09 -11.92 12.99
CA GLU A 30 -2.03 -10.94 13.17
C GLU A 30 -2.30 -9.70 12.31
N PRO A 31 -1.75 -8.55 12.78
CA PRO A 31 -1.93 -7.30 12.06
C PRO A 31 -1.06 -7.25 10.81
N LEU A 32 -1.21 -6.16 10.06
CA LEU A 32 -0.45 -5.99 8.84
C LEU A 32 0.97 -5.54 9.20
N GLY A 33 1.05 -4.48 9.97
CA GLY A 33 2.34 -3.94 10.40
C GLY A 33 3.01 -3.17 9.25
N ILE A 34 2.31 -2.14 8.79
CA ILE A 34 2.83 -1.31 7.71
C ILE A 34 2.50 0.15 8.00
N SER A 35 3.47 1.01 7.70
CA SER A 35 3.29 2.43 7.92
C SER A 35 2.78 3.10 6.64
N ILE A 36 1.90 4.08 6.82
CA ILE A 36 1.34 4.80 5.69
C ILE A 36 1.34 6.30 6.00
N VAL A 37 1.52 7.08 4.94
CA VAL A 37 1.54 8.53 5.08
C VAL A 37 0.49 9.15 4.14
N SER A 38 -0.05 10.27 4.57
CA SER A 38 -1.05 10.96 3.79
C SER A 38 -0.42 12.15 3.06
N GLY A 39 -0.95 12.42 1.87
CA GLY A 39 -0.44 13.52 1.06
C GLY A 39 -1.35 14.74 1.18
N GLU A 40 -2.47 14.55 1.87
CA GLU A 40 -3.42 15.63 2.05
C GLU A 40 -3.74 16.30 0.72
N LYS A 41 -3.87 15.48 -0.31
CA LYS A 41 -4.16 15.99 -1.64
C LYS A 41 -4.30 14.80 -2.61
N GLY A 42 -3.45 13.82 -2.42
CA GLY A 42 -3.48 12.63 -3.26
C GLY A 42 -4.16 11.46 -2.54
N GLY A 43 -3.38 10.43 -2.29
CA GLY A 43 -3.89 9.25 -1.61
C GLY A 43 -2.98 8.85 -0.44
N ILE A 44 -2.92 7.55 -0.20
CA ILE A 44 -2.10 7.02 0.87
C ILE A 44 -0.86 6.34 0.29
N TYR A 45 0.26 6.51 0.98
CA TYR A 45 1.50 5.92 0.54
C TYR A 45 2.22 5.22 1.70
N VAL A 46 2.76 4.05 1.39
CA VAL A 46 3.46 3.26 2.39
C VAL A 46 4.71 4.03 2.84
N SER A 47 4.91 4.09 4.14
CA SER A 47 6.06 4.78 4.70
C SER A 47 7.07 3.76 5.24
N LYS A 48 6.58 2.57 5.49
CA LYS A 48 7.43 1.50 6.00
C LYS A 48 6.60 0.22 6.13
N VAL A 49 7.30 -0.88 6.38
CA VAL A 49 6.65 -2.16 6.54
C VAL A 49 7.43 -3.01 7.55
N THR A 50 6.75 -3.37 8.62
CA THR A 50 7.36 -4.17 9.67
C THR A 50 7.89 -5.48 9.09
N VAL A 51 9.12 -5.81 9.50
CA VAL A 51 9.75 -7.03 9.04
C VAL A 51 9.27 -8.21 9.88
N GLY A 52 8.83 -9.25 9.18
CA GLY A 52 8.35 -10.45 9.85
C GLY A 52 6.83 -10.40 10.01
N SER A 53 6.30 -9.19 10.00
CA SER A 53 4.86 -8.99 10.14
C SER A 53 4.14 -9.48 8.89
N ILE A 54 2.83 -9.62 9.01
CA ILE A 54 2.01 -10.07 7.89
C ILE A 54 2.51 -9.41 6.61
N ALA A 55 2.54 -8.09 6.64
CA ALA A 55 2.98 -7.33 5.49
C ALA A 55 4.19 -8.03 4.85
N HIS A 56 5.29 -8.03 5.60
CA HIS A 56 6.51 -8.66 5.13
C HIS A 56 6.17 -9.96 4.40
N GLN A 57 5.25 -10.71 5.00
CA GLN A 57 4.83 -11.97 4.43
C GLN A 57 4.00 -11.74 3.16
N ALA A 58 3.11 -10.76 3.25
CA ALA A 58 2.26 -10.42 2.12
C ALA A 58 3.13 -10.00 0.93
N GLY A 59 4.20 -9.29 1.24
CA GLY A 59 5.11 -8.83 0.21
C GLY A 59 4.86 -7.36 -0.12
N LEU A 60 4.67 -6.57 0.92
CA LEU A 60 4.42 -5.15 0.75
C LEU A 60 5.75 -4.38 0.83
N GLU A 61 5.81 -3.28 0.10
CA GLU A 61 6.99 -2.46 0.07
C GLU A 61 6.62 -0.98 0.15
N TYR A 62 7.65 -0.14 0.29
CA TYR A 62 7.44 1.30 0.39
C TYR A 62 7.30 1.91 -1.00
N GLY A 63 6.62 3.05 -1.04
CA GLY A 63 6.41 3.75 -2.30
C GLY A 63 5.19 3.19 -3.04
N ASP A 64 4.70 2.07 -2.54
CA ASP A 64 3.54 1.42 -3.14
C ASP A 64 2.27 2.13 -2.67
N GLN A 65 1.66 2.86 -3.59
CA GLN A 65 0.44 3.59 -3.29
C GLN A 65 -0.74 2.62 -3.20
N LEU A 66 -1.44 2.68 -2.07
CA LEU A 66 -2.59 1.82 -1.86
C LEU A 66 -3.83 2.48 -2.47
N LEU A 67 -4.38 1.80 -3.46
CA LEU A 67 -5.56 2.30 -4.13
C LEU A 67 -6.81 1.82 -3.40
N GLU A 68 -6.86 0.51 -3.17
CA GLU A 68 -7.98 -0.09 -2.48
C GLU A 68 -7.50 -1.15 -1.49
N PHE A 69 -8.29 -1.35 -0.45
CA PHE A 69 -7.95 -2.33 0.57
C PHE A 69 -9.10 -3.32 0.78
N ASN A 70 -8.99 -4.46 0.11
CA ASN A 70 -10.01 -5.49 0.23
C ASN A 70 -11.30 -5.00 -0.42
N GLY A 71 -11.18 -3.89 -1.15
CA GLY A 71 -12.32 -3.30 -1.82
C GLY A 71 -12.55 -1.86 -1.37
N ILE A 72 -12.12 -1.58 -0.15
CA ILE A 72 -12.28 -0.24 0.40
C ILE A 72 -11.51 0.75 -0.47
N ASN A 73 -12.11 1.92 -0.64
CA ASN A 73 -11.50 2.97 -1.45
C ASN A 73 -10.52 3.77 -0.59
N LEU A 74 -9.24 3.44 -0.74
CA LEU A 74 -8.21 4.12 0.02
C LEU A 74 -7.86 5.43 -0.67
N ARG A 75 -8.12 5.48 -1.96
CA ARG A 75 -7.84 6.68 -2.75
C ARG A 75 -8.32 7.92 -2.01
N SER A 76 -9.35 7.72 -1.18
CA SER A 76 -9.91 8.81 -0.41
C SER A 76 -10.01 8.42 1.06
N ALA A 77 -8.85 8.16 1.66
CA ALA A 77 -8.80 7.78 3.06
C ALA A 77 -7.74 8.61 3.77
N THR A 78 -7.92 8.74 5.08
CA THR A 78 -6.99 9.51 5.89
C THR A 78 -5.98 8.58 6.56
N GLU A 79 -4.77 9.09 6.74
CA GLU A 79 -3.71 8.33 7.36
C GLU A 79 -4.23 7.62 8.61
N GLN A 80 -5.05 8.34 9.36
CA GLN A 80 -5.62 7.80 10.58
C GLN A 80 -6.55 6.63 10.25
N GLN A 81 -7.29 6.79 9.17
CA GLN A 81 -8.22 5.76 8.74
C GLN A 81 -7.46 4.59 8.11
N ALA A 82 -6.55 4.94 7.22
CA ALA A 82 -5.75 3.94 6.53
C ALA A 82 -5.13 2.99 7.57
N ARG A 83 -4.40 3.58 8.51
CA ARG A 83 -3.76 2.80 9.56
C ARG A 83 -4.77 1.87 10.22
N LEU A 84 -6.03 2.29 10.18
CA LEU A 84 -7.10 1.50 10.77
C LEU A 84 -7.58 0.45 9.76
N ILE A 85 -7.98 0.94 8.59
CA ILE A 85 -8.46 0.07 7.54
C ILE A 85 -7.47 -1.09 7.35
N ILE A 86 -6.19 -0.75 7.40
CA ILE A 86 -5.15 -1.75 7.24
C ILE A 86 -4.95 -2.49 8.57
N GLY A 87 -5.11 -1.75 9.65
CA GLY A 87 -4.95 -2.32 10.97
C GLY A 87 -6.29 -2.86 11.50
N GLN A 88 -7.07 -3.41 10.58
CA GLN A 88 -8.37 -3.97 10.93
C GLN A 88 -8.27 -5.48 11.10
N GLN A 89 -9.42 -6.10 11.30
CA GLN A 89 -9.48 -7.54 11.48
C GLN A 89 -9.98 -8.21 10.20
N CYS A 90 -9.41 -9.39 9.91
CA CYS A 90 -9.80 -10.14 8.73
C CYS A 90 -8.73 -11.20 8.48
N ASP A 91 -9.10 -12.44 8.75
CA ASP A 91 -8.19 -13.55 8.57
C ASP A 91 -7.44 -13.37 7.24
N THR A 92 -8.20 -13.04 6.21
CA THR A 92 -7.63 -12.84 4.89
C THR A 92 -8.15 -11.54 4.27
N ILE A 93 -7.21 -10.70 3.85
CA ILE A 93 -7.56 -9.43 3.24
C ILE A 93 -6.65 -9.18 2.05
N THR A 94 -7.21 -8.51 1.05
CA THR A 94 -6.46 -8.20 -0.16
C THR A 94 -6.13 -6.70 -0.20
N ILE A 95 -5.09 -6.38 -0.96
CA ILE A 95 -4.66 -5.00 -1.09
C ILE A 95 -4.44 -4.68 -2.57
N LEU A 96 -4.85 -3.48 -2.95
CA LEU A 96 -4.71 -3.04 -4.33
C LEU A 96 -3.66 -1.92 -4.40
N ALA A 97 -2.40 -2.33 -4.45
CA ALA A 97 -1.31 -1.38 -4.52
C ALA A 97 -1.05 -1.02 -5.98
N GLN A 98 -0.13 -0.08 -6.17
CA GLN A 98 0.22 0.37 -7.51
C GLN A 98 1.49 1.24 -7.46
N TYR A 99 2.62 0.57 -7.43
CA TYR A 99 3.90 1.27 -7.39
C TYR A 99 3.86 2.54 -8.25
N ASN A 100 4.24 3.64 -7.63
CA ASN A 100 4.25 4.92 -8.31
C ASN A 100 5.55 5.66 -8.00
N PRO A 101 6.34 5.91 -9.08
CA PRO A 101 7.60 6.60 -8.94
C PRO A 101 7.40 8.09 -8.68
N HIS A 102 8.39 8.88 -9.09
CA HIS A 102 8.32 10.32 -8.93
C HIS A 102 7.94 10.64 -7.47
N VAL A 103 8.30 9.72 -6.58
CA VAL A 103 8.01 9.90 -5.17
C VAL A 103 9.29 9.73 -4.36
N HIS A 104 9.46 10.61 -3.39
CA HIS A 104 10.63 10.56 -2.54
C HIS A 104 10.52 11.64 -1.44
N GLN A 105 11.19 11.38 -0.33
CA GLN A 105 11.18 12.31 0.78
C GLN A 105 12.49 12.22 1.57
N LEU A 106 12.90 13.36 2.09
CA LEU A 106 14.14 13.42 2.86
C LEU A 106 13.80 13.79 4.31
N SER A 107 14.29 12.97 5.23
CA SER A 107 14.05 13.19 6.64
C SER A 107 15.33 13.73 7.31
N SER A 108 15.17 14.20 8.54
CA SER A 108 16.28 14.73 9.29
C SER A 108 16.55 13.86 10.52
N HIS A 109 17.66 14.17 11.19
CA HIS A 109 18.04 13.43 12.38
C HIS A 109 18.73 14.37 13.37
N SER A 110 19.05 13.81 14.53
CA SER A 110 19.71 14.58 15.57
C SER A 110 21.01 13.90 15.99
N ARG A 111 21.83 14.64 16.72
CA ARG A 111 23.10 14.11 17.18
C ARG A 111 22.98 13.67 18.64
N SER A 112 23.95 12.87 19.07
CA SER A 112 23.97 12.36 20.43
C SER A 112 25.40 12.33 20.96
N GLY A 113 25.52 12.05 22.24
CA GLY A 113 26.82 11.97 22.88
C GLY A 113 27.10 10.57 23.41
N PRO A 114 28.42 10.26 23.56
CA PRO A 114 28.83 8.95 24.05
C PRO A 114 28.60 8.84 25.56
N SER A 115 29.01 7.71 26.11
CA SER A 115 28.85 7.47 27.53
C SER A 115 29.90 6.46 28.01
N SER A 116 30.25 6.57 29.29
CA SER A 116 31.23 5.67 29.87
C SER A 116 30.53 4.65 30.79
N GLY A 117 31.25 3.59 31.08
CA GLY A 117 30.71 2.54 31.93
C GLY A 117 30.88 1.16 31.29
N GLY A 1 -10.37 -23.06 -16.92
CA GLY A 1 -10.70 -21.84 -17.63
C GLY A 1 -9.43 -21.06 -18.00
N SER A 2 -8.83 -21.44 -19.11
CA SER A 2 -7.62 -20.80 -19.58
C SER A 2 -7.36 -21.15 -21.04
N SER A 3 -6.39 -20.45 -21.62
CA SER A 3 -6.04 -20.68 -23.01
C SER A 3 -4.81 -19.85 -23.38
N GLY A 4 -4.17 -20.25 -24.48
CA GLY A 4 -2.99 -19.56 -24.94
C GLY A 4 -2.59 -20.03 -26.34
N SER A 5 -2.96 -19.22 -27.33
CA SER A 5 -2.65 -19.55 -28.71
C SER A 5 -2.86 -18.32 -29.60
N SER A 6 -1.83 -17.49 -29.68
CA SER A 6 -1.89 -16.29 -30.48
C SER A 6 -0.59 -15.51 -30.37
N GLY A 7 -0.44 -14.52 -31.23
CA GLY A 7 0.76 -13.70 -31.23
C GLY A 7 1.31 -13.53 -32.65
N GLY A 8 1.89 -12.36 -32.88
CA GLY A 8 2.46 -12.06 -34.19
C GLY A 8 2.19 -10.61 -34.59
N GLU A 9 0.91 -10.30 -34.72
CA GLU A 9 0.50 -8.96 -35.09
C GLU A 9 1.09 -7.93 -34.13
N ARG A 10 1.31 -6.73 -34.64
CA ARG A 10 1.87 -5.66 -33.83
C ARG A 10 0.76 -4.90 -33.12
N ARG A 11 1.02 -4.56 -31.86
CA ARG A 11 0.06 -3.83 -31.07
C ARG A 11 0.65 -2.49 -30.61
N LYS A 12 -0.21 -1.48 -30.57
CA LYS A 12 0.20 -0.16 -30.15
C LYS A 12 -0.47 0.19 -28.82
N ASP A 13 0.37 0.37 -27.80
CA ASP A 13 -0.13 0.70 -26.48
C ASP A 13 1.05 0.80 -25.51
N ARG A 14 0.85 1.60 -24.47
CA ARG A 14 1.88 1.80 -23.46
C ARG A 14 1.36 1.44 -22.08
N PRO A 15 2.27 0.86 -21.25
CA PRO A 15 1.91 0.45 -19.90
C PRO A 15 1.79 1.67 -18.98
N TYR A 16 2.36 2.78 -19.44
CA TYR A 16 2.31 4.01 -18.67
C TYR A 16 2.93 3.82 -17.28
N VAL A 17 2.11 3.32 -16.37
CA VAL A 17 2.55 3.07 -15.01
C VAL A 17 2.28 1.61 -14.63
N GLU A 18 3.08 1.13 -13.70
CA GLU A 18 2.94 -0.25 -13.25
C GLU A 18 1.48 -0.56 -12.93
N GLU A 19 0.86 -1.31 -13.82
CA GLU A 19 -0.53 -1.68 -13.65
C GLU A 19 -0.82 -2.04 -12.19
N PRO A 20 -2.11 -1.90 -11.80
CA PRO A 20 -2.52 -2.20 -10.43
C PRO A 20 -2.57 -3.71 -10.21
N ARG A 21 -1.97 -4.14 -9.12
CA ARG A 21 -1.94 -5.55 -8.77
C ARG A 21 -2.82 -5.81 -7.54
N HIS A 22 -2.97 -7.09 -7.22
CA HIS A 22 -3.78 -7.48 -6.08
C HIS A 22 -2.96 -8.39 -5.16
N VAL A 23 -2.37 -7.78 -4.14
CA VAL A 23 -1.55 -8.51 -3.19
C VAL A 23 -2.45 -9.05 -2.08
N LYS A 24 -2.40 -10.36 -1.89
CA LYS A 24 -3.18 -11.01 -0.87
C LYS A 24 -2.38 -11.08 0.42
N VAL A 25 -3.10 -11.11 1.54
CA VAL A 25 -2.47 -11.18 2.84
C VAL A 25 -3.19 -12.22 3.70
N GLN A 26 -2.39 -13.07 4.32
CA GLN A 26 -2.92 -14.12 5.18
C GLN A 26 -2.69 -13.78 6.65
N LYS A 27 -3.42 -12.78 7.11
CA LYS A 27 -3.31 -12.35 8.50
C LYS A 27 -3.42 -13.56 9.41
N GLY A 28 -4.65 -14.02 9.59
CA GLY A 28 -4.91 -15.16 10.45
C GLY A 28 -4.81 -14.78 11.92
N SER A 29 -5.65 -13.84 12.32
CA SER A 29 -5.67 -13.39 13.70
C SER A 29 -4.38 -12.63 14.02
N GLU A 30 -3.94 -11.85 13.05
CA GLU A 30 -2.72 -11.06 13.21
C GLU A 30 -2.85 -9.73 12.47
N PRO A 31 -1.99 -8.76 12.90
CA PRO A 31 -2.00 -7.43 12.30
C PRO A 31 -1.34 -7.45 10.92
N LEU A 32 -1.10 -6.26 10.40
CA LEU A 32 -0.49 -6.13 9.09
C LEU A 32 0.97 -5.69 9.26
N GLY A 33 1.17 -4.69 10.11
CA GLY A 33 2.50 -4.17 10.37
C GLY A 33 3.02 -3.37 9.18
N ILE A 34 2.35 -2.25 8.92
CA ILE A 34 2.74 -1.40 7.81
C ILE A 34 2.45 0.06 8.18
N SER A 35 3.33 0.94 7.72
CA SER A 35 3.19 2.36 8.00
C SER A 35 2.57 3.06 6.78
N ILE A 36 1.76 4.06 7.07
CA ILE A 36 1.10 4.82 6.02
C ILE A 36 1.22 6.32 6.33
N VAL A 37 1.09 7.12 5.28
CA VAL A 37 1.18 8.55 5.42
C VAL A 37 0.29 9.23 4.37
N SER A 38 -0.24 10.39 4.74
CA SER A 38 -1.11 11.13 3.85
C SER A 38 -0.32 12.28 3.19
N GLY A 39 -0.68 12.58 1.95
CA GLY A 39 -0.04 13.65 1.23
C GLY A 39 -0.85 14.93 1.28
N GLU A 40 -0.55 15.84 0.36
CA GLU A 40 -1.25 17.11 0.30
C GLU A 40 -2.68 16.90 -0.18
N LYS A 41 -3.45 16.18 0.63
CA LYS A 41 -4.84 15.90 0.31
C LYS A 41 -4.89 14.95 -0.90
N GLY A 42 -4.06 13.92 -0.84
CA GLY A 42 -4.01 12.93 -1.92
C GLY A 42 -4.49 11.57 -1.43
N GLY A 43 -3.67 10.56 -1.70
CA GLY A 43 -3.99 9.20 -1.30
C GLY A 43 -3.16 8.78 -0.08
N ILE A 44 -2.97 7.47 0.03
CA ILE A 44 -2.21 6.92 1.14
C ILE A 44 -0.98 6.20 0.60
N TYR A 45 0.17 6.49 1.21
CA TYR A 45 1.41 5.87 0.80
C TYR A 45 2.04 5.09 1.95
N VAL A 46 2.68 3.98 1.60
CA VAL A 46 3.34 3.14 2.59
C VAL A 46 4.63 3.81 3.05
N SER A 47 4.73 4.03 4.34
CA SER A 47 5.90 4.66 4.92
C SER A 47 6.87 3.60 5.43
N LYS A 48 6.38 2.37 5.47
CA LYS A 48 7.20 1.25 5.93
C LYS A 48 6.34 -0.02 5.95
N VAL A 49 7.01 -1.13 6.23
CA VAL A 49 6.32 -2.41 6.28
C VAL A 49 6.99 -3.29 7.33
N THR A 50 6.96 -2.81 8.57
CA THR A 50 7.55 -3.54 9.67
C THR A 50 8.70 -4.41 9.19
N VAL A 51 8.76 -5.61 9.74
CA VAL A 51 9.81 -6.56 9.37
C VAL A 51 9.38 -7.97 9.79
N GLY A 52 9.22 -8.83 8.78
CA GLY A 52 8.82 -10.20 9.03
C GLY A 52 7.35 -10.27 9.43
N SER A 53 6.69 -9.13 9.37
CA SER A 53 5.28 -9.05 9.73
C SER A 53 4.42 -9.53 8.55
N ILE A 54 3.16 -9.78 8.86
CA ILE A 54 2.24 -10.25 7.84
C ILE A 54 2.55 -9.56 6.51
N ALA A 55 2.50 -8.24 6.54
CA ALA A 55 2.78 -7.45 5.36
C ALA A 55 4.05 -7.98 4.68
N HIS A 56 5.13 -7.95 5.43
CA HIS A 56 6.41 -8.43 4.92
C HIS A 56 6.22 -9.79 4.25
N GLN A 57 5.43 -10.62 4.90
CA GLN A 57 5.17 -11.96 4.37
C GLN A 57 4.31 -11.85 3.10
N ALA A 58 3.48 -10.83 3.06
CA ALA A 58 2.61 -10.61 1.92
C ALA A 58 3.46 -10.25 0.70
N GLY A 59 4.47 -9.43 0.95
CA GLY A 59 5.36 -9.00 -0.11
C GLY A 59 5.08 -7.56 -0.52
N LEU A 60 4.97 -6.70 0.48
CA LEU A 60 4.71 -5.29 0.25
C LEU A 60 6.03 -4.53 0.19
N GLU A 61 5.91 -3.21 0.06
CA GLU A 61 7.08 -2.36 -0.01
C GLU A 61 6.68 -0.89 0.13
N TYR A 62 7.67 -0.07 0.44
CA TYR A 62 7.44 1.36 0.61
C TYR A 62 7.27 2.05 -0.74
N GLY A 63 6.47 3.11 -0.75
CA GLY A 63 6.23 3.87 -1.96
C GLY A 63 5.07 3.28 -2.75
N ASP A 64 4.65 2.09 -2.33
CA ASP A 64 3.54 1.42 -2.99
C ASP A 64 2.23 2.07 -2.57
N GLN A 65 1.66 2.83 -3.49
CA GLN A 65 0.41 3.51 -3.23
C GLN A 65 -0.72 2.50 -3.05
N LEU A 66 -1.50 2.70 -1.98
CA LEU A 66 -2.61 1.82 -1.69
C LEU A 66 -3.88 2.36 -2.36
N LEU A 67 -4.16 1.82 -3.54
CA LEU A 67 -5.33 2.23 -4.29
C LEU A 67 -6.59 1.85 -3.52
N GLU A 68 -6.70 0.56 -3.23
CA GLU A 68 -7.85 0.05 -2.49
C GLU A 68 -7.42 -1.05 -1.54
N PHE A 69 -8.12 -1.13 -0.42
CA PHE A 69 -7.83 -2.14 0.59
C PHE A 69 -8.91 -3.20 0.64
N ASN A 70 -8.63 -4.33 0.00
CA ASN A 70 -9.57 -5.43 -0.05
C ASN A 70 -10.97 -4.89 -0.34
N GLY A 71 -11.00 -3.76 -1.02
CA GLY A 71 -12.25 -3.13 -1.38
C GLY A 71 -12.63 -2.03 -0.37
N ILE A 72 -11.70 -1.09 -0.22
CA ILE A 72 -11.91 0.02 0.70
C ILE A 72 -11.25 1.27 0.14
N ASN A 73 -12.07 2.19 -0.34
CA ASN A 73 -11.58 3.43 -0.90
C ASN A 73 -10.42 3.95 -0.06
N LEU A 74 -9.27 4.11 -0.69
CA LEU A 74 -8.09 4.59 -0.01
C LEU A 74 -7.65 5.92 -0.64
N ARG A 75 -7.69 5.95 -1.97
CA ARG A 75 -7.30 7.14 -2.70
C ARG A 75 -7.92 8.39 -2.06
N SER A 76 -9.04 8.17 -1.39
CA SER A 76 -9.73 9.26 -0.74
C SER A 76 -9.91 8.95 0.75
N ALA A 77 -8.90 8.30 1.32
CA ALA A 77 -8.93 7.93 2.72
C ALA A 77 -7.93 8.79 3.49
N THR A 78 -8.07 8.80 4.80
CA THR A 78 -7.19 9.56 5.66
C THR A 78 -6.25 8.63 6.43
N GLU A 79 -5.06 9.13 6.69
CA GLU A 79 -4.06 8.36 7.41
C GLU A 79 -4.70 7.66 8.61
N GLN A 80 -5.56 8.40 9.29
CA GLN A 80 -6.24 7.87 10.47
C GLN A 80 -7.09 6.66 10.07
N GLN A 81 -7.75 6.79 8.92
CA GLN A 81 -8.60 5.72 8.42
C GLN A 81 -7.75 4.53 7.96
N ALA A 82 -6.78 4.84 7.10
CA ALA A 82 -5.89 3.81 6.59
C ALA A 82 -5.39 2.95 7.75
N ARG A 83 -4.73 3.62 8.69
CA ARG A 83 -4.18 2.93 9.85
C ARG A 83 -5.25 2.02 10.47
N LEU A 84 -6.50 2.40 10.29
CA LEU A 84 -7.62 1.64 10.82
C LEU A 84 -7.98 0.53 9.84
N ILE A 85 -8.19 0.92 8.59
CA ILE A 85 -8.54 -0.02 7.55
C ILE A 85 -7.48 -1.13 7.49
N ILE A 86 -6.23 -0.71 7.58
CA ILE A 86 -5.12 -1.64 7.53
C ILE A 86 -5.04 -2.39 8.87
N GLY A 87 -5.42 -1.69 9.93
CA GLY A 87 -5.39 -2.26 11.26
C GLY A 87 -6.75 -2.87 11.62
N GLN A 88 -7.39 -3.44 10.62
CA GLN A 88 -8.69 -4.07 10.82
C GLN A 88 -8.53 -5.56 11.10
N GLN A 89 -9.65 -6.25 11.14
CA GLN A 89 -9.65 -7.69 11.40
C GLN A 89 -10.16 -8.44 10.17
N CYS A 90 -9.29 -9.29 9.64
CA CYS A 90 -9.62 -10.08 8.46
C CYS A 90 -8.55 -11.15 8.28
N ASP A 91 -8.93 -12.39 8.62
CA ASP A 91 -8.01 -13.50 8.50
C ASP A 91 -7.19 -13.35 7.22
N THR A 92 -7.88 -12.98 6.14
CA THR A 92 -7.23 -12.80 4.86
C THR A 92 -7.74 -11.52 4.19
N ILE A 93 -6.83 -10.55 4.08
CA ILE A 93 -7.17 -9.28 3.46
C ILE A 93 -6.30 -9.07 2.23
N THR A 94 -6.89 -8.45 1.21
CA THR A 94 -6.18 -8.19 -0.02
C THR A 94 -5.90 -6.69 -0.17
N ILE A 95 -4.89 -6.38 -0.97
CA ILE A 95 -4.50 -5.00 -1.20
C ILE A 95 -4.32 -4.77 -2.70
N LEU A 96 -4.64 -3.55 -3.12
CA LEU A 96 -4.50 -3.19 -4.52
C LEU A 96 -3.47 -2.08 -4.66
N ALA A 97 -2.21 -2.49 -4.75
CA ALA A 97 -1.12 -1.54 -4.89
C ALA A 97 -0.92 -1.21 -6.37
N GLN A 98 -0.06 -0.23 -6.61
CA GLN A 98 0.22 0.19 -7.97
C GLN A 98 1.42 1.15 -7.99
N TYR A 99 2.60 0.55 -7.94
CA TYR A 99 3.83 1.32 -7.94
C TYR A 99 3.70 2.54 -8.87
N ASN A 100 4.20 3.67 -8.38
CA ASN A 100 4.14 4.90 -9.15
C ASN A 100 5.51 5.58 -9.11
N PRO A 101 6.15 5.68 -10.31
CA PRO A 101 7.45 6.30 -10.43
C PRO A 101 7.35 7.82 -10.31
N HIS A 102 6.74 8.27 -9.22
CA HIS A 102 6.57 9.68 -8.98
C HIS A 102 6.12 9.90 -7.53
N VAL A 103 6.95 9.43 -6.61
CA VAL A 103 6.66 9.56 -5.20
C VAL A 103 7.93 9.95 -4.45
N HIS A 104 7.84 11.02 -3.68
CA HIS A 104 8.98 11.49 -2.91
C HIS A 104 8.54 12.67 -2.04
N GLN A 105 8.85 12.54 -0.75
CA GLN A 105 8.50 13.58 0.21
C GLN A 105 9.57 13.69 1.29
N LEU A 106 10.42 14.70 1.15
CA LEU A 106 11.49 14.93 2.10
C LEU A 106 12.31 13.65 2.25
N SER A 107 13.37 13.76 3.04
CA SER A 107 14.25 12.62 3.27
C SER A 107 14.92 12.20 1.97
N SER A 108 16.08 11.59 2.11
CA SER A 108 16.84 11.13 0.95
C SER A 108 17.31 12.34 0.13
N HIS A 109 18.53 12.77 0.41
CA HIS A 109 19.10 13.91 -0.29
C HIS A 109 20.58 14.04 0.06
N SER A 110 21.27 14.88 -0.69
CA SER A 110 22.68 15.12 -0.47
C SER A 110 22.89 16.44 0.26
N ARG A 111 23.36 16.33 1.50
CA ARG A 111 23.61 17.51 2.32
C ARG A 111 25.10 17.86 2.31
N SER A 112 25.40 19.06 2.76
CA SER A 112 26.77 19.53 2.81
C SER A 112 27.07 20.14 4.17
N GLY A 113 28.30 19.93 4.64
CA GLY A 113 28.72 20.44 5.93
C GLY A 113 30.25 20.42 6.05
N PRO A 114 30.76 21.28 6.97
CA PRO A 114 32.18 21.37 7.20
C PRO A 114 32.68 20.16 8.01
N SER A 115 33.99 20.12 8.21
CA SER A 115 34.60 19.04 8.97
C SER A 115 35.19 19.58 10.27
N SER A 116 34.46 19.35 11.35
CA SER A 116 34.91 19.80 12.66
C SER A 116 34.83 18.65 13.67
N GLY A 117 35.82 18.60 14.54
CA GLY A 117 35.87 17.56 15.56
C GLY A 117 36.76 17.99 16.74
N GLY A 1 -20.39 3.10 -4.91
CA GLY A 1 -20.12 1.80 -4.31
C GLY A 1 -18.93 1.12 -4.98
N SER A 2 -19.17 0.58 -6.17
CA SER A 2 -18.13 -0.10 -6.92
C SER A 2 -17.68 -1.35 -6.17
N SER A 3 -18.10 -2.49 -6.71
CA SER A 3 -17.74 -3.77 -6.11
C SER A 3 -17.89 -4.90 -7.15
N GLY A 4 -17.01 -5.87 -7.04
CA GLY A 4 -17.03 -7.00 -7.95
C GLY A 4 -15.70 -7.13 -8.70
N SER A 5 -15.57 -8.22 -9.44
CA SER A 5 -14.36 -8.48 -10.19
C SER A 5 -14.67 -8.48 -11.68
N SER A 6 -15.41 -9.49 -12.11
CA SER A 6 -15.79 -9.63 -13.50
C SER A 6 -14.57 -10.06 -14.33
N GLY A 7 -14.86 -10.66 -15.48
CA GLY A 7 -13.81 -11.13 -16.36
C GLY A 7 -13.06 -9.96 -16.98
N GLY A 8 -11.74 -10.10 -17.04
CA GLY A 8 -10.89 -9.07 -17.60
C GLY A 8 -10.78 -9.22 -19.12
N GLU A 9 -11.21 -8.19 -19.82
CA GLU A 9 -11.17 -8.20 -21.28
C GLU A 9 -10.61 -6.87 -21.80
N ARG A 10 -9.33 -6.65 -21.51
CA ARG A 10 -8.66 -5.44 -21.95
C ARG A 10 -7.21 -5.73 -22.31
N ARG A 11 -6.92 -5.61 -23.59
CA ARG A 11 -5.57 -5.86 -24.08
C ARG A 11 -4.66 -4.67 -23.75
N LYS A 12 -3.76 -4.90 -22.80
CA LYS A 12 -2.83 -3.88 -22.38
C LYS A 12 -1.75 -4.50 -21.47
N ASP A 13 -0.66 -3.77 -21.34
CA ASP A 13 0.45 -4.24 -20.51
C ASP A 13 1.44 -3.10 -20.32
N ARG A 14 1.60 -2.70 -19.06
CA ARG A 14 2.51 -1.62 -18.72
C ARG A 14 2.47 -0.53 -19.79
N PRO A 15 1.42 0.32 -19.71
CA PRO A 15 1.25 1.40 -20.67
C PRO A 15 2.25 2.53 -20.38
N TYR A 16 2.71 2.59 -19.14
CA TYR A 16 3.65 3.61 -18.73
C TYR A 16 4.16 3.35 -17.31
N VAL A 17 3.22 3.08 -16.42
CA VAL A 17 3.56 2.81 -15.03
C VAL A 17 3.19 1.37 -14.70
N GLU A 18 3.59 0.95 -13.50
CA GLU A 18 3.31 -0.40 -13.05
C GLU A 18 1.84 -0.54 -12.66
N GLU A 19 1.07 -1.16 -13.55
CA GLU A 19 -0.34 -1.36 -13.31
C GLU A 19 -0.59 -1.64 -11.83
N PRO A 20 -1.82 -1.30 -11.38
CA PRO A 20 -2.21 -1.51 -10.00
C PRO A 20 -2.49 -2.99 -9.73
N ARG A 21 -1.54 -3.63 -9.06
CA ARG A 21 -1.68 -5.05 -8.74
C ARG A 21 -2.45 -5.22 -7.42
N HIS A 22 -3.11 -6.36 -7.31
CA HIS A 22 -3.89 -6.66 -6.11
C HIS A 22 -3.10 -7.64 -5.24
N VAL A 23 -2.44 -7.10 -4.23
CA VAL A 23 -1.65 -7.92 -3.32
C VAL A 23 -2.57 -8.45 -2.22
N LYS A 24 -2.51 -9.76 -2.03
CA LYS A 24 -3.32 -10.42 -1.03
C LYS A 24 -2.55 -10.46 0.30
N VAL A 25 -3.29 -10.68 1.38
CA VAL A 25 -2.70 -10.75 2.69
C VAL A 25 -3.30 -11.91 3.48
N GLN A 26 -2.45 -12.57 4.24
CA GLN A 26 -2.88 -13.71 5.04
C GLN A 26 -2.70 -13.42 6.52
N LYS A 27 -3.52 -12.52 7.04
CA LYS A 27 -3.46 -12.15 8.44
C LYS A 27 -3.77 -13.37 9.30
N GLY A 28 -5.01 -13.43 9.76
CA GLY A 28 -5.43 -14.55 10.59
C GLY A 28 -5.81 -14.06 12.01
N SER A 29 -4.83 -13.45 12.66
CA SER A 29 -5.05 -12.94 14.01
C SER A 29 -3.91 -11.98 14.39
N GLU A 30 -3.45 -11.24 13.40
CA GLU A 30 -2.36 -10.29 13.61
C GLU A 30 -2.54 -9.08 12.70
N PRO A 31 -1.88 -7.96 13.12
CA PRO A 31 -1.95 -6.73 12.35
C PRO A 31 -1.09 -6.81 11.09
N LEU A 32 -1.23 -5.80 10.24
CA LEU A 32 -0.48 -5.75 9.01
C LEU A 32 1.01 -5.52 9.33
N GLY A 33 1.26 -4.42 10.02
CA GLY A 33 2.62 -4.08 10.41
C GLY A 33 3.31 -3.26 9.31
N ILE A 34 2.73 -2.09 9.05
CA ILE A 34 3.28 -1.21 8.03
C ILE A 34 2.85 0.23 8.34
N SER A 35 3.65 1.17 7.84
CA SER A 35 3.38 2.58 8.06
C SER A 35 2.82 3.20 6.78
N ILE A 36 1.86 4.09 6.95
CA ILE A 36 1.24 4.77 5.82
C ILE A 36 1.14 6.27 6.13
N VAL A 37 1.14 7.05 5.05
CA VAL A 37 1.06 8.49 5.18
C VAL A 37 0.08 9.04 4.14
N SER A 38 -0.57 10.14 4.50
CA SER A 38 -1.52 10.77 3.60
C SER A 38 -0.87 11.93 2.86
N GLY A 39 -1.30 12.12 1.62
CA GLY A 39 -0.76 13.19 0.79
C GLY A 39 -1.66 14.42 0.83
N GLU A 40 -1.07 15.55 0.50
CA GLU A 40 -1.80 16.81 0.50
C GLU A 40 -3.22 16.60 -0.03
N LYS A 41 -3.29 16.37 -1.34
CA LYS A 41 -4.58 16.15 -1.98
C LYS A 41 -5.26 14.94 -1.34
N GLY A 42 -4.47 13.92 -1.06
CA GLY A 42 -4.99 12.71 -0.45
C GLY A 42 -4.07 11.52 -0.73
N GLY A 43 -4.69 10.41 -1.09
CA GLY A 43 -3.95 9.20 -1.39
C GLY A 43 -3.11 8.76 -0.18
N ILE A 44 -2.78 7.47 -0.17
CA ILE A 44 -2.00 6.92 0.92
C ILE A 44 -0.73 6.28 0.34
N TYR A 45 0.35 6.40 1.10
CA TYR A 45 1.62 5.84 0.68
C TYR A 45 2.38 5.23 1.86
N VAL A 46 2.86 4.02 1.66
CA VAL A 46 3.60 3.31 2.70
C VAL A 46 4.79 4.17 3.13
N SER A 47 4.95 4.26 4.45
CA SER A 47 6.04 5.05 5.01
C SER A 47 7.11 4.11 5.59
N LYS A 48 6.69 2.88 5.82
CA LYS A 48 7.60 1.89 6.38
C LYS A 48 6.88 0.53 6.45
N VAL A 49 7.68 -0.52 6.47
CA VAL A 49 7.14 -1.87 6.54
C VAL A 49 7.83 -2.64 7.66
N THR A 50 7.13 -3.63 8.18
CA THR A 50 7.66 -4.44 9.26
C THR A 50 8.09 -5.82 8.73
N VAL A 51 9.37 -6.10 8.88
CA VAL A 51 9.92 -7.38 8.42
C VAL A 51 9.37 -8.50 9.29
N GLY A 52 8.92 -9.56 8.64
CA GLY A 52 8.37 -10.71 9.34
C GLY A 52 6.89 -10.53 9.61
N SER A 53 6.45 -9.28 9.50
CA SER A 53 5.05 -8.96 9.73
C SER A 53 4.20 -9.37 8.53
N ILE A 54 2.90 -9.50 8.76
CA ILE A 54 1.98 -9.89 7.70
C ILE A 54 2.42 -9.23 6.39
N ALA A 55 2.38 -7.91 6.40
CA ALA A 55 2.76 -7.15 5.21
C ALA A 55 3.95 -7.84 4.53
N HIS A 56 5.08 -7.80 5.21
CA HIS A 56 6.29 -8.42 4.68
C HIS A 56 5.93 -9.73 3.97
N GLN A 57 5.18 -10.56 4.68
CA GLN A 57 4.77 -11.84 4.13
C GLN A 57 3.99 -11.64 2.83
N ALA A 58 3.06 -10.69 2.88
CA ALA A 58 2.26 -10.39 1.71
C ALA A 58 3.16 -9.95 0.56
N GLY A 59 4.26 -9.31 0.93
CA GLY A 59 5.21 -8.84 -0.05
C GLY A 59 5.02 -7.34 -0.34
N LEU A 60 4.68 -6.62 0.72
CA LEU A 60 4.45 -5.18 0.60
C LEU A 60 5.80 -4.46 0.65
N GLU A 61 5.74 -3.15 0.45
CA GLU A 61 6.93 -2.33 0.47
C GLU A 61 6.56 -0.85 0.58
N TYR A 62 7.59 -0.02 0.70
CA TYR A 62 7.39 1.41 0.82
C TYR A 62 7.26 2.06 -0.57
N GLY A 63 6.52 3.15 -0.60
CA GLY A 63 6.31 3.87 -1.86
C GLY A 63 5.14 3.27 -2.64
N ASP A 64 4.63 2.16 -2.12
CA ASP A 64 3.51 1.48 -2.76
C ASP A 64 2.23 2.25 -2.49
N GLN A 65 1.66 2.79 -3.56
CA GLN A 65 0.43 3.56 -3.46
C GLN A 65 -0.77 2.62 -3.33
N LEU A 66 -1.41 2.67 -2.17
CA LEU A 66 -2.56 1.82 -1.90
C LEU A 66 -3.79 2.44 -2.57
N LEU A 67 -4.47 1.62 -3.35
CA LEU A 67 -5.67 2.08 -4.06
C LEU A 67 -6.90 1.69 -3.25
N GLU A 68 -7.03 0.39 -2.99
CA GLU A 68 -8.15 -0.11 -2.23
C GLU A 68 -7.67 -1.10 -1.16
N PHE A 69 -8.63 -1.58 -0.39
CA PHE A 69 -8.31 -2.52 0.68
C PHE A 69 -9.51 -3.44 0.97
N ASN A 70 -9.46 -4.63 0.39
CA ASN A 70 -10.52 -5.60 0.57
C ASN A 70 -11.84 -5.00 0.10
N GLY A 71 -11.73 -3.94 -0.69
CA GLY A 71 -12.90 -3.26 -1.22
C GLY A 71 -12.88 -1.77 -0.87
N ILE A 72 -12.27 -1.48 0.27
CA ILE A 72 -12.17 -0.10 0.73
C ILE A 72 -11.36 0.72 -0.29
N ASN A 73 -11.57 2.02 -0.24
CA ASN A 73 -10.87 2.92 -1.15
C ASN A 73 -9.83 3.72 -0.35
N LEU A 74 -8.58 3.32 -0.51
CA LEU A 74 -7.48 3.99 0.17
C LEU A 74 -7.06 5.22 -0.64
N ARG A 75 -7.36 5.17 -1.93
CA ARG A 75 -7.01 6.26 -2.82
C ARG A 75 -7.59 7.58 -2.30
N SER A 76 -8.59 7.45 -1.44
CA SER A 76 -9.23 8.62 -0.86
C SER A 76 -9.08 8.60 0.66
N ALA A 77 -9.14 7.40 1.21
CA ALA A 77 -9.01 7.23 2.66
C ALA A 77 -7.87 8.12 3.17
N THR A 78 -7.85 8.30 4.48
CA THR A 78 -6.82 9.12 5.10
C THR A 78 -5.75 8.24 5.74
N GLU A 79 -4.90 8.88 6.54
CA GLU A 79 -3.83 8.17 7.22
C GLU A 79 -4.35 7.51 8.50
N GLN A 80 -5.25 8.22 9.17
CA GLN A 80 -5.83 7.72 10.40
C GLN A 80 -6.79 6.56 10.12
N GLN A 81 -7.50 6.70 9.01
CA GLN A 81 -8.45 5.68 8.60
C GLN A 81 -7.73 4.49 7.99
N ALA A 82 -6.66 4.80 7.25
CA ALA A 82 -5.88 3.77 6.60
C ALA A 82 -5.15 2.94 7.66
N ARG A 83 -4.62 3.65 8.66
CA ARG A 83 -3.91 3.00 9.74
C ARG A 83 -4.86 2.10 10.54
N LEU A 84 -6.14 2.26 10.27
CA LEU A 84 -7.15 1.48 10.96
C LEU A 84 -7.63 0.35 10.05
N ILE A 85 -8.07 0.74 8.85
CA ILE A 85 -8.54 -0.23 7.88
C ILE A 85 -7.54 -1.39 7.79
N ILE A 86 -6.28 -1.03 7.67
CA ILE A 86 -5.23 -2.02 7.58
C ILE A 86 -5.09 -2.75 8.92
N GLY A 87 -5.34 -2.00 9.98
CA GLY A 87 -5.25 -2.55 11.33
C GLY A 87 -6.58 -3.17 11.75
N GLN A 88 -7.25 -3.78 10.80
CA GLN A 88 -8.54 -4.41 11.07
C GLN A 88 -8.37 -5.93 11.14
N GLN A 89 -9.51 -6.61 11.26
CA GLN A 89 -9.50 -8.06 11.34
C GLN A 89 -9.94 -8.66 9.99
N CYS A 90 -9.37 -9.81 9.69
CA CYS A 90 -9.69 -10.51 8.44
C CYS A 90 -8.56 -11.51 8.16
N ASP A 91 -8.91 -12.78 8.29
CA ASP A 91 -7.94 -13.84 8.05
C ASP A 91 -7.23 -13.58 6.72
N THR A 92 -8.02 -13.22 5.72
CA THR A 92 -7.48 -12.94 4.40
C THR A 92 -8.08 -11.65 3.85
N ILE A 93 -7.21 -10.67 3.63
CA ILE A 93 -7.64 -9.39 3.10
C ILE A 93 -6.82 -9.06 1.85
N THR A 94 -7.50 -8.49 0.87
CA THR A 94 -6.85 -8.11 -0.38
C THR A 94 -6.47 -6.64 -0.37
N ILE A 95 -5.43 -6.31 -1.11
CA ILE A 95 -4.96 -4.94 -1.20
C ILE A 95 -4.64 -4.60 -2.65
N LEU A 96 -4.91 -3.35 -3.01
CA LEU A 96 -4.65 -2.89 -4.36
C LEU A 96 -3.56 -1.83 -4.33
N ALA A 97 -2.37 -2.24 -4.77
CA ALA A 97 -1.23 -1.34 -4.81
C ALA A 97 -0.93 -0.95 -6.25
N GLN A 98 0.00 -0.02 -6.41
CA GLN A 98 0.40 0.45 -7.73
C GLN A 98 1.71 1.21 -7.65
N TYR A 99 2.80 0.47 -7.54
CA TYR A 99 4.12 1.06 -7.46
C TYR A 99 4.27 2.18 -8.49
N ASN A 100 4.69 3.34 -7.99
CA ASN A 100 4.89 4.50 -8.85
C ASN A 100 6.31 5.01 -8.69
N PRO A 101 7.09 4.90 -9.80
CA PRO A 101 8.47 5.36 -9.80
C PRO A 101 8.56 6.88 -9.84
N HIS A 102 7.88 7.51 -8.89
CA HIS A 102 7.86 8.95 -8.82
C HIS A 102 7.44 9.40 -7.40
N VAL A 103 8.18 8.88 -6.42
CA VAL A 103 7.90 9.21 -5.03
C VAL A 103 9.03 8.69 -4.16
N HIS A 104 9.62 9.62 -3.40
CA HIS A 104 10.71 9.27 -2.52
C HIS A 104 11.03 10.45 -1.60
N GLN A 105 11.08 10.16 -0.32
CA GLN A 105 11.37 11.18 0.68
C GLN A 105 12.60 10.79 1.51
N LEU A 106 13.69 11.52 1.27
CA LEU A 106 14.93 11.27 1.99
C LEU A 106 15.89 12.43 1.73
N SER A 107 16.26 13.10 2.81
CA SER A 107 17.18 14.21 2.73
C SER A 107 18.51 13.85 3.38
N SER A 108 19.54 13.76 2.53
CA SER A 108 20.86 13.42 3.00
C SER A 108 21.86 13.47 1.84
N HIS A 109 22.97 14.17 2.09
CA HIS A 109 24.00 14.31 1.08
C HIS A 109 24.98 13.14 1.18
N SER A 110 25.94 13.13 0.27
CA SER A 110 26.94 12.08 0.25
C SER A 110 28.35 12.70 0.22
N ARG A 111 29.34 11.83 0.30
CA ARG A 111 30.73 12.27 0.28
C ARG A 111 31.55 11.42 -0.69
N SER A 112 32.68 11.97 -1.11
CA SER A 112 33.55 11.28 -2.04
C SER A 112 34.22 10.09 -1.33
N GLY A 113 33.83 8.90 -1.76
CA GLY A 113 34.38 7.68 -1.18
C GLY A 113 35.90 7.63 -1.35
N PRO A 114 36.49 6.50 -0.88
CA PRO A 114 37.93 6.32 -0.97
C PRO A 114 38.35 5.98 -2.40
N SER A 115 37.69 4.96 -2.94
CA SER A 115 37.98 4.52 -4.30
C SER A 115 39.34 3.83 -4.34
N SER A 116 39.55 3.07 -5.40
CA SER A 116 40.81 2.36 -5.58
C SER A 116 41.34 2.59 -6.99
N GLY A 117 42.61 2.25 -7.17
CA GLY A 117 43.25 2.41 -8.47
C GLY A 117 42.83 1.29 -9.43
N GLY A 1 -6.09 8.39 -18.77
CA GLY A 1 -7.29 7.65 -19.16
C GLY A 1 -7.00 6.15 -19.23
N SER A 2 -6.91 5.53 -18.07
CA SER A 2 -6.64 4.11 -17.98
C SER A 2 -7.86 3.31 -18.47
N SER A 3 -7.58 2.14 -19.01
CA SER A 3 -8.64 1.28 -19.51
C SER A 3 -9.34 0.57 -18.34
N GLY A 4 -8.55 -0.18 -17.59
CA GLY A 4 -9.07 -0.91 -16.45
C GLY A 4 -9.17 -2.41 -16.75
N SER A 5 -8.85 -3.20 -15.73
CA SER A 5 -8.88 -4.65 -15.88
C SER A 5 -8.68 -5.31 -14.52
N SER A 6 -9.73 -5.98 -14.06
CA SER A 6 -9.68 -6.66 -12.77
C SER A 6 -10.13 -8.12 -12.94
N GLY A 7 -9.67 -8.96 -12.02
CA GLY A 7 -10.02 -10.37 -12.05
C GLY A 7 -8.77 -11.24 -12.18
N GLY A 8 -8.20 -11.24 -13.37
CA GLY A 8 -7.01 -12.02 -13.63
C GLY A 8 -6.01 -11.92 -12.47
N GLU A 9 -5.19 -12.95 -12.34
CA GLU A 9 -4.20 -12.98 -11.28
C GLU A 9 -2.79 -12.95 -11.87
N ARG A 10 -2.02 -11.96 -11.45
CA ARG A 10 -0.66 -11.80 -11.93
C ARG A 10 -0.66 -11.45 -13.42
N ARG A 11 -0.61 -10.16 -13.68
CA ARG A 11 -0.60 -9.67 -15.05
C ARG A 11 0.12 -8.32 -15.14
N LYS A 12 0.94 -8.19 -16.17
CA LYS A 12 1.70 -6.97 -16.38
C LYS A 12 1.27 -6.34 -17.70
N ASP A 13 1.35 -5.01 -17.74
CA ASP A 13 0.99 -4.28 -18.94
C ASP A 13 1.06 -2.77 -18.66
N ARG A 14 1.08 -2.01 -19.73
CA ARG A 14 1.15 -0.56 -19.61
C ARG A 14 2.50 -0.14 -19.01
N PRO A 15 3.30 0.57 -19.85
CA PRO A 15 4.61 1.02 -19.40
C PRO A 15 4.48 2.22 -18.47
N TYR A 16 3.41 2.97 -18.66
CA TYR A 16 3.16 4.15 -17.84
C TYR A 16 3.58 3.90 -16.39
N VAL A 17 3.07 2.81 -15.83
CA VAL A 17 3.39 2.45 -14.46
C VAL A 17 2.88 1.03 -14.17
N GLU A 18 3.62 0.33 -13.33
CA GLU A 18 3.26 -1.04 -12.97
C GLU A 18 1.77 -1.10 -12.61
N GLU A 19 1.00 -1.71 -13.51
CA GLU A 19 -0.43 -1.84 -13.30
C GLU A 19 -0.73 -2.15 -11.83
N PRO A 20 -1.97 -1.81 -11.41
CA PRO A 20 -2.39 -2.05 -10.04
C PRO A 20 -2.67 -3.53 -9.80
N ARG A 21 -1.85 -4.12 -8.94
CA ARG A 21 -2.00 -5.53 -8.61
C ARG A 21 -2.84 -5.70 -7.35
N HIS A 22 -3.19 -6.95 -7.07
CA HIS A 22 -3.99 -7.25 -5.90
C HIS A 22 -3.19 -8.13 -4.93
N VAL A 23 -2.44 -7.48 -4.06
CA VAL A 23 -1.63 -8.19 -3.09
C VAL A 23 -2.53 -8.80 -2.02
N LYS A 24 -2.45 -10.11 -1.89
CA LYS A 24 -3.24 -10.83 -0.91
C LYS A 24 -2.51 -10.86 0.43
N VAL A 25 -3.27 -11.11 1.48
CA VAL A 25 -2.70 -11.15 2.82
C VAL A 25 -3.36 -12.29 3.61
N GLN A 26 -2.58 -12.90 4.47
CA GLN A 26 -3.08 -14.00 5.29
C GLN A 26 -2.85 -13.69 6.77
N LYS A 27 -3.35 -12.54 7.20
CA LYS A 27 -3.21 -12.13 8.58
C LYS A 27 -3.37 -13.35 9.49
N GLY A 28 -4.59 -13.89 9.49
CA GLY A 28 -4.90 -15.04 10.31
C GLY A 28 -5.12 -14.64 11.77
N SER A 29 -4.09 -14.04 12.35
CA SER A 29 -4.17 -13.60 13.74
C SER A 29 -3.03 -12.65 14.06
N GLU A 30 -2.69 -11.84 13.07
CA GLU A 30 -1.61 -10.87 13.22
C GLU A 30 -1.89 -9.63 12.37
N PRO A 31 -1.37 -8.47 12.87
CA PRO A 31 -1.56 -7.21 12.18
C PRO A 31 -0.65 -7.12 10.94
N LEU A 32 -1.04 -6.27 10.02
CA LEU A 32 -0.28 -6.08 8.80
C LEU A 32 1.16 -5.70 9.16
N GLY A 33 1.29 -4.57 9.81
CA GLY A 33 2.61 -4.09 10.21
C GLY A 33 3.26 -3.26 9.10
N ILE A 34 2.55 -2.22 8.68
CA ILE A 34 3.04 -1.36 7.62
C ILE A 34 2.63 0.09 7.92
N SER A 35 3.60 0.98 7.79
CA SER A 35 3.35 2.39 8.03
C SER A 35 2.71 3.04 6.81
N ILE A 36 1.88 4.04 7.07
CA ILE A 36 1.20 4.74 6.00
C ILE A 36 1.23 6.24 6.28
N VAL A 37 1.21 7.02 5.21
CA VAL A 37 1.23 8.47 5.33
C VAL A 37 0.30 9.08 4.27
N SER A 38 -0.26 10.22 4.62
CA SER A 38 -1.17 10.91 3.72
C SER A 38 -0.44 12.09 3.04
N GLY A 39 -0.81 12.34 1.80
CA GLY A 39 -0.20 13.42 1.04
C GLY A 39 -1.07 14.69 1.12
N GLU A 40 -0.40 15.82 0.95
CA GLU A 40 -1.09 17.10 1.00
C GLU A 40 -1.92 17.29 -0.26
N LYS A 41 -2.86 16.37 -0.46
CA LYS A 41 -3.74 16.43 -1.61
C LYS A 41 -4.73 15.27 -1.56
N GLY A 42 -4.19 14.10 -1.20
CA GLY A 42 -5.01 12.90 -1.11
C GLY A 42 -4.22 11.67 -1.53
N GLY A 43 -4.52 10.55 -0.89
CA GLY A 43 -3.85 9.30 -1.18
C GLY A 43 -2.99 8.84 0.00
N ILE A 44 -2.84 7.53 0.10
CA ILE A 44 -2.05 6.95 1.18
C ILE A 44 -0.84 6.23 0.58
N TYR A 45 0.29 6.39 1.26
CA TYR A 45 1.52 5.76 0.81
C TYR A 45 2.22 5.04 1.96
N VAL A 46 2.84 3.92 1.64
CA VAL A 46 3.55 3.13 2.63
C VAL A 46 4.76 3.92 3.13
N SER A 47 4.83 4.05 4.45
CA SER A 47 5.94 4.78 5.06
C SER A 47 7.02 3.81 5.51
N LYS A 48 6.60 2.57 5.74
CA LYS A 48 7.53 1.54 6.17
C LYS A 48 6.76 0.25 6.45
N VAL A 49 7.52 -0.80 6.75
CA VAL A 49 6.91 -2.10 7.04
C VAL A 49 7.19 -2.48 8.50
N THR A 50 6.96 -3.75 8.79
CA THR A 50 7.19 -4.25 10.14
C THR A 50 8.25 -5.35 10.13
N VAL A 51 8.65 -5.74 8.92
CA VAL A 51 9.66 -6.77 8.76
C VAL A 51 9.15 -8.07 9.38
N GLY A 52 9.38 -9.17 8.67
CA GLY A 52 8.96 -10.48 9.13
C GLY A 52 7.52 -10.43 9.65
N SER A 53 6.73 -9.55 9.04
CA SER A 53 5.34 -9.40 9.44
C SER A 53 4.43 -9.74 8.26
N ILE A 54 3.16 -9.91 8.57
CA ILE A 54 2.16 -10.25 7.56
C ILE A 54 2.49 -9.49 6.27
N ALA A 55 2.53 -8.16 6.40
CA ALA A 55 2.83 -7.32 5.25
C ALA A 55 4.03 -7.90 4.49
N HIS A 56 5.16 -7.91 5.16
CA HIS A 56 6.38 -8.44 4.56
C HIS A 56 6.05 -9.68 3.73
N GLN A 57 5.26 -10.57 4.34
CA GLN A 57 4.86 -11.79 3.67
C GLN A 57 4.07 -11.47 2.40
N ALA A 58 3.12 -10.55 2.55
CA ALA A 58 2.29 -10.15 1.43
C ALA A 58 3.18 -9.55 0.33
N GLY A 59 4.39 -9.19 0.72
CA GLY A 59 5.33 -8.60 -0.22
C GLY A 59 5.02 -7.13 -0.47
N LEU A 60 4.83 -6.40 0.62
CA LEU A 60 4.53 -4.98 0.54
C LEU A 60 5.79 -4.17 0.80
N GLU A 61 5.91 -3.06 0.08
CA GLU A 61 7.06 -2.19 0.23
C GLU A 61 6.62 -0.73 0.28
N TYR A 62 7.58 0.13 0.58
CA TYR A 62 7.30 1.55 0.67
C TYR A 62 7.01 2.14 -0.72
N GLY A 63 6.26 3.23 -0.71
CA GLY A 63 5.90 3.89 -1.96
C GLY A 63 4.61 3.31 -2.54
N ASP A 64 4.41 2.03 -2.29
CA ASP A 64 3.23 1.34 -2.78
C ASP A 64 1.98 2.11 -2.34
N GLN A 65 1.43 2.86 -3.27
CA GLN A 65 0.23 3.66 -2.99
C GLN A 65 -0.99 2.73 -2.88
N LEU A 66 -1.58 2.75 -1.69
CA LEU A 66 -2.76 1.94 -1.42
C LEU A 66 -3.96 2.53 -2.16
N LEU A 67 -4.35 1.86 -3.23
CA LEU A 67 -5.48 2.30 -4.03
C LEU A 67 -6.79 1.87 -3.35
N GLU A 68 -6.84 0.58 -3.03
CA GLU A 68 -8.01 0.02 -2.38
C GLU A 68 -7.61 -1.14 -1.47
N PHE A 69 -8.23 -1.17 -0.29
CA PHE A 69 -7.94 -2.22 0.67
C PHE A 69 -9.13 -3.17 0.80
N ASN A 70 -8.96 -4.35 0.21
CA ASN A 70 -10.00 -5.36 0.25
C ASN A 70 -11.28 -4.79 -0.37
N GLY A 71 -11.10 -3.71 -1.12
CA GLY A 71 -12.24 -3.07 -1.77
C GLY A 71 -12.31 -1.58 -1.39
N ILE A 72 -12.15 -1.33 -0.09
CA ILE A 72 -12.20 0.03 0.40
C ILE A 72 -11.44 0.95 -0.56
N ASN A 73 -11.86 2.21 -0.57
CA ASN A 73 -11.23 3.20 -1.43
C ASN A 73 -10.27 4.05 -0.61
N LEU A 74 -8.99 3.90 -0.92
CA LEU A 74 -7.96 4.66 -0.22
C LEU A 74 -7.88 6.07 -0.80
N ARG A 75 -8.00 6.14 -2.12
CA ARG A 75 -7.94 7.42 -2.81
C ARG A 75 -8.69 8.49 -2.02
N SER A 76 -9.79 8.06 -1.41
CA SER A 76 -10.60 8.96 -0.61
C SER A 76 -10.54 8.57 0.86
N ALA A 77 -9.32 8.37 1.33
CA ALA A 77 -9.09 8.00 2.71
C ALA A 77 -8.03 8.91 3.33
N THR A 78 -7.70 8.62 4.58
CA THR A 78 -6.71 9.41 5.29
C THR A 78 -5.75 8.50 6.05
N GLU A 79 -4.77 9.12 6.70
CA GLU A 79 -3.78 8.37 7.46
C GLU A 79 -4.44 7.73 8.68
N GLN A 80 -5.38 8.44 9.26
CA GLN A 80 -6.09 7.95 10.43
C GLN A 80 -6.99 6.76 10.05
N GLN A 81 -7.63 6.89 8.90
CA GLN A 81 -8.52 5.85 8.41
C GLN A 81 -7.70 4.64 7.96
N ALA A 82 -6.75 4.90 7.06
CA ALA A 82 -5.90 3.85 6.55
C ALA A 82 -5.41 2.98 7.70
N ARG A 83 -4.78 3.62 8.67
CA ARG A 83 -4.28 2.92 9.83
C ARG A 83 -5.37 2.08 10.47
N LEU A 84 -6.60 2.51 10.27
CA LEU A 84 -7.75 1.80 10.81
C LEU A 84 -8.18 0.70 9.84
N ILE A 85 -8.11 1.03 8.55
CA ILE A 85 -8.49 0.08 7.53
C ILE A 85 -7.51 -1.09 7.54
N ILE A 86 -6.26 -0.79 7.23
CA ILE A 86 -5.22 -1.82 7.20
C ILE A 86 -5.20 -2.54 8.54
N GLY A 87 -5.73 -1.87 9.56
CA GLY A 87 -5.78 -2.45 10.90
C GLY A 87 -7.10 -3.17 11.13
N GLN A 88 -7.83 -3.37 10.05
CA GLN A 88 -9.12 -4.05 10.13
C GLN A 88 -8.93 -5.48 10.65
N GLN A 89 -10.04 -6.21 10.66
CA GLN A 89 -10.01 -7.59 11.13
C GLN A 89 -10.47 -8.53 10.02
N CYS A 90 -9.54 -9.41 9.63
CA CYS A 90 -9.84 -10.37 8.58
C CYS A 90 -8.62 -11.30 8.44
N ASP A 91 -8.87 -12.58 8.68
CA ASP A 91 -7.81 -13.57 8.58
C ASP A 91 -7.03 -13.36 7.29
N THR A 92 -7.77 -13.29 6.19
CA THR A 92 -7.16 -13.08 4.89
C THR A 92 -7.79 -11.88 4.19
N ILE A 93 -6.99 -10.84 4.02
CA ILE A 93 -7.45 -9.63 3.37
C ILE A 93 -6.56 -9.33 2.16
N THR A 94 -7.18 -8.73 1.15
CA THR A 94 -6.46 -8.40 -0.06
C THR A 94 -6.14 -6.90 -0.10
N ILE A 95 -5.20 -6.55 -0.96
CA ILE A 95 -4.80 -5.15 -1.09
C ILE A 95 -4.54 -4.84 -2.57
N LEU A 96 -4.92 -3.62 -2.95
CA LEU A 96 -4.74 -3.20 -4.32
C LEU A 96 -3.68 -2.09 -4.38
N ALA A 97 -2.44 -2.51 -4.50
CA ALA A 97 -1.33 -1.57 -4.56
C ALA A 97 -1.01 -1.26 -6.02
N GLN A 98 -0.09 -0.32 -6.21
CA GLN A 98 0.32 0.07 -7.54
C GLN A 98 1.58 0.94 -7.48
N TYR A 99 2.72 0.27 -7.40
CA TYR A 99 3.99 0.95 -7.34
C TYR A 99 3.99 2.19 -8.24
N ASN A 100 4.66 3.23 -7.76
CA ASN A 100 4.74 4.47 -8.50
C ASN A 100 6.19 4.98 -8.49
N PRO A 101 6.84 4.90 -9.68
CA PRO A 101 8.22 5.34 -9.82
C PRO A 101 8.31 6.87 -9.82
N HIS A 102 7.74 7.47 -8.79
CA HIS A 102 7.74 8.91 -8.66
C HIS A 102 6.81 9.34 -7.52
N VAL A 103 7.32 9.24 -6.31
CA VAL A 103 6.55 9.61 -5.13
C VAL A 103 7.42 10.43 -4.18
N HIS A 104 8.56 9.84 -3.83
CA HIS A 104 9.49 10.50 -2.93
C HIS A 104 8.72 11.22 -1.82
N GLN A 105 8.31 10.43 -0.83
CA GLN A 105 7.56 10.98 0.29
C GLN A 105 8.52 11.43 1.40
N LEU A 106 9.10 12.60 1.18
CA LEU A 106 10.03 13.16 2.15
C LEU A 106 9.25 13.79 3.30
N SER A 107 9.94 13.96 4.42
CA SER A 107 9.32 14.55 5.60
C SER A 107 10.35 14.68 6.71
N SER A 108 10.10 15.64 7.60
CA SER A 108 11.00 15.88 8.71
C SER A 108 10.97 14.70 9.68
N HIS A 109 12.12 14.07 9.82
CA HIS A 109 12.24 12.91 10.71
C HIS A 109 13.13 13.28 11.89
N SER A 110 13.11 12.42 12.90
CA SER A 110 13.90 12.63 14.10
C SER A 110 13.78 11.44 15.03
N ARG A 111 14.69 10.49 14.87
CA ARG A 111 14.69 9.29 15.69
C ARG A 111 15.78 9.38 16.76
N SER A 112 15.32 9.56 18.00
CA SER A 112 16.24 9.67 19.12
C SER A 112 16.22 8.37 19.94
N GLY A 113 17.34 8.10 20.59
CA GLY A 113 17.45 6.91 21.41
C GLY A 113 18.75 6.15 21.10
N PRO A 114 19.23 5.39 22.13
CA PRO A 114 20.46 4.62 21.97
C PRO A 114 20.23 3.39 21.11
N SER A 115 21.32 2.69 20.84
CA SER A 115 21.25 1.49 20.02
C SER A 115 22.64 0.84 19.92
N SER A 116 23.56 1.59 19.34
CA SER A 116 24.92 1.10 19.18
C SER A 116 24.93 -0.20 18.37
N GLY A 117 25.10 -0.05 17.07
CA GLY A 117 25.13 -1.19 16.17
C GLY A 117 26.53 -1.82 16.12
N GLY A 1 -25.97 -3.60 -3.94
CA GLY A 1 -27.19 -3.57 -4.72
C GLY A 1 -27.06 -4.40 -5.99
N SER A 2 -27.30 -3.74 -7.12
CA SER A 2 -27.21 -4.40 -8.40
C SER A 2 -26.43 -3.53 -9.39
N SER A 3 -25.12 -3.73 -9.40
CA SER A 3 -24.26 -2.97 -10.29
C SER A 3 -22.90 -3.67 -10.43
N GLY A 4 -22.45 -3.76 -11.67
CA GLY A 4 -21.18 -4.40 -11.96
C GLY A 4 -21.23 -5.16 -13.29
N SER A 5 -20.16 -5.02 -14.05
CA SER A 5 -20.07 -5.69 -15.35
C SER A 5 -18.62 -6.04 -15.66
N SER A 6 -18.39 -7.32 -15.89
CA SER A 6 -17.05 -7.80 -16.19
C SER A 6 -16.82 -7.79 -17.71
N GLY A 7 -16.37 -6.65 -18.20
CA GLY A 7 -16.12 -6.49 -19.62
C GLY A 7 -14.68 -6.89 -19.96
N GLY A 8 -14.52 -7.45 -21.15
CA GLY A 8 -13.21 -7.88 -21.61
C GLY A 8 -12.88 -7.27 -22.98
N GLU A 9 -11.66 -6.82 -23.10
CA GLU A 9 -11.20 -6.21 -24.34
C GLU A 9 -9.71 -5.85 -24.25
N ARG A 10 -9.15 -5.49 -25.39
CA ARG A 10 -7.75 -5.12 -25.45
C ARG A 10 -7.58 -3.62 -25.20
N ARG A 11 -7.31 -3.30 -23.94
CA ARG A 11 -7.12 -1.91 -23.55
C ARG A 11 -6.18 -1.82 -22.35
N LYS A 12 -5.09 -1.10 -22.55
CA LYS A 12 -4.10 -0.92 -21.51
C LYS A 12 -4.73 -0.17 -20.33
N ASP A 13 -4.08 -0.25 -19.19
CA ASP A 13 -4.56 0.41 -17.99
C ASP A 13 -3.56 1.49 -17.57
N ARG A 14 -3.03 2.17 -18.57
CA ARG A 14 -2.06 3.23 -18.32
C ARG A 14 -0.69 2.64 -18.01
N PRO A 15 0.12 2.48 -19.08
CA PRO A 15 1.46 1.92 -18.94
C PRO A 15 2.41 2.94 -18.32
N TYR A 16 1.96 4.19 -18.29
CA TYR A 16 2.75 5.27 -17.73
C TYR A 16 3.31 4.88 -16.36
N VAL A 17 2.53 4.08 -15.65
CA VAL A 17 2.93 3.64 -14.31
C VAL A 17 2.55 2.16 -14.15
N GLU A 18 3.41 1.44 -13.44
CA GLU A 18 3.18 0.03 -13.20
C GLU A 18 1.71 -0.22 -12.81
N GLU A 19 0.98 -0.80 -13.75
CA GLU A 19 -0.43 -1.08 -13.52
C GLU A 19 -0.65 -1.54 -12.08
N PRO A 20 -1.91 -1.37 -11.61
CA PRO A 20 -2.27 -1.76 -10.26
C PRO A 20 -2.40 -3.27 -10.14
N ARG A 21 -1.85 -3.81 -9.06
CA ARG A 21 -1.90 -5.24 -8.82
C ARG A 21 -2.65 -5.53 -7.53
N HIS A 22 -2.94 -6.81 -7.32
CA HIS A 22 -3.66 -7.24 -6.13
C HIS A 22 -2.77 -8.17 -5.30
N VAL A 23 -2.44 -7.70 -4.10
CA VAL A 23 -1.61 -8.47 -3.20
C VAL A 23 -2.45 -9.01 -2.05
N LYS A 24 -2.50 -10.33 -1.96
CA LYS A 24 -3.27 -10.97 -0.91
C LYS A 24 -2.47 -10.95 0.40
N VAL A 25 -3.20 -11.05 1.51
CA VAL A 25 -2.57 -11.03 2.82
C VAL A 25 -3.16 -12.15 3.67
N GLN A 26 -2.27 -12.87 4.35
CA GLN A 26 -2.68 -13.96 5.21
C GLN A 26 -2.50 -13.59 6.68
N LYS A 27 -3.33 -12.65 7.12
CA LYS A 27 -3.28 -12.19 8.50
C LYS A 27 -3.45 -13.39 9.43
N GLY A 28 -4.70 -13.81 9.59
CA GLY A 28 -5.00 -14.94 10.45
C GLY A 28 -4.91 -14.54 11.93
N SER A 29 -5.60 -13.47 12.26
CA SER A 29 -5.60 -12.96 13.63
C SER A 29 -4.22 -12.44 14.00
N GLU A 30 -3.69 -11.59 13.12
CA GLU A 30 -2.38 -11.00 13.35
C GLU A 30 -2.33 -9.59 12.77
N PRO A 31 -1.31 -8.81 13.24
CA PRO A 31 -1.13 -7.44 12.79
C PRO A 31 -0.56 -7.40 11.37
N LEU A 32 -0.47 -6.20 10.83
CA LEU A 32 0.06 -6.01 9.49
C LEU A 32 1.50 -5.51 9.59
N GLY A 33 1.69 -4.53 10.45
CA GLY A 33 3.01 -3.95 10.64
C GLY A 33 3.46 -3.18 9.40
N ILE A 34 2.74 -2.12 9.10
CA ILE A 34 3.05 -1.29 7.94
C ILE A 34 2.79 0.17 8.28
N SER A 35 3.48 1.05 7.57
CA SER A 35 3.32 2.48 7.77
C SER A 35 2.70 3.13 6.53
N ILE A 36 1.89 4.15 6.77
CA ILE A 36 1.25 4.86 5.69
C ILE A 36 1.28 6.36 5.98
N VAL A 37 1.23 7.14 4.90
CA VAL A 37 1.27 8.58 5.02
C VAL A 37 0.31 9.20 3.99
N SER A 38 -0.24 10.35 4.36
CA SER A 38 -1.17 11.04 3.49
C SER A 38 -0.45 12.17 2.76
N GLY A 39 -0.89 12.42 1.53
CA GLY A 39 -0.30 13.48 0.72
C GLY A 39 -1.29 14.63 0.53
N GLU A 40 -1.52 15.36 1.61
CA GLU A 40 -2.44 16.48 1.57
C GLU A 40 -3.82 16.03 1.09
N LYS A 41 -4.60 15.52 2.05
CA LYS A 41 -5.94 15.05 1.74
C LYS A 41 -5.92 14.31 0.39
N GLY A 42 -4.82 13.62 0.15
CA GLY A 42 -4.66 12.87 -1.08
C GLY A 42 -4.76 11.36 -0.83
N GLY A 43 -4.04 10.61 -1.66
CA GLY A 43 -4.03 9.16 -1.54
C GLY A 43 -3.22 8.72 -0.32
N ILE A 44 -2.83 7.46 -0.35
CA ILE A 44 -2.04 6.90 0.75
C ILE A 44 -0.80 6.21 0.18
N TYR A 45 0.33 6.46 0.82
CA TYR A 45 1.59 5.87 0.39
C TYR A 45 2.29 5.16 1.56
N VAL A 46 2.74 3.95 1.28
CA VAL A 46 3.42 3.15 2.28
C VAL A 46 4.68 3.89 2.73
N SER A 47 4.81 4.02 4.05
CA SER A 47 5.95 4.70 4.62
C SER A 47 6.95 3.68 5.17
N LYS A 48 6.49 2.44 5.24
CA LYS A 48 7.34 1.35 5.74
C LYS A 48 6.52 0.07 5.79
N VAL A 49 7.21 -1.02 6.11
CA VAL A 49 6.56 -2.32 6.20
C VAL A 49 7.37 -3.22 7.12
N THR A 50 6.89 -3.35 8.35
CA THR A 50 7.56 -4.17 9.33
C THR A 50 8.03 -5.49 8.71
N VAL A 51 9.11 -6.02 9.24
CA VAL A 51 9.66 -7.27 8.75
C VAL A 51 9.20 -8.42 9.64
N GLY A 52 8.84 -9.52 8.99
CA GLY A 52 8.38 -10.69 9.71
C GLY A 52 6.87 -10.63 9.95
N SER A 53 6.34 -9.41 9.87
CA SER A 53 4.92 -9.21 10.08
C SER A 53 4.14 -9.64 8.83
N ILE A 54 2.84 -9.82 9.02
CA ILE A 54 1.97 -10.23 7.93
C ILE A 54 2.39 -9.50 6.65
N ALA A 55 2.37 -8.18 6.72
CA ALA A 55 2.74 -7.36 5.58
C ALA A 55 3.93 -8.00 4.86
N HIS A 56 5.06 -8.00 5.54
CA HIS A 56 6.27 -8.57 4.98
C HIS A 56 5.92 -9.84 4.21
N GLN A 57 5.20 -10.73 4.89
CA GLN A 57 4.79 -11.98 4.30
C GLN A 57 4.03 -11.74 2.99
N ALA A 58 3.11 -10.78 3.06
CA ALA A 58 2.30 -10.43 1.90
C ALA A 58 3.22 -9.96 0.77
N GLY A 59 4.30 -9.30 1.17
CA GLY A 59 5.26 -8.78 0.21
C GLY A 59 5.02 -7.30 -0.07
N LEU A 60 4.76 -6.56 1.00
CA LEU A 60 4.52 -5.13 0.89
C LEU A 60 5.85 -4.38 0.91
N GLU A 61 5.88 -3.24 0.23
CA GLU A 61 7.08 -2.42 0.17
C GLU A 61 6.71 -0.94 0.13
N TYR A 62 7.71 -0.11 0.35
CA TYR A 62 7.52 1.33 0.36
C TYR A 62 7.41 1.87 -1.08
N GLY A 63 6.73 3.00 -1.21
CA GLY A 63 6.54 3.62 -2.50
C GLY A 63 5.30 3.07 -3.20
N ASP A 64 4.88 1.90 -2.77
CA ASP A 64 3.71 1.26 -3.35
C ASP A 64 2.46 2.01 -2.89
N GLN A 65 1.98 2.88 -3.76
CA GLN A 65 0.79 3.66 -3.46
C GLN A 65 -0.43 2.75 -3.36
N LEU A 66 -1.07 2.80 -2.20
CA LEU A 66 -2.25 1.99 -1.97
C LEU A 66 -3.46 2.65 -2.62
N LEU A 67 -4.17 1.87 -3.41
CA LEU A 67 -5.36 2.36 -4.10
C LEU A 67 -6.60 1.90 -3.35
N GLU A 68 -6.75 0.59 -3.26
CA GLU A 68 -7.90 0.01 -2.59
C GLU A 68 -7.45 -1.09 -1.62
N PHE A 69 -8.14 -1.18 -0.51
CA PHE A 69 -7.82 -2.19 0.50
C PHE A 69 -9.00 -3.14 0.72
N ASN A 70 -8.81 -4.37 0.28
CA ASN A 70 -9.84 -5.39 0.43
C ASN A 70 -11.18 -4.82 -0.08
N GLY A 71 -11.07 -3.82 -0.94
CA GLY A 71 -12.25 -3.20 -1.51
C GLY A 71 -12.35 -1.73 -1.08
N ILE A 72 -11.89 -1.48 0.14
CA ILE A 72 -11.93 -0.13 0.69
C ILE A 72 -11.12 0.80 -0.23
N ASN A 73 -11.83 1.77 -0.81
CA ASN A 73 -11.19 2.72 -1.69
C ASN A 73 -10.35 3.70 -0.87
N LEU A 74 -9.06 3.36 -0.75
CA LEU A 74 -8.14 4.19 0.00
C LEU A 74 -8.13 5.60 -0.60
N ARG A 75 -8.15 5.63 -1.92
CA ARG A 75 -8.14 6.90 -2.64
C ARG A 75 -9.03 7.91 -1.93
N SER A 76 -8.45 9.08 -1.66
CA SER A 76 -9.19 10.14 -0.99
C SER A 76 -9.05 10.00 0.53
N ALA A 77 -9.08 8.75 0.97
CA ALA A 77 -8.96 8.47 2.40
C ALA A 77 -7.76 9.23 2.97
N THR A 78 -7.60 9.13 4.28
CA THR A 78 -6.52 9.80 4.96
C THR A 78 -5.55 8.78 5.57
N GLU A 79 -4.76 9.25 6.51
CA GLU A 79 -3.79 8.39 7.18
C GLU A 79 -4.44 7.70 8.38
N GLN A 80 -5.27 8.45 9.07
CA GLN A 80 -5.96 7.93 10.25
C GLN A 80 -6.92 6.80 9.84
N GLN A 81 -7.58 7.02 8.71
CA GLN A 81 -8.53 6.03 8.21
C GLN A 81 -7.78 4.80 7.68
N ALA A 82 -6.68 5.06 7.00
CA ALA A 82 -5.87 3.99 6.44
C ALA A 82 -5.26 3.18 7.58
N ARG A 83 -4.84 3.91 8.62
CA ARG A 83 -4.23 3.26 9.77
C ARG A 83 -5.25 2.39 10.50
N LEU A 84 -6.50 2.53 10.08
CA LEU A 84 -7.58 1.76 10.68
C LEU A 84 -7.93 0.59 9.77
N ILE A 85 -8.24 0.92 8.52
CA ILE A 85 -8.59 -0.09 7.54
C ILE A 85 -7.54 -1.22 7.57
N ILE A 86 -6.29 -0.81 7.55
CA ILE A 86 -5.19 -1.76 7.57
C ILE A 86 -5.14 -2.44 8.94
N GLY A 87 -5.50 -1.68 9.95
CA GLY A 87 -5.49 -2.19 11.32
C GLY A 87 -6.86 -2.78 11.67
N GLN A 88 -7.43 -3.49 10.71
CA GLN A 88 -8.73 -4.12 10.91
C GLN A 88 -8.56 -5.63 11.10
N GLN A 89 -9.70 -6.32 11.16
CA GLN A 89 -9.69 -7.76 11.32
C GLN A 89 -10.10 -8.44 10.02
N CYS A 90 -9.51 -9.61 9.79
CA CYS A 90 -9.81 -10.38 8.59
C CYS A 90 -8.68 -11.39 8.37
N ASP A 91 -8.99 -12.65 8.64
CA ASP A 91 -8.02 -13.71 8.47
C ASP A 91 -7.20 -13.46 7.20
N THR A 92 -7.92 -13.18 6.12
CA THR A 92 -7.28 -12.91 4.84
C THR A 92 -7.87 -11.66 4.19
N ILE A 93 -6.99 -10.72 3.90
CA ILE A 93 -7.41 -9.48 3.27
C ILE A 93 -6.55 -9.21 2.04
N THR A 94 -7.17 -8.60 1.05
CA THR A 94 -6.48 -8.28 -0.19
C THR A 94 -6.12 -6.80 -0.24
N ILE A 95 -5.13 -6.49 -1.08
CA ILE A 95 -4.69 -5.11 -1.22
C ILE A 95 -4.41 -4.82 -2.70
N LEU A 96 -4.81 -3.63 -3.11
CA LEU A 96 -4.62 -3.22 -4.50
C LEU A 96 -3.63 -2.04 -4.54
N ALA A 97 -2.36 -2.39 -4.64
CA ALA A 97 -1.31 -1.38 -4.69
C ALA A 97 -0.94 -1.13 -6.16
N GLN A 98 -0.19 -0.05 -6.36
CA GLN A 98 0.24 0.32 -7.70
C GLN A 98 1.57 1.07 -7.64
N TYR A 99 2.66 0.30 -7.67
CA TYR A 99 3.99 0.89 -7.62
C TYR A 99 4.04 2.20 -8.41
N ASN A 100 4.20 3.29 -7.67
CA ASN A 100 4.26 4.60 -8.29
C ASN A 100 5.62 5.24 -7.96
N PRO A 101 6.46 5.38 -9.02
CA PRO A 101 7.78 5.97 -8.85
C PRO A 101 7.68 7.49 -8.68
N HIS A 102 8.74 8.17 -9.08
CA HIS A 102 8.78 9.62 -8.99
C HIS A 102 8.45 10.05 -7.55
N VAL A 103 8.68 9.12 -6.62
CA VAL A 103 8.41 9.40 -5.23
C VAL A 103 9.69 9.15 -4.41
N HIS A 104 10.19 10.24 -3.83
CA HIS A 104 11.39 10.16 -3.03
C HIS A 104 11.36 11.24 -1.94
N GLN A 105 12.34 11.18 -1.06
CA GLN A 105 12.43 12.14 0.03
C GLN A 105 11.22 12.01 0.94
N LEU A 106 11.48 12.16 2.24
CA LEU A 106 10.42 12.06 3.23
C LEU A 106 10.56 13.20 4.23
N SER A 107 11.63 13.14 5.01
CA SER A 107 11.91 14.15 6.02
C SER A 107 13.41 14.42 6.10
N SER A 108 13.75 15.69 6.15
CA SER A 108 15.14 16.09 6.23
C SER A 108 15.66 15.90 7.66
N HIS A 109 16.98 15.95 7.79
CA HIS A 109 17.60 15.78 9.09
C HIS A 109 17.06 14.53 9.77
N SER A 110 17.60 13.39 9.38
CA SER A 110 17.19 12.12 9.94
C SER A 110 18.33 11.49 10.74
N ARG A 111 17.96 10.90 11.86
CA ARG A 111 18.94 10.26 12.73
C ARG A 111 18.54 8.81 13.00
N SER A 112 19.53 8.02 13.40
CA SER A 112 19.29 6.62 13.70
C SER A 112 20.42 6.08 14.59
N GLY A 113 20.24 4.84 15.01
CA GLY A 113 21.23 4.20 15.87
C GLY A 113 22.14 3.28 15.05
N PRO A 114 22.43 2.09 15.64
CA PRO A 114 23.29 1.12 14.98
C PRO A 114 22.54 0.42 13.85
N SER A 115 22.54 1.06 12.69
CA SER A 115 21.88 0.52 11.52
C SER A 115 22.90 0.17 10.45
N SER A 116 22.45 -0.59 9.45
CA SER A 116 23.32 -0.99 8.36
C SER A 116 23.31 0.07 7.26
N GLY A 117 24.45 0.20 6.60
CA GLY A 117 24.60 1.18 5.54
C GLY A 117 25.91 1.94 5.67
N GLY A 1 -13.50 -18.13 1.12
CA GLY A 1 -14.37 -19.04 0.39
C GLY A 1 -14.69 -18.49 -1.00
N SER A 2 -14.30 -19.25 -2.01
CA SER A 2 -14.53 -18.85 -3.39
C SER A 2 -15.10 -20.03 -4.18
N SER A 3 -15.82 -19.70 -5.25
CA SER A 3 -16.41 -20.71 -6.10
C SER A 3 -16.41 -20.25 -7.55
N GLY A 4 -15.27 -20.49 -8.21
CA GLY A 4 -15.13 -20.11 -9.61
C GLY A 4 -14.77 -18.62 -9.72
N SER A 5 -13.78 -18.35 -10.56
CA SER A 5 -13.34 -16.98 -10.77
C SER A 5 -12.20 -16.96 -11.79
N SER A 6 -12.49 -16.35 -12.94
CA SER A 6 -11.51 -16.25 -14.00
C SER A 6 -11.90 -15.15 -14.98
N GLY A 7 -10.91 -14.67 -15.72
CA GLY A 7 -11.15 -13.62 -16.70
C GLY A 7 -9.90 -12.76 -16.89
N GLY A 8 -9.69 -12.34 -18.13
CA GLY A 8 -8.54 -11.53 -18.46
C GLY A 8 -8.72 -10.84 -19.81
N GLU A 9 -7.63 -10.24 -20.28
CA GLU A 9 -7.66 -9.55 -21.57
C GLU A 9 -6.24 -9.19 -22.01
N ARG A 10 -6.11 -8.91 -23.30
CA ARG A 10 -4.82 -8.56 -23.87
C ARG A 10 -4.97 -7.44 -24.89
N ARG A 11 -4.87 -6.21 -24.40
CA ARG A 11 -4.99 -5.05 -25.26
C ARG A 11 -4.89 -3.77 -24.44
N LYS A 12 -3.87 -2.98 -24.76
CA LYS A 12 -3.65 -1.72 -24.05
C LYS A 12 -2.51 -0.96 -24.74
N ASP A 13 -2.59 0.36 -24.64
CA ASP A 13 -1.58 1.22 -25.25
C ASP A 13 -0.88 2.02 -24.15
N ARG A 14 0.37 1.67 -23.91
CA ARG A 14 1.16 2.35 -22.90
C ARG A 14 0.52 2.17 -21.52
N PRO A 15 1.24 1.42 -20.65
CA PRO A 15 0.75 1.15 -19.30
C PRO A 15 0.92 2.40 -18.41
N TYR A 16 1.81 3.28 -18.84
CA TYR A 16 2.06 4.50 -18.10
C TYR A 16 2.75 4.20 -16.77
N VAL A 17 2.06 3.42 -15.94
CA VAL A 17 2.58 3.05 -14.65
C VAL A 17 2.33 1.57 -14.40
N GLU A 18 3.11 1.01 -13.48
CA GLU A 18 2.98 -0.40 -13.14
C GLU A 18 1.53 -0.74 -12.82
N GLU A 19 0.91 -1.46 -13.74
CA GLU A 19 -0.48 -1.86 -13.56
C GLU A 19 -0.76 -2.21 -12.10
N PRO A 20 -2.03 -2.00 -11.69
CA PRO A 20 -2.44 -2.28 -10.32
C PRO A 20 -2.58 -3.80 -10.10
N ARG A 21 -2.09 -4.24 -8.95
CA ARG A 21 -2.15 -5.64 -8.61
C ARG A 21 -2.99 -5.84 -7.33
N HIS A 22 -3.23 -7.10 -7.02
CA HIS A 22 -4.01 -7.44 -5.84
C HIS A 22 -3.16 -8.28 -4.89
N VAL A 23 -2.47 -7.58 -3.99
CA VAL A 23 -1.61 -8.24 -3.02
C VAL A 23 -2.49 -8.87 -1.94
N LYS A 24 -2.40 -10.20 -1.84
CA LYS A 24 -3.18 -10.93 -0.85
C LYS A 24 -2.48 -10.82 0.51
N VAL A 25 -3.30 -10.78 1.55
CA VAL A 25 -2.78 -10.67 2.91
C VAL A 25 -3.37 -11.79 3.76
N GLN A 26 -2.49 -12.48 4.47
CA GLN A 26 -2.92 -13.58 5.33
C GLN A 26 -2.75 -13.20 6.79
N LYS A 27 -3.58 -12.25 7.22
CA LYS A 27 -3.54 -11.79 8.60
C LYS A 27 -3.86 -12.96 9.53
N GLY A 28 -5.14 -13.18 9.74
CA GLY A 28 -5.59 -14.26 10.61
C GLY A 28 -5.92 -13.73 12.01
N SER A 29 -4.90 -13.20 12.67
CA SER A 29 -5.06 -12.66 14.00
C SER A 29 -3.83 -11.86 14.40
N GLU A 30 -3.25 -11.19 13.41
CA GLU A 30 -2.06 -10.38 13.64
C GLU A 30 -2.16 -9.08 12.87
N PRO A 31 -1.37 -8.06 13.33
CA PRO A 31 -1.36 -6.76 12.69
C PRO A 31 -0.59 -6.80 11.37
N LEU A 32 -0.77 -5.75 10.58
CA LEU A 32 -0.11 -5.66 9.29
C LEU A 32 1.39 -5.40 9.51
N GLY A 33 1.66 -4.31 10.22
CA GLY A 33 3.04 -3.94 10.51
C GLY A 33 3.64 -3.13 9.35
N ILE A 34 3.06 -1.96 9.12
CA ILE A 34 3.52 -1.09 8.06
C ILE A 34 3.11 0.34 8.37
N SER A 35 3.92 1.27 7.86
CA SER A 35 3.65 2.69 8.08
C SER A 35 3.00 3.29 6.84
N ILE A 36 2.09 4.21 7.08
CA ILE A 36 1.38 4.87 5.99
C ILE A 36 1.29 6.37 6.29
N VAL A 37 1.38 7.16 5.22
CA VAL A 37 1.32 8.61 5.36
C VAL A 37 0.32 9.16 4.34
N SER A 38 -0.32 10.25 4.72
CA SER A 38 -1.30 10.89 3.86
C SER A 38 -0.68 12.12 3.18
N GLY A 39 -1.11 12.36 1.94
CA GLY A 39 -0.61 13.48 1.19
C GLY A 39 -1.51 14.71 1.37
N GLU A 40 -1.01 15.84 0.90
CA GLU A 40 -1.75 17.09 1.00
C GLU A 40 -2.71 17.24 -0.17
N LYS A 41 -3.52 16.20 -0.37
CA LYS A 41 -4.49 16.20 -1.46
C LYS A 41 -5.36 14.94 -1.36
N GLY A 42 -4.70 13.82 -1.13
CA GLY A 42 -5.40 12.55 -1.02
C GLY A 42 -4.50 11.39 -1.44
N GLY A 43 -4.77 10.23 -0.86
CA GLY A 43 -4.00 9.04 -1.17
C GLY A 43 -3.12 8.62 0.03
N ILE A 44 -2.84 7.33 0.09
CA ILE A 44 -2.02 6.80 1.17
C ILE A 44 -0.75 6.19 0.58
N TYR A 45 0.36 6.46 1.25
CA TYR A 45 1.64 5.94 0.81
C TYR A 45 2.39 5.28 1.97
N VAL A 46 2.95 4.11 1.68
CA VAL A 46 3.70 3.37 2.69
C VAL A 46 4.92 4.20 3.11
N SER A 47 5.05 4.36 4.42
CA SER A 47 6.16 5.12 4.97
C SER A 47 7.28 4.17 5.40
N LYS A 48 6.89 2.93 5.65
CA LYS A 48 7.84 1.92 6.08
C LYS A 48 7.12 0.57 6.21
N VAL A 49 7.91 -0.49 6.23
CA VAL A 49 7.37 -1.84 6.35
C VAL A 49 8.01 -2.53 7.55
N THR A 50 7.31 -3.53 8.07
CA THR A 50 7.80 -4.28 9.21
C THR A 50 8.43 -5.59 8.75
N VAL A 51 9.17 -6.21 9.66
CA VAL A 51 9.84 -7.46 9.37
C VAL A 51 9.05 -8.61 9.98
N GLY A 52 9.07 -9.74 9.28
CA GLY A 52 8.36 -10.92 9.75
C GLY A 52 6.92 -10.58 10.14
N SER A 53 6.35 -9.63 9.40
CA SER A 53 4.99 -9.21 9.64
C SER A 53 4.10 -9.56 8.45
N ILE A 54 2.81 -9.67 8.72
CA ILE A 54 1.85 -10.02 7.69
C ILE A 54 2.23 -9.30 6.39
N ALA A 55 2.37 -7.99 6.50
CA ALA A 55 2.73 -7.18 5.35
C ALA A 55 3.97 -7.78 4.67
N HIS A 56 5.04 -7.86 5.44
CA HIS A 56 6.29 -8.41 4.94
C HIS A 56 6.00 -9.66 4.12
N GLN A 57 4.98 -10.39 4.55
CA GLN A 57 4.60 -11.61 3.86
C GLN A 57 3.75 -11.28 2.62
N ALA A 58 2.88 -10.30 2.78
CA ALA A 58 2.01 -9.88 1.70
C ALA A 58 2.87 -9.37 0.53
N GLY A 59 4.13 -9.08 0.85
CA GLY A 59 5.06 -8.59 -0.15
C GLY A 59 4.86 -7.09 -0.40
N LEU A 60 4.58 -6.37 0.68
CA LEU A 60 4.36 -4.94 0.59
C LEU A 60 5.71 -4.22 0.70
N GLU A 61 5.70 -2.96 0.26
CA GLU A 61 6.90 -2.16 0.30
C GLU A 61 6.55 -0.66 0.27
N TYR A 62 7.56 0.16 0.52
CA TYR A 62 7.36 1.60 0.53
C TYR A 62 7.24 2.14 -0.91
N GLY A 63 6.54 3.25 -1.03
CA GLY A 63 6.35 3.88 -2.33
C GLY A 63 5.14 3.28 -3.06
N ASP A 64 4.70 2.13 -2.56
CA ASP A 64 3.57 1.44 -3.14
C ASP A 64 2.28 2.21 -2.80
N GLN A 65 1.82 3.00 -3.76
CA GLN A 65 0.61 3.78 -3.57
C GLN A 65 -0.60 2.86 -3.45
N LEU A 66 -1.17 2.83 -2.25
CA LEU A 66 -2.34 2.00 -2.00
C LEU A 66 -3.55 2.59 -2.73
N LEU A 67 -4.08 1.82 -3.66
CA LEU A 67 -5.23 2.26 -4.42
C LEU A 67 -6.51 1.89 -3.66
N GLU A 68 -6.70 0.60 -3.47
CA GLU A 68 -7.88 0.11 -2.77
C GLU A 68 -7.49 -1.05 -1.84
N PHE A 69 -8.06 -1.02 -0.65
CA PHE A 69 -7.79 -2.06 0.33
C PHE A 69 -9.00 -2.98 0.50
N ASN A 70 -8.83 -4.22 0.06
CA ASN A 70 -9.89 -5.20 0.15
C ASN A 70 -11.20 -4.59 -0.34
N GLY A 71 -11.05 -3.59 -1.20
CA GLY A 71 -12.22 -2.90 -1.75
C GLY A 71 -12.27 -1.44 -1.28
N ILE A 72 -11.83 -1.23 -0.05
CA ILE A 72 -11.82 0.10 0.52
C ILE A 72 -11.04 1.04 -0.39
N ASN A 73 -11.65 2.17 -0.68
CA ASN A 73 -11.02 3.17 -1.55
C ASN A 73 -10.01 3.97 -0.74
N LEU A 74 -8.77 3.48 -0.72
CA LEU A 74 -7.71 4.14 0.01
C LEU A 74 -7.41 5.49 -0.65
N ARG A 75 -7.54 5.51 -1.96
CA ARG A 75 -7.29 6.72 -2.72
C ARG A 75 -7.95 7.93 -2.04
N SER A 76 -9.05 7.65 -1.36
CA SER A 76 -9.78 8.69 -0.66
C SER A 76 -9.94 8.31 0.82
N ALA A 77 -8.83 7.93 1.42
CA ALA A 77 -8.83 7.55 2.82
C ALA A 77 -7.76 8.36 3.57
N THR A 78 -7.95 8.46 4.88
CA THR A 78 -7.01 9.19 5.72
C THR A 78 -6.06 8.22 6.42
N GLU A 79 -4.91 8.76 6.82
CA GLU A 79 -3.90 7.96 7.49
C GLU A 79 -4.53 7.24 8.68
N GLN A 80 -5.41 7.94 9.37
CA GLN A 80 -6.08 7.38 10.53
C GLN A 80 -6.95 6.18 10.12
N GLN A 81 -7.53 6.29 8.92
CA GLN A 81 -8.37 5.23 8.41
C GLN A 81 -7.52 4.09 7.85
N ALA A 82 -6.43 4.48 7.19
CA ALA A 82 -5.53 3.50 6.61
C ALA A 82 -4.88 2.67 7.73
N ARG A 83 -4.52 3.36 8.80
CA ARG A 83 -3.89 2.70 9.94
C ARG A 83 -4.92 1.85 10.68
N LEU A 84 -6.17 1.98 10.25
CA LEU A 84 -7.25 1.23 10.87
C LEU A 84 -7.68 0.10 9.93
N ILE A 85 -8.02 0.48 8.71
CA ILE A 85 -8.45 -0.49 7.72
C ILE A 85 -7.47 -1.66 7.71
N ILE A 86 -6.19 -1.32 7.76
CA ILE A 86 -5.15 -2.34 7.75
C ILE A 86 -5.16 -3.09 9.09
N GLY A 87 -5.56 -2.37 10.13
CA GLY A 87 -5.62 -2.96 11.45
C GLY A 87 -7.00 -3.53 11.74
N GLN A 88 -7.66 -3.96 10.67
CA GLN A 88 -8.99 -4.53 10.79
C GLN A 88 -8.91 -6.06 10.76
N GLN A 89 -10.08 -6.67 10.73
CA GLN A 89 -10.17 -8.13 10.70
C GLN A 89 -10.01 -8.64 9.27
N CYS A 90 -10.42 -9.88 9.06
CA CYS A 90 -10.32 -10.50 7.75
C CYS A 90 -9.09 -11.41 7.74
N ASP A 91 -9.29 -12.64 8.17
CA ASP A 91 -8.22 -13.61 8.21
C ASP A 91 -7.38 -13.48 6.94
N THR A 92 -8.06 -13.18 5.84
CA THR A 92 -7.38 -13.03 4.57
C THR A 92 -7.99 -11.86 3.79
N ILE A 93 -7.27 -10.74 3.79
CA ILE A 93 -7.72 -9.56 3.09
C ILE A 93 -6.73 -9.22 1.97
N THR A 94 -7.28 -8.71 0.87
CA THR A 94 -6.46 -8.35 -0.27
C THR A 94 -6.26 -6.83 -0.33
N ILE A 95 -5.20 -6.44 -1.01
CA ILE A 95 -4.89 -5.02 -1.14
C ILE A 95 -4.58 -4.71 -2.61
N LEU A 96 -4.95 -3.50 -3.02
CA LEU A 96 -4.72 -3.07 -4.39
C LEU A 96 -3.67 -1.96 -4.40
N ALA A 97 -2.45 -2.35 -4.72
CA ALA A 97 -1.35 -1.40 -4.78
C ALA A 97 -0.93 -1.19 -6.23
N GLN A 98 -0.24 -0.09 -6.46
CA GLN A 98 0.22 0.25 -7.80
C GLN A 98 1.48 1.10 -7.73
N TYR A 99 2.62 0.43 -7.77
CA TYR A 99 3.90 1.11 -7.71
C TYR A 99 3.90 2.35 -8.61
N ASN A 100 4.11 3.49 -7.98
CA ASN A 100 4.14 4.76 -8.69
C ASN A 100 5.54 5.36 -8.60
N PRO A 101 6.24 5.37 -9.77
CA PRO A 101 7.59 5.92 -9.84
C PRO A 101 7.56 7.45 -9.79
N HIS A 102 6.90 7.97 -8.76
CA HIS A 102 6.81 9.41 -8.58
C HIS A 102 6.56 9.73 -7.11
N VAL A 103 7.40 9.15 -6.26
CA VAL A 103 7.29 9.37 -4.83
C VAL A 103 8.65 9.14 -4.18
N HIS A 104 9.62 9.96 -4.57
CA HIS A 104 10.96 9.85 -4.03
C HIS A 104 11.64 11.23 -4.06
N GLN A 105 12.10 11.65 -2.89
CA GLN A 105 12.76 12.94 -2.78
C GLN A 105 13.59 13.00 -1.49
N LEU A 106 14.88 12.72 -1.64
CA LEU A 106 15.78 12.75 -0.50
C LEU A 106 15.49 11.54 0.39
N SER A 107 14.34 11.58 1.04
CA SER A 107 13.93 10.50 1.93
C SER A 107 15.11 10.05 2.78
N SER A 108 15.26 10.69 3.93
CA SER A 108 16.34 10.38 4.85
C SER A 108 16.28 11.30 6.06
N HIS A 109 16.61 10.72 7.22
CA HIS A 109 16.59 11.47 8.46
C HIS A 109 15.23 12.14 8.65
N SER A 110 14.33 11.39 9.26
CA SER A 110 12.98 11.89 9.51
C SER A 110 12.26 11.00 10.52
N ARG A 111 11.74 11.64 11.55
CA ARG A 111 11.03 10.92 12.60
C ARG A 111 11.96 9.87 13.24
N SER A 112 12.53 10.25 14.38
CA SER A 112 13.42 9.36 15.09
C SER A 112 12.67 8.67 16.23
N GLY A 113 13.12 7.46 16.54
CA GLY A 113 12.49 6.69 17.61
C GLY A 113 13.54 5.88 18.38
N PRO A 114 13.12 5.41 19.58
CA PRO A 114 14.02 4.62 20.42
C PRO A 114 14.18 3.20 19.88
N SER A 115 15.42 2.88 19.55
CA SER A 115 15.73 1.55 19.02
C SER A 115 16.11 0.61 20.15
N SER A 116 15.11 -0.12 20.65
CA SER A 116 15.34 -1.05 21.73
C SER A 116 15.88 -0.33 22.96
N GLY A 117 14.97 0.19 23.76
CA GLY A 117 15.34 0.92 24.96
C GLY A 117 14.63 2.26 25.03
N GLY A 1 -18.41 6.16 -6.41
CA GLY A 1 -19.32 5.82 -5.32
C GLY A 1 -19.93 4.43 -5.53
N SER A 2 -19.07 3.43 -5.43
CA SER A 2 -19.52 2.06 -5.60
C SER A 2 -18.34 1.10 -5.39
N SER A 3 -18.67 -0.09 -4.91
CA SER A 3 -17.66 -1.10 -4.66
C SER A 3 -17.65 -2.14 -5.79
N GLY A 4 -17.02 -1.76 -6.90
CA GLY A 4 -16.93 -2.64 -8.05
C GLY A 4 -15.87 -2.14 -9.03
N SER A 5 -14.62 -2.39 -8.68
CA SER A 5 -13.51 -1.97 -9.53
C SER A 5 -13.01 -3.16 -10.36
N SER A 6 -12.63 -4.22 -9.65
CA SER A 6 -12.14 -5.41 -10.31
C SER A 6 -10.72 -5.17 -10.85
N GLY A 7 -10.65 -4.31 -11.85
CA GLY A 7 -9.38 -3.98 -12.45
C GLY A 7 -9.57 -3.40 -13.86
N GLY A 8 -8.80 -3.92 -14.80
CA GLY A 8 -8.88 -3.47 -16.17
C GLY A 8 -7.51 -3.51 -16.85
N GLU A 9 -7.08 -4.73 -17.17
CA GLU A 9 -5.80 -4.93 -17.82
C GLU A 9 -5.92 -4.76 -19.33
N ARG A 10 -5.52 -3.59 -19.80
CA ARG A 10 -5.59 -3.28 -21.22
C ARG A 10 -4.21 -2.88 -21.74
N ARG A 11 -3.97 -3.19 -23.00
CA ARG A 11 -2.71 -2.86 -23.64
C ARG A 11 -1.56 -3.59 -22.92
N LYS A 12 -0.73 -4.24 -23.73
CA LYS A 12 0.41 -4.97 -23.20
C LYS A 12 1.56 -4.00 -22.92
N ASP A 13 2.56 -4.50 -22.21
CA ASP A 13 3.71 -3.69 -21.87
C ASP A 13 3.27 -2.50 -21.01
N ARG A 14 4.11 -2.15 -20.07
CA ARG A 14 3.82 -1.04 -19.17
C ARG A 14 3.44 0.20 -19.98
N PRO A 15 2.16 0.64 -19.79
CA PRO A 15 1.66 1.80 -20.49
C PRO A 15 2.22 3.09 -19.90
N TYR A 16 2.61 3.00 -18.63
CA TYR A 16 3.17 4.14 -17.93
C TYR A 16 3.67 3.74 -16.54
N VAL A 17 2.76 3.19 -15.75
CA VAL A 17 3.08 2.77 -14.41
C VAL A 17 2.80 1.27 -14.26
N GLU A 18 3.22 0.73 -13.13
CA GLU A 18 3.00 -0.69 -12.86
C GLU A 18 1.53 -0.96 -12.57
N GLU A 19 0.87 -1.56 -13.54
CA GLU A 19 -0.55 -1.89 -13.39
C GLU A 19 -0.87 -2.20 -11.93
N PRO A 20 -2.16 -1.95 -11.56
CA PRO A 20 -2.61 -2.21 -10.21
C PRO A 20 -2.79 -3.71 -9.96
N ARG A 21 -2.08 -4.20 -8.96
CA ARG A 21 -2.16 -5.62 -8.61
C ARG A 21 -3.04 -5.81 -7.39
N HIS A 22 -3.20 -7.07 -7.01
CA HIS A 22 -4.02 -7.41 -5.86
C HIS A 22 -3.23 -8.34 -4.92
N VAL A 23 -2.38 -7.73 -4.11
CA VAL A 23 -1.57 -8.48 -3.17
C VAL A 23 -2.46 -9.00 -2.04
N LYS A 24 -2.50 -10.32 -1.92
CA LYS A 24 -3.30 -10.96 -0.89
C LYS A 24 -2.53 -10.95 0.43
N VAL A 25 -3.29 -10.94 1.52
CA VAL A 25 -2.69 -10.94 2.84
C VAL A 25 -3.37 -12.00 3.71
N GLN A 26 -2.54 -12.78 4.39
CA GLN A 26 -3.06 -13.82 5.26
C GLN A 26 -2.90 -13.43 6.73
N LYS A 27 -3.75 -12.50 7.15
CA LYS A 27 -3.72 -12.03 8.52
C LYS A 27 -3.95 -13.21 9.48
N GLY A 28 -5.21 -13.60 9.59
CA GLY A 28 -5.57 -14.70 10.46
C GLY A 28 -5.89 -14.21 11.87
N SER A 29 -4.97 -13.44 12.43
CA SER A 29 -5.14 -12.90 13.76
C SER A 29 -3.95 -12.01 14.12
N GLU A 30 -3.46 -11.29 13.12
CA GLU A 30 -2.33 -10.41 13.33
C GLU A 30 -2.49 -9.14 12.48
N PRO A 31 -1.81 -8.05 12.94
CA PRO A 31 -1.88 -6.78 12.24
C PRO A 31 -1.02 -6.82 10.97
N LEU A 32 -1.08 -5.72 10.23
CA LEU A 32 -0.32 -5.61 8.99
C LEU A 32 1.14 -5.28 9.32
N GLY A 33 1.31 -4.19 10.07
CA GLY A 33 2.64 -3.77 10.46
C GLY A 33 3.33 -3.02 9.32
N ILE A 34 2.76 -1.89 8.95
CA ILE A 34 3.31 -1.08 7.88
C ILE A 34 2.96 0.39 8.12
N SER A 35 3.89 1.25 7.76
CA SER A 35 3.70 2.68 7.93
C SER A 35 3.09 3.28 6.66
N ILE A 36 2.20 4.24 6.87
CA ILE A 36 1.54 4.90 5.76
C ILE A 36 1.44 6.40 6.04
N VAL A 37 1.44 7.17 4.97
CA VAL A 37 1.36 8.62 5.08
C VAL A 37 0.34 9.15 4.08
N SER A 38 -0.29 10.25 4.46
CA SER A 38 -1.29 10.87 3.59
C SER A 38 -0.66 12.02 2.81
N GLY A 39 -1.18 12.23 1.61
CA GLY A 39 -0.68 13.29 0.75
C GLY A 39 -1.43 14.60 1.00
N GLU A 40 -1.84 14.77 2.25
CA GLU A 40 -2.57 15.97 2.64
C GLU A 40 -3.52 16.39 1.53
N LYS A 41 -4.41 15.49 1.16
CA LYS A 41 -5.37 15.77 0.11
C LYS A 41 -6.12 14.48 -0.24
N GLY A 42 -5.36 13.42 -0.44
CA GLY A 42 -5.94 12.13 -0.78
C GLY A 42 -4.85 11.14 -1.24
N GLY A 43 -5.08 9.88 -0.92
CA GLY A 43 -4.14 8.84 -1.29
C GLY A 43 -3.25 8.45 -0.11
N ILE A 44 -2.87 7.18 -0.09
CA ILE A 44 -2.02 6.67 0.97
C ILE A 44 -0.77 6.05 0.37
N TYR A 45 0.37 6.37 0.99
CA TYR A 45 1.64 5.84 0.52
C TYR A 45 2.41 5.17 1.66
N VAL A 46 3.01 4.04 1.34
CA VAL A 46 3.78 3.28 2.32
C VAL A 46 4.97 4.13 2.78
N SER A 47 5.13 4.21 4.10
CA SER A 47 6.21 4.99 4.68
C SER A 47 7.24 4.04 5.30
N LYS A 48 6.82 2.80 5.51
CA LYS A 48 7.69 1.81 6.10
C LYS A 48 6.94 0.47 6.20
N VAL A 49 7.71 -0.59 6.42
CA VAL A 49 7.14 -1.91 6.53
C VAL A 49 7.77 -2.64 7.72
N THR A 50 7.03 -3.60 8.25
CA THR A 50 7.51 -4.38 9.39
C THR A 50 7.95 -5.76 8.93
N VAL A 51 9.23 -6.05 9.20
CA VAL A 51 9.79 -7.33 8.83
C VAL A 51 9.18 -8.43 9.70
N GLY A 52 8.74 -9.49 9.04
CA GLY A 52 8.13 -10.61 9.75
C GLY A 52 6.63 -10.39 9.94
N SER A 53 6.23 -9.13 9.88
CA SER A 53 4.83 -8.77 10.05
C SER A 53 4.02 -9.28 8.86
N ILE A 54 2.72 -9.38 9.07
CA ILE A 54 1.83 -9.84 8.03
C ILE A 54 2.25 -9.23 6.68
N ALA A 55 2.29 -7.90 6.67
CA ALA A 55 2.67 -7.19 5.47
C ALA A 55 3.84 -7.91 4.80
N HIS A 56 4.98 -7.89 5.47
CA HIS A 56 6.16 -8.54 4.94
C HIS A 56 5.78 -9.85 4.26
N GLN A 57 4.98 -10.64 4.97
CA GLN A 57 4.53 -11.92 4.45
C GLN A 57 3.88 -11.72 3.07
N ALA A 58 2.98 -10.75 3.01
CA ALA A 58 2.28 -10.46 1.77
C ALA A 58 3.30 -10.02 0.71
N GLY A 59 4.32 -9.30 1.16
CA GLY A 59 5.35 -8.83 0.27
C GLY A 59 5.13 -7.37 -0.11
N LEU A 60 4.93 -6.54 0.91
CA LEU A 60 4.69 -5.13 0.69
C LEU A 60 6.04 -4.39 0.63
N GLU A 61 6.01 -3.22 0.02
CA GLU A 61 7.22 -2.42 -0.11
C GLU A 61 6.88 -0.93 0.02
N TYR A 62 7.89 -0.15 0.36
CA TYR A 62 7.71 1.29 0.51
C TYR A 62 7.69 1.99 -0.84
N GLY A 63 7.08 3.16 -0.86
CA GLY A 63 6.98 3.94 -2.07
C GLY A 63 5.72 3.57 -2.86
N ASP A 64 5.36 2.30 -2.77
CA ASP A 64 4.18 1.80 -3.47
C ASP A 64 2.95 2.60 -3.01
N GLN A 65 2.03 2.80 -3.94
CA GLN A 65 0.81 3.53 -3.64
C GLN A 65 -0.37 2.57 -3.56
N LEU A 66 -1.16 2.75 -2.50
CA LEU A 66 -2.32 1.91 -2.29
C LEU A 66 -3.57 2.65 -2.78
N LEU A 67 -4.22 2.07 -3.78
CA LEU A 67 -5.42 2.66 -4.33
C LEU A 67 -6.64 2.15 -3.56
N GLU A 68 -6.64 0.85 -3.30
CA GLU A 68 -7.73 0.24 -2.56
C GLU A 68 -7.19 -0.80 -1.58
N PHE A 69 -8.07 -1.24 -0.69
CA PHE A 69 -7.71 -2.23 0.31
C PHE A 69 -8.85 -3.21 0.57
N ASN A 70 -8.72 -4.38 -0.02
CA ASN A 70 -9.74 -5.41 0.14
C ASN A 70 -11.08 -4.89 -0.38
N GLY A 71 -11.00 -3.82 -1.16
CA GLY A 71 -12.19 -3.20 -1.72
C GLY A 71 -12.34 -1.75 -1.26
N ILE A 72 -11.76 -1.47 -0.09
CA ILE A 72 -11.83 -0.14 0.47
C ILE A 72 -11.21 0.86 -0.52
N ASN A 73 -11.59 2.11 -0.37
CA ASN A 73 -11.10 3.17 -1.24
C ASN A 73 -10.07 4.00 -0.48
N LEU A 74 -8.80 3.67 -0.70
CA LEU A 74 -7.71 4.38 -0.05
C LEU A 74 -7.50 5.72 -0.74
N ARG A 75 -7.57 5.69 -2.06
CA ARG A 75 -7.38 6.89 -2.85
C ARG A 75 -8.04 8.09 -2.16
N SER A 76 -9.11 7.79 -1.43
CA SER A 76 -9.85 8.83 -0.72
C SER A 76 -9.93 8.47 0.77
N ALA A 77 -8.77 8.20 1.34
CA ALA A 77 -8.70 7.84 2.76
C ALA A 77 -7.60 8.66 3.43
N THR A 78 -7.65 8.69 4.75
CA THR A 78 -6.67 9.44 5.52
C THR A 78 -5.73 8.47 6.25
N GLU A 79 -4.54 8.97 6.55
CA GLU A 79 -3.55 8.16 7.25
C GLU A 79 -4.19 7.45 8.45
N GLN A 80 -5.10 8.17 9.10
CA GLN A 80 -5.78 7.63 10.26
C GLN A 80 -6.62 6.41 9.86
N GLN A 81 -7.51 6.63 8.91
CA GLN A 81 -8.37 5.57 8.43
C GLN A 81 -7.54 4.39 7.92
N ALA A 82 -6.51 4.72 7.15
CA ALA A 82 -5.63 3.71 6.59
C ALA A 82 -5.01 2.90 7.73
N ARG A 83 -4.57 3.61 8.76
CA ARG A 83 -3.97 2.98 9.91
C ARG A 83 -4.98 2.09 10.62
N LEU A 84 -6.24 2.26 10.24
CA LEU A 84 -7.31 1.48 10.84
C LEU A 84 -7.71 0.34 9.89
N ILE A 85 -8.02 0.73 8.66
CA ILE A 85 -8.41 -0.25 7.64
C ILE A 85 -7.42 -1.41 7.66
N ILE A 86 -6.14 -1.05 7.64
CA ILE A 86 -5.09 -2.06 7.65
C ILE A 86 -5.05 -2.74 9.02
N GLY A 87 -5.42 -1.97 10.03
CA GLY A 87 -5.42 -2.49 11.40
C GLY A 87 -6.81 -3.04 11.76
N GLN A 88 -7.44 -3.66 10.78
CA GLN A 88 -8.76 -4.24 10.98
C GLN A 88 -8.66 -5.76 11.06
N GLN A 89 -9.83 -6.39 11.13
CA GLN A 89 -9.88 -7.84 11.22
C GLN A 89 -10.26 -8.43 9.85
N CYS A 90 -9.73 -9.63 9.59
CA CYS A 90 -10.00 -10.31 8.34
C CYS A 90 -8.92 -11.37 8.14
N ASP A 91 -9.32 -12.62 8.33
CA ASP A 91 -8.40 -13.74 8.17
C ASP A 91 -7.54 -13.51 6.93
N THR A 92 -8.20 -13.13 5.84
CA THR A 92 -7.51 -12.87 4.59
C THR A 92 -8.01 -11.59 3.96
N ILE A 93 -7.08 -10.67 3.74
CA ILE A 93 -7.41 -9.39 3.13
C ILE A 93 -6.44 -9.09 1.99
N THR A 94 -6.97 -8.45 0.96
CA THR A 94 -6.16 -8.12 -0.20
C THR A 94 -5.84 -6.61 -0.20
N ILE A 95 -4.95 -6.23 -1.11
CA ILE A 95 -4.55 -4.84 -1.22
C ILE A 95 -4.27 -4.52 -2.69
N LEU A 96 -4.69 -3.33 -3.09
CA LEU A 96 -4.50 -2.88 -4.46
C LEU A 96 -3.38 -1.85 -4.50
N ALA A 97 -2.31 -2.21 -5.20
CA ALA A 97 -1.16 -1.32 -5.32
C ALA A 97 -0.81 -1.16 -6.80
N GLN A 98 -0.35 0.03 -7.14
CA GLN A 98 0.03 0.33 -8.51
C GLN A 98 1.29 1.20 -8.54
N TYR A 99 2.28 0.77 -7.78
CA TYR A 99 3.53 1.49 -7.70
C TYR A 99 3.31 3.01 -7.81
N ASN A 100 4.35 3.69 -8.23
CA ASN A 100 4.28 5.14 -8.39
C ASN A 100 5.69 5.72 -8.38
N PRO A 101 6.36 5.61 -9.56
CA PRO A 101 7.72 6.12 -9.70
C PRO A 101 7.73 7.64 -9.81
N HIS A 102 7.10 8.27 -8.82
CA HIS A 102 7.03 9.73 -8.80
C HIS A 102 6.98 10.21 -7.35
N VAL A 103 7.64 9.46 -6.47
CA VAL A 103 7.68 9.80 -5.07
C VAL A 103 9.13 10.03 -4.64
N HIS A 104 9.98 9.06 -4.97
CA HIS A 104 11.39 9.15 -4.62
C HIS A 104 11.91 10.55 -4.95
N GLN A 105 11.82 10.90 -6.23
CA GLN A 105 12.28 12.20 -6.67
C GLN A 105 11.80 13.29 -5.72
N LEU A 106 12.74 14.15 -5.34
CA LEU A 106 12.43 15.24 -4.43
C LEU A 106 11.97 14.67 -3.09
N SER A 107 12.28 15.40 -2.03
CA SER A 107 11.90 14.97 -0.69
C SER A 107 12.59 13.66 -0.34
N SER A 108 13.70 13.78 0.38
CA SER A 108 14.46 12.61 0.78
C SER A 108 15.68 13.04 1.60
N HIS A 109 15.95 12.26 2.64
CA HIS A 109 17.08 12.55 3.51
C HIS A 109 18.06 11.36 3.49
N SER A 110 19.33 11.69 3.57
CA SER A 110 20.37 10.68 3.57
C SER A 110 21.18 10.74 4.87
N ARG A 111 21.32 9.58 5.49
CA ARG A 111 22.07 9.50 6.74
C ARG A 111 22.67 8.10 6.90
N SER A 112 23.69 8.03 7.75
CA SER A 112 24.37 6.76 8.00
C SER A 112 24.90 6.19 6.68
N GLY A 113 26.11 6.58 6.34
CA GLY A 113 26.73 6.12 5.11
C GLY A 113 27.78 5.04 5.41
N PRO A 114 28.07 4.22 4.37
CA PRO A 114 29.05 3.15 4.51
C PRO A 114 30.47 3.72 4.50
N SER A 115 31.43 2.80 4.61
CA SER A 115 32.83 3.19 4.62
C SER A 115 33.60 2.41 3.55
N SER A 116 33.55 1.09 3.67
CA SER A 116 34.23 0.23 2.73
C SER A 116 33.36 0.03 1.48
N GLY A 117 34.01 -0.42 0.41
CA GLY A 117 33.31 -0.64 -0.84
C GLY A 117 34.12 -1.58 -1.75
N GLY A 1 -10.41 -35.24 -28.79
CA GLY A 1 -10.66 -34.05 -27.98
C GLY A 1 -9.59 -32.99 -28.22
N SER A 2 -10.04 -31.82 -28.67
CA SER A 2 -9.12 -30.72 -28.93
C SER A 2 -9.78 -29.40 -28.54
N SER A 3 -8.93 -28.42 -28.25
CA SER A 3 -9.40 -27.11 -27.86
C SER A 3 -8.34 -26.05 -28.17
N GLY A 4 -8.81 -24.90 -28.64
CA GLY A 4 -7.93 -23.81 -28.99
C GLY A 4 -8.42 -22.49 -28.38
N SER A 5 -7.46 -21.65 -28.04
CA SER A 5 -7.78 -20.36 -27.45
C SER A 5 -6.49 -19.53 -27.27
N SER A 6 -6.33 -18.56 -28.15
CA SER A 6 -5.17 -17.69 -28.10
C SER A 6 -5.59 -16.25 -27.80
N GLY A 7 -4.60 -15.43 -27.49
CA GLY A 7 -4.86 -14.03 -27.19
C GLY A 7 -3.56 -13.22 -27.19
N GLY A 8 -3.34 -12.51 -26.10
CA GLY A 8 -2.14 -11.69 -25.97
C GLY A 8 -1.08 -12.40 -25.13
N GLU A 9 0.07 -11.76 -25.03
CA GLU A 9 1.18 -12.32 -24.27
C GLU A 9 2.19 -11.22 -23.92
N ARG A 10 2.20 -10.84 -22.65
CA ARG A 10 3.10 -9.81 -22.18
C ARG A 10 3.46 -10.06 -20.70
N ARG A 11 4.46 -9.31 -20.25
CA ARG A 11 4.91 -9.44 -18.87
C ARG A 11 5.06 -8.07 -18.23
N LYS A 12 5.84 -7.22 -18.90
CA LYS A 12 6.07 -5.87 -18.41
C LYS A 12 4.87 -4.99 -18.75
N ASP A 13 4.70 -4.76 -20.04
CA ASP A 13 3.60 -3.94 -20.52
C ASP A 13 3.53 -2.65 -19.68
N ARG A 14 4.19 -1.62 -20.20
CA ARG A 14 4.21 -0.34 -19.53
C ARG A 14 3.52 0.73 -20.39
N PRO A 15 2.17 0.83 -20.20
CA PRO A 15 1.39 1.79 -20.93
C PRO A 15 1.61 3.21 -20.40
N TYR A 16 1.68 3.31 -19.08
CA TYR A 16 1.88 4.59 -18.43
C TYR A 16 2.55 4.42 -17.07
N VAL A 17 2.08 3.43 -16.33
CA VAL A 17 2.62 3.15 -15.01
C VAL A 17 2.35 1.68 -14.66
N GLU A 18 3.29 1.09 -13.94
CA GLU A 18 3.17 -0.30 -13.54
C GLU A 18 1.73 -0.60 -13.14
N GLU A 19 1.05 -1.36 -13.99
CA GLU A 19 -0.32 -1.74 -13.74
C GLU A 19 -0.51 -2.12 -12.28
N PRO A 20 -1.75 -1.89 -11.77
CA PRO A 20 -2.07 -2.21 -10.39
C PRO A 20 -2.23 -3.72 -10.19
N ARG A 21 -1.52 -4.22 -9.20
CA ARG A 21 -1.57 -5.65 -8.89
C ARG A 21 -2.39 -5.89 -7.63
N HIS A 22 -2.70 -7.16 -7.40
CA HIS A 22 -3.48 -7.54 -6.23
C HIS A 22 -2.66 -8.45 -5.33
N VAL A 23 -2.21 -7.88 -4.22
CA VAL A 23 -1.41 -8.63 -3.26
C VAL A 23 -2.30 -9.08 -2.10
N LYS A 24 -2.42 -10.39 -1.98
CA LYS A 24 -3.24 -10.97 -0.91
C LYS A 24 -2.48 -10.87 0.41
N VAL A 25 -3.23 -10.95 1.49
CA VAL A 25 -2.65 -10.87 2.82
C VAL A 25 -3.25 -11.97 3.70
N GLN A 26 -2.37 -12.62 4.45
CA GLN A 26 -2.79 -13.68 5.34
C GLN A 26 -2.64 -13.25 6.81
N LYS A 27 -3.52 -12.35 7.22
CA LYS A 27 -3.49 -11.84 8.58
C LYS A 27 -3.77 -13.01 9.55
N GLY A 28 -5.06 -13.26 9.75
CA GLY A 28 -5.46 -14.33 10.65
C GLY A 28 -5.39 -13.88 12.11
N SER A 29 -6.08 -12.78 12.38
CA SER A 29 -6.11 -12.24 13.73
C SER A 29 -4.73 -11.68 14.11
N GLU A 30 -4.13 -10.97 13.16
CA GLU A 30 -2.81 -10.39 13.37
C GLU A 30 -2.72 -9.03 12.68
N PRO A 31 -1.77 -8.20 13.18
CA PRO A 31 -1.56 -6.88 12.62
C PRO A 31 -0.84 -6.95 11.28
N LEU A 32 -0.78 -5.81 10.59
CA LEU A 32 -0.12 -5.75 9.31
C LEU A 32 1.37 -5.47 9.51
N GLY A 33 1.63 -4.38 10.22
CA GLY A 33 3.01 -3.99 10.49
C GLY A 33 3.61 -3.21 9.32
N ILE A 34 3.00 -2.06 9.04
CA ILE A 34 3.47 -1.22 7.96
C ILE A 34 3.10 0.23 8.24
N SER A 35 3.94 1.13 7.77
CA SER A 35 3.71 2.56 7.97
C SER A 35 3.07 3.16 6.72
N ILE A 36 2.15 4.08 6.96
CA ILE A 36 1.45 4.75 5.87
C ILE A 36 1.45 6.27 6.11
N VAL A 37 1.33 7.01 5.03
CA VAL A 37 1.31 8.45 5.10
C VAL A 37 0.31 9.00 4.10
N SER A 38 -0.21 10.19 4.41
CA SER A 38 -1.18 10.83 3.54
C SER A 38 -0.56 12.09 2.92
N GLY A 39 -1.00 12.38 1.69
CA GLY A 39 -0.50 13.54 0.99
C GLY A 39 -1.43 14.74 1.17
N GLU A 40 -2.27 14.63 2.20
CA GLU A 40 -3.21 15.70 2.50
C GLU A 40 -4.32 15.74 1.45
N LYS A 41 -3.94 16.09 0.23
CA LYS A 41 -4.88 16.18 -0.86
C LYS A 41 -5.67 14.88 -0.95
N GLY A 42 -4.94 13.77 -0.84
CA GLY A 42 -5.56 12.45 -0.91
C GLY A 42 -4.54 11.39 -1.34
N GLY A 43 -4.82 10.16 -0.95
CA GLY A 43 -3.96 9.05 -1.29
C GLY A 43 -3.09 8.64 -0.11
N ILE A 44 -2.73 7.36 -0.07
CA ILE A 44 -1.92 6.83 1.00
C ILE A 44 -0.65 6.20 0.41
N TYR A 45 0.46 6.46 1.07
CA TYR A 45 1.74 5.92 0.63
C TYR A 45 2.48 5.25 1.78
N VAL A 46 2.99 4.06 1.49
CA VAL A 46 3.73 3.31 2.50
C VAL A 46 4.93 4.13 2.96
N SER A 47 5.08 4.22 4.27
CA SER A 47 6.19 4.97 4.85
C SER A 47 7.26 4.00 5.37
N LYS A 48 6.84 2.76 5.59
CA LYS A 48 7.75 1.75 6.08
C LYS A 48 6.99 0.42 6.20
N VAL A 49 7.77 -0.64 6.36
CA VAL A 49 7.19 -1.98 6.49
C VAL A 49 7.88 -2.71 7.65
N THR A 50 7.14 -3.65 8.22
CA THR A 50 7.66 -4.44 9.32
C THR A 50 8.16 -5.80 8.84
N VAL A 51 9.15 -6.31 9.55
CA VAL A 51 9.73 -7.60 9.20
C VAL A 51 9.04 -8.70 10.00
N GLY A 52 8.87 -9.85 9.35
CA GLY A 52 8.23 -10.98 10.00
C GLY A 52 6.76 -10.69 10.28
N SER A 53 6.29 -9.58 9.71
CA SER A 53 4.90 -9.18 9.90
C SER A 53 4.07 -9.59 8.69
N ILE A 54 2.77 -9.68 8.90
CA ILE A 54 1.86 -10.07 7.84
C ILE A 54 2.29 -9.38 6.54
N ALA A 55 2.21 -8.06 6.54
CA ALA A 55 2.58 -7.28 5.37
C ALA A 55 3.79 -7.93 4.70
N HIS A 56 4.89 -7.95 5.43
CA HIS A 56 6.12 -8.53 4.92
C HIS A 56 5.80 -9.80 4.13
N GLN A 57 5.02 -10.68 4.77
CA GLN A 57 4.64 -11.93 4.14
C GLN A 57 3.82 -11.66 2.87
N ALA A 58 2.93 -10.69 2.98
CA ALA A 58 2.08 -10.32 1.86
C ALA A 58 2.95 -9.88 0.69
N GLY A 59 4.12 -9.34 1.04
CA GLY A 59 5.05 -8.89 0.02
C GLY A 59 4.83 -7.41 -0.31
N LEU A 60 4.69 -6.61 0.75
CA LEU A 60 4.47 -5.19 0.60
C LEU A 60 5.82 -4.47 0.53
N GLU A 61 5.77 -3.21 0.15
CA GLU A 61 6.97 -2.40 0.04
C GLU A 61 6.63 -0.91 0.13
N TYR A 62 7.66 -0.12 0.35
CA TYR A 62 7.48 1.32 0.45
C TYR A 62 7.45 1.98 -0.93
N GLY A 63 6.84 3.15 -0.98
CA GLY A 63 6.73 3.88 -2.23
C GLY A 63 5.59 3.32 -3.10
N ASP A 64 5.01 2.24 -2.62
CA ASP A 64 3.92 1.60 -3.34
C ASP A 64 2.61 2.30 -2.98
N GLN A 65 2.15 3.14 -3.89
CA GLN A 65 0.92 3.88 -3.68
C GLN A 65 -0.22 2.91 -3.34
N LEU A 66 -0.93 3.23 -2.27
CA LEU A 66 -2.04 2.40 -1.84
C LEU A 66 -3.32 2.87 -2.52
N LEU A 67 -3.78 2.07 -3.48
CA LEU A 67 -4.99 2.40 -4.21
C LEU A 67 -6.20 2.08 -3.34
N GLU A 68 -6.49 0.80 -3.23
CA GLU A 68 -7.63 0.35 -2.43
C GLU A 68 -7.20 -0.79 -1.50
N PHE A 69 -7.96 -0.93 -0.42
CA PHE A 69 -7.67 -1.97 0.56
C PHE A 69 -8.90 -2.86 0.79
N ASN A 70 -8.84 -4.05 0.22
CA ASN A 70 -9.94 -4.99 0.35
C ASN A 70 -11.19 -4.41 -0.30
N GLY A 71 -10.98 -3.36 -1.08
CA GLY A 71 -12.08 -2.71 -1.77
C GLY A 71 -12.79 -1.71 -0.85
N ILE A 72 -12.09 -1.32 0.21
CA ILE A 72 -12.64 -0.38 1.17
C ILE A 72 -12.48 1.04 0.63
N ASN A 73 -12.04 1.12 -0.63
CA ASN A 73 -11.84 2.41 -1.27
C ASN A 73 -10.94 3.28 -0.39
N LEU A 74 -9.64 3.15 -0.60
CA LEU A 74 -8.67 3.92 0.15
C LEU A 74 -8.34 5.21 -0.61
N ARG A 75 -8.59 5.17 -1.91
CA ARG A 75 -8.32 6.32 -2.75
C ARG A 75 -8.84 7.59 -2.09
N SER A 76 -9.83 7.42 -1.24
CA SER A 76 -10.42 8.54 -0.53
C SER A 76 -10.41 8.28 0.98
N ALA A 77 -9.21 8.11 1.51
CA ALA A 77 -9.05 7.85 2.93
C ALA A 77 -7.83 8.63 3.45
N THR A 78 -7.79 8.80 4.75
CA THR A 78 -6.70 9.51 5.39
C THR A 78 -5.72 8.54 6.03
N GLU A 79 -4.67 9.10 6.62
CA GLU A 79 -3.65 8.28 7.28
C GLU A 79 -4.22 7.65 8.55
N GLN A 80 -5.05 8.42 9.23
CA GLN A 80 -5.67 7.94 10.46
C GLN A 80 -6.57 6.74 10.18
N GLN A 81 -7.28 6.82 9.07
CA GLN A 81 -8.18 5.75 8.68
C GLN A 81 -7.37 4.53 8.20
N ALA A 82 -6.45 4.79 7.28
CA ALA A 82 -5.62 3.73 6.75
C ALA A 82 -5.08 2.88 7.89
N ARG A 83 -4.39 3.55 8.81
CA ARG A 83 -3.81 2.87 9.96
C ARG A 83 -4.86 1.96 10.61
N LEU A 84 -6.11 2.40 10.53
CA LEU A 84 -7.20 1.64 11.12
C LEU A 84 -7.62 0.54 10.14
N ILE A 85 -8.00 0.96 8.94
CA ILE A 85 -8.43 0.02 7.92
C ILE A 85 -7.48 -1.18 7.91
N ILE A 86 -6.20 -0.89 7.72
CA ILE A 86 -5.20 -1.94 7.68
C ILE A 86 -5.16 -2.65 9.04
N GLY A 87 -5.49 -1.89 10.08
CA GLY A 87 -5.49 -2.43 11.42
C GLY A 87 -6.84 -3.05 11.76
N GLN A 88 -7.44 -3.68 10.75
CA GLN A 88 -8.73 -4.32 10.93
C GLN A 88 -8.56 -5.82 11.18
N GLN A 89 -9.68 -6.51 11.22
CA GLN A 89 -9.66 -7.95 11.45
C GLN A 89 -10.21 -8.69 10.23
N CYS A 90 -9.35 -9.51 9.64
CA CYS A 90 -9.74 -10.27 8.48
C CYS A 90 -8.64 -11.31 8.20
N ASP A 91 -9.03 -12.57 8.31
CA ASP A 91 -8.10 -13.67 8.08
C ASP A 91 -7.32 -13.40 6.79
N THR A 92 -8.06 -13.13 5.73
CA THR A 92 -7.45 -12.86 4.44
C THR A 92 -8.04 -11.58 3.83
N ILE A 93 -7.14 -10.68 3.46
CA ILE A 93 -7.56 -9.42 2.87
C ILE A 93 -6.66 -9.11 1.67
N THR A 94 -7.30 -8.60 0.62
CA THR A 94 -6.58 -8.25 -0.60
C THR A 94 -6.25 -6.76 -0.62
N ILE A 95 -5.21 -6.43 -1.37
CA ILE A 95 -4.79 -5.04 -1.49
C ILE A 95 -4.44 -4.74 -2.94
N LEU A 96 -4.69 -3.49 -3.33
CA LEU A 96 -4.41 -3.06 -4.69
C LEU A 96 -3.34 -1.98 -4.67
N ALA A 97 -2.19 -2.31 -5.24
CA ALA A 97 -1.08 -1.37 -5.30
C ALA A 97 -0.84 -0.95 -6.75
N GLN A 98 0.12 -0.06 -6.92
CA GLN A 98 0.46 0.43 -8.24
C GLN A 98 1.69 1.33 -8.19
N TYR A 99 2.85 0.69 -8.12
CA TYR A 99 4.10 1.42 -8.05
C TYR A 99 4.06 2.67 -8.93
N ASN A 100 4.47 3.78 -8.34
CA ASN A 100 4.48 5.05 -9.05
C ASN A 100 5.92 5.53 -9.20
N PRO A 101 6.43 5.47 -10.46
CA PRO A 101 7.79 5.90 -10.74
C PRO A 101 7.90 7.43 -10.74
N HIS A 102 7.46 8.01 -9.63
CA HIS A 102 7.51 9.46 -9.49
C HIS A 102 7.09 9.84 -8.07
N VAL A 103 7.79 9.27 -7.10
CA VAL A 103 7.50 9.55 -5.70
C VAL A 103 8.81 9.82 -4.96
N HIS A 104 8.77 10.83 -4.10
CA HIS A 104 9.94 11.20 -3.33
C HIS A 104 9.52 12.13 -2.18
N GLN A 105 10.29 12.08 -1.12
CA GLN A 105 10.02 12.91 0.05
C GLN A 105 11.23 13.79 0.37
N LEU A 106 10.95 14.92 1.01
CA LEU A 106 12.00 15.85 1.38
C LEU A 106 12.18 15.83 2.90
N SER A 107 13.43 16.01 3.31
CA SER A 107 13.75 16.01 4.72
C SER A 107 13.34 14.68 5.36
N SER A 108 13.96 14.39 6.50
CA SER A 108 13.66 13.16 7.21
C SER A 108 12.50 13.37 8.17
N HIS A 109 12.70 14.29 9.11
CA HIS A 109 11.67 14.60 10.10
C HIS A 109 11.39 13.36 10.93
N SER A 110 10.66 13.58 12.02
CA SER A 110 10.31 12.49 12.92
C SER A 110 11.57 11.80 13.43
N ARG A 111 11.37 10.84 14.32
CA ARG A 111 12.48 10.10 14.90
C ARG A 111 13.45 11.05 15.60
N SER A 112 13.52 10.91 16.91
CA SER A 112 14.40 11.74 17.71
C SER A 112 15.24 10.86 18.64
N GLY A 113 16.51 11.22 18.74
CA GLY A 113 17.44 10.49 19.59
C GLY A 113 16.98 10.50 21.04
N PRO A 114 16.71 9.27 21.57
CA PRO A 114 16.27 9.13 22.94
C PRO A 114 17.42 9.34 23.92
N SER A 115 17.08 9.80 25.12
CA SER A 115 18.07 10.05 26.14
C SER A 115 17.77 9.19 27.38
N SER A 116 18.77 9.09 28.25
CA SER A 116 18.62 8.30 29.46
C SER A 116 17.24 8.54 30.08
N GLY A 117 16.39 7.54 29.95
CA GLY A 117 15.04 7.63 30.48
C GLY A 117 15.05 7.45 32.00
N GLY A 1 -23.56 5.26 2.76
CA GLY A 1 -22.94 4.80 1.53
C GLY A 1 -21.67 5.61 1.22
N SER A 2 -20.81 5.02 0.40
CA SER A 2 -19.57 5.66 0.02
C SER A 2 -18.82 4.80 -1.00
N SER A 3 -17.86 5.42 -1.65
CA SER A 3 -17.06 4.72 -2.65
C SER A 3 -17.93 4.36 -3.85
N GLY A 4 -17.27 4.08 -4.96
CA GLY A 4 -17.97 3.72 -6.19
C GLY A 4 -17.64 2.29 -6.60
N SER A 5 -17.02 2.17 -7.76
CA SER A 5 -16.64 0.86 -8.29
C SER A 5 -15.63 1.02 -9.42
N SER A 6 -14.68 0.10 -9.45
CA SER A 6 -13.64 0.13 -10.47
C SER A 6 -12.95 -1.23 -10.55
N GLY A 7 -12.42 -1.53 -11.73
CA GLY A 7 -11.73 -2.79 -11.95
C GLY A 7 -10.57 -2.61 -12.93
N GLY A 8 -9.99 -3.73 -13.33
CA GLY A 8 -8.88 -3.72 -14.26
C GLY A 8 -8.92 -4.93 -15.18
N GLU A 9 -7.77 -5.25 -15.75
CA GLU A 9 -7.66 -6.38 -16.65
C GLU A 9 -6.34 -7.11 -16.44
N ARG A 10 -6.39 -8.43 -16.61
CA ARG A 10 -5.22 -9.26 -16.43
C ARG A 10 -4.39 -9.29 -17.71
N ARG A 11 -3.48 -8.34 -17.82
CA ARG A 11 -2.63 -8.25 -18.99
C ARG A 11 -1.20 -7.88 -18.58
N LYS A 12 -0.24 -8.62 -19.13
CA LYS A 12 1.15 -8.38 -18.82
C LYS A 12 1.69 -7.29 -19.75
N ASP A 13 1.02 -6.14 -19.73
CA ASP A 13 1.41 -5.03 -20.56
C ASP A 13 1.35 -3.74 -19.73
N ARG A 14 2.51 -3.09 -19.62
CA ARG A 14 2.61 -1.86 -18.86
C ARG A 14 2.38 -0.66 -19.78
N PRO A 15 1.32 0.11 -19.46
CA PRO A 15 0.99 1.29 -20.25
C PRO A 15 1.95 2.45 -19.95
N TYR A 16 1.67 3.14 -18.87
CA TYR A 16 2.49 4.27 -18.46
C TYR A 16 3.20 3.98 -17.14
N VAL A 17 2.41 3.52 -16.17
CA VAL A 17 2.94 3.20 -14.86
C VAL A 17 2.82 1.70 -14.62
N GLU A 18 3.20 1.29 -13.42
CA GLU A 18 3.14 -0.11 -13.05
C GLU A 18 1.71 -0.50 -12.66
N GLU A 19 1.04 -1.16 -13.58
CA GLU A 19 -0.33 -1.59 -13.36
C GLU A 19 -0.51 -2.02 -11.90
N PRO A 20 -1.78 -1.90 -11.41
CA PRO A 20 -2.10 -2.27 -10.05
C PRO A 20 -2.15 -3.80 -9.90
N ARG A 21 -1.69 -4.26 -8.75
CA ARG A 21 -1.68 -5.69 -8.47
C ARG A 21 -2.47 -5.98 -7.19
N HIS A 22 -2.76 -7.26 -6.99
CA HIS A 22 -3.50 -7.68 -5.82
C HIS A 22 -2.60 -8.54 -4.92
N VAL A 23 -2.17 -7.94 -3.83
CA VAL A 23 -1.31 -8.63 -2.88
C VAL A 23 -2.16 -9.18 -1.74
N LYS A 24 -2.46 -10.47 -1.83
CA LYS A 24 -3.25 -11.13 -0.80
C LYS A 24 -2.51 -11.08 0.53
N VAL A 25 -3.26 -11.26 1.60
CA VAL A 25 -2.68 -11.23 2.94
C VAL A 25 -3.27 -12.39 3.76
N GLN A 26 -2.46 -12.90 4.67
CA GLN A 26 -2.88 -13.99 5.52
C GLN A 26 -2.65 -13.64 7.00
N LYS A 27 -3.19 -12.50 7.39
CA LYS A 27 -3.05 -12.05 8.76
C LYS A 27 -3.12 -13.25 9.71
N GLY A 28 -4.35 -13.60 10.05
CA GLY A 28 -4.56 -14.73 10.95
C GLY A 28 -4.36 -14.32 12.41
N SER A 29 -5.11 -13.30 12.81
CA SER A 29 -5.02 -12.80 14.17
C SER A 29 -3.64 -12.17 14.41
N GLU A 30 -3.20 -11.41 13.42
CA GLU A 30 -1.91 -10.76 13.50
C GLU A 30 -1.98 -9.38 12.85
N PRO A 31 -1.04 -8.48 13.29
CA PRO A 31 -0.99 -7.13 12.75
C PRO A 31 -0.39 -7.12 11.34
N LEU A 32 -0.57 -6.00 10.67
CA LEU A 32 -0.06 -5.85 9.32
C LEU A 32 1.39 -5.38 9.38
N GLY A 33 1.68 -4.56 10.38
CA GLY A 33 3.03 -4.04 10.56
C GLY A 33 3.48 -3.25 9.33
N ILE A 34 2.84 -2.11 9.13
CA ILE A 34 3.17 -1.26 8.00
C ILE A 34 2.86 0.20 8.36
N SER A 35 3.58 1.10 7.72
CA SER A 35 3.40 2.52 7.96
C SER A 35 2.74 3.18 6.75
N ILE A 36 1.85 4.11 7.04
CA ILE A 36 1.15 4.83 5.98
C ILE A 36 1.16 6.33 6.29
N VAL A 37 1.12 7.11 5.22
CA VAL A 37 1.12 8.56 5.36
C VAL A 37 0.14 9.16 4.36
N SER A 38 -0.45 10.29 4.76
CA SER A 38 -1.40 10.97 3.91
C SER A 38 -0.73 12.16 3.22
N GLY A 39 -1.18 12.42 2.00
CA GLY A 39 -0.64 13.52 1.22
C GLY A 39 -1.60 14.70 1.19
N GLU A 40 -1.02 15.90 1.18
CA GLU A 40 -1.83 17.11 1.14
C GLU A 40 -3.04 16.92 0.24
N LYS A 41 -2.75 16.77 -1.05
CA LYS A 41 -3.81 16.58 -2.04
C LYS A 41 -3.54 15.30 -2.82
N GLY A 42 -3.39 14.21 -2.07
CA GLY A 42 -3.13 12.92 -2.69
C GLY A 42 -3.88 11.80 -1.96
N GLY A 43 -3.26 10.63 -1.95
CA GLY A 43 -3.85 9.48 -1.28
C GLY A 43 -2.96 8.99 -0.14
N ILE A 44 -3.00 7.68 0.08
CA ILE A 44 -2.21 7.07 1.13
C ILE A 44 -0.97 6.41 0.50
N TYR A 45 0.15 6.55 1.19
CA TYR A 45 1.39 5.97 0.72
C TYR A 45 2.11 5.22 1.84
N VAL A 46 2.70 4.09 1.48
CA VAL A 46 3.42 3.28 2.44
C VAL A 46 4.64 4.05 2.95
N SER A 47 4.74 4.14 4.26
CA SER A 47 5.86 4.84 4.88
C SER A 47 6.94 3.85 5.32
N LYS A 48 6.50 2.61 5.49
CA LYS A 48 7.42 1.56 5.90
C LYS A 48 6.66 0.24 6.03
N VAL A 49 7.41 -0.84 6.25
CA VAL A 49 6.82 -2.15 6.40
C VAL A 49 7.72 -3.01 7.27
N THR A 50 7.08 -3.81 8.13
CA THR A 50 7.81 -4.68 9.03
C THR A 50 7.77 -6.12 8.50
N VAL A 51 8.74 -6.91 8.95
CA VAL A 51 8.82 -8.30 8.54
C VAL A 51 8.04 -9.16 9.53
N GLY A 52 7.66 -10.34 9.07
CA GLY A 52 6.91 -11.27 9.89
C GLY A 52 5.64 -10.61 10.43
N SER A 53 5.26 -9.51 9.81
CA SER A 53 4.07 -8.78 10.22
C SER A 53 2.93 -9.03 9.22
N ILE A 54 3.14 -10.02 8.37
CA ILE A 54 2.14 -10.37 7.37
C ILE A 54 2.34 -9.49 6.13
N ALA A 55 2.51 -8.20 6.38
CA ALA A 55 2.70 -7.25 5.30
C ALA A 55 3.83 -7.75 4.39
N HIS A 56 5.03 -7.77 4.93
CA HIS A 56 6.19 -8.22 4.19
C HIS A 56 5.85 -9.51 3.44
N GLN A 57 5.28 -10.45 4.18
CA GLN A 57 4.91 -11.73 3.62
C GLN A 57 4.02 -11.52 2.39
N ALA A 58 3.13 -10.55 2.50
CA ALA A 58 2.22 -10.23 1.41
C ALA A 58 3.01 -9.65 0.24
N GLY A 59 4.11 -8.99 0.58
CA GLY A 59 4.96 -8.38 -0.43
C GLY A 59 4.65 -6.89 -0.58
N LEU A 60 4.72 -6.18 0.53
CA LEU A 60 4.45 -4.76 0.54
C LEU A 60 5.77 -4.00 0.65
N GLU A 61 5.82 -2.86 -0.04
CA GLU A 61 7.00 -2.03 -0.03
C GLU A 61 6.63 -0.55 0.05
N TYR A 62 7.64 0.28 0.22
CA TYR A 62 7.43 1.71 0.32
C TYR A 62 7.34 2.36 -1.07
N GLY A 63 6.67 3.50 -1.12
CA GLY A 63 6.51 4.21 -2.37
C GLY A 63 5.29 3.70 -3.14
N ASP A 64 4.80 2.55 -2.70
CA ASP A 64 3.65 1.95 -3.35
C ASP A 64 2.36 2.56 -2.79
N GLN A 65 1.65 3.25 -3.66
CA GLN A 65 0.41 3.90 -3.27
C GLN A 65 -0.67 2.85 -2.96
N LEU A 66 -1.23 2.95 -1.77
CA LEU A 66 -2.26 2.01 -1.35
C LEU A 66 -3.60 2.44 -1.97
N LEU A 67 -3.87 1.87 -3.14
CA LEU A 67 -5.10 2.19 -3.85
C LEU A 67 -6.30 1.83 -2.95
N GLU A 68 -6.60 0.54 -2.91
CA GLU A 68 -7.70 0.05 -2.10
C GLU A 68 -7.23 -1.05 -1.16
N PHE A 69 -8.11 -1.40 -0.22
CA PHE A 69 -7.79 -2.44 0.74
C PHE A 69 -8.95 -3.45 0.85
N ASN A 70 -8.76 -4.57 0.16
CA ASN A 70 -9.77 -5.62 0.18
C ASN A 70 -11.05 -5.09 -0.46
N GLY A 71 -10.92 -3.97 -1.14
CA GLY A 71 -12.05 -3.35 -1.81
C GLY A 71 -12.34 -1.96 -1.25
N ILE A 72 -11.76 -1.70 -0.08
CA ILE A 72 -11.93 -0.42 0.56
C ILE A 72 -11.19 0.66 -0.23
N ASN A 73 -11.87 1.77 -0.43
CA ASN A 73 -11.29 2.88 -1.17
C ASN A 73 -10.43 3.72 -0.23
N LEU A 74 -9.12 3.58 -0.41
CA LEU A 74 -8.17 4.32 0.41
C LEU A 74 -7.80 5.63 -0.29
N ARG A 75 -8.00 5.64 -1.60
CA ARG A 75 -7.70 6.82 -2.40
C ARG A 75 -8.38 8.05 -1.81
N SER A 76 -9.47 7.79 -1.09
CA SER A 76 -10.22 8.88 -0.48
C SER A 76 -10.29 8.66 1.05
N ALA A 77 -9.15 8.32 1.61
CA ALA A 77 -9.08 8.07 3.05
C ALA A 77 -7.99 8.98 3.65
N THR A 78 -7.70 8.71 4.91
CA THR A 78 -6.69 9.49 5.61
C THR A 78 -5.66 8.56 6.25
N GLU A 79 -4.79 9.15 7.07
CA GLU A 79 -3.76 8.40 7.75
C GLU A 79 -4.33 7.70 8.98
N GLN A 80 -5.24 8.40 9.65
CA GLN A 80 -5.86 7.86 10.84
C GLN A 80 -6.81 6.71 10.47
N GLN A 81 -7.49 6.90 9.35
CA GLN A 81 -8.44 5.89 8.89
C GLN A 81 -7.68 4.71 8.26
N ALA A 82 -6.71 5.05 7.42
CA ALA A 82 -5.91 4.04 6.75
C ALA A 82 -5.43 3.02 7.78
N ARG A 83 -4.76 3.53 8.80
CA ARG A 83 -4.23 2.68 9.86
C ARG A 83 -5.36 1.84 10.48
N LEU A 84 -6.57 2.35 10.34
CA LEU A 84 -7.74 1.67 10.87
C LEU A 84 -8.24 0.66 9.85
N ILE A 85 -8.23 1.07 8.59
CA ILE A 85 -8.67 0.22 7.51
C ILE A 85 -7.71 -0.96 7.36
N ILE A 86 -6.42 -0.63 7.34
CA ILE A 86 -5.39 -1.64 7.20
C ILE A 86 -5.36 -2.51 8.45
N GLY A 87 -5.90 -1.95 9.53
CA GLY A 87 -5.94 -2.67 10.81
C GLY A 87 -7.26 -3.44 10.94
N GLN A 88 -7.98 -3.54 9.84
CA GLN A 88 -9.25 -4.24 9.84
C GLN A 88 -9.06 -5.68 10.32
N GLN A 89 -10.17 -6.40 10.38
CA GLN A 89 -10.14 -7.78 10.81
C GLN A 89 -10.48 -8.71 9.65
N CYS A 90 -9.68 -9.76 9.50
CA CYS A 90 -9.89 -10.72 8.44
C CYS A 90 -8.62 -11.58 8.31
N ASP A 91 -8.77 -12.85 8.66
CA ASP A 91 -7.65 -13.77 8.59
C ASP A 91 -6.89 -13.55 7.29
N THR A 92 -7.64 -13.50 6.19
CA THR A 92 -7.05 -13.30 4.89
C THR A 92 -7.74 -12.14 4.16
N ILE A 93 -6.94 -11.15 3.81
CA ILE A 93 -7.45 -9.98 3.12
C ILE A 93 -6.52 -9.62 1.96
N THR A 94 -7.11 -8.99 0.96
CA THR A 94 -6.34 -8.58 -0.21
C THR A 94 -6.17 -7.07 -0.25
N ILE A 95 -5.17 -6.63 -1.00
CA ILE A 95 -4.89 -5.21 -1.12
C ILE A 95 -4.58 -4.88 -2.58
N LEU A 96 -4.84 -3.63 -2.94
CA LEU A 96 -4.58 -3.18 -4.30
C LEU A 96 -3.53 -2.07 -4.28
N ALA A 97 -2.40 -2.35 -4.90
CA ALA A 97 -1.32 -1.38 -4.97
C ALA A 97 -1.07 -0.99 -6.41
N GLN A 98 -0.13 -0.07 -6.60
CA GLN A 98 0.21 0.40 -7.93
C GLN A 98 1.41 1.34 -7.87
N TYR A 99 2.59 0.75 -7.79
CA TYR A 99 3.82 1.52 -7.73
C TYR A 99 3.76 2.73 -8.66
N ASN A 100 4.00 3.89 -8.08
CA ASN A 100 3.97 5.13 -8.84
C ASN A 100 5.32 5.85 -8.68
N PRO A 101 6.12 5.81 -9.78
CA PRO A 101 7.43 6.45 -9.78
C PRO A 101 7.29 7.97 -9.89
N HIS A 102 6.51 8.53 -8.98
CA HIS A 102 6.29 9.97 -8.96
C HIS A 102 6.26 10.47 -7.52
N VAL A 103 7.06 9.81 -6.68
CA VAL A 103 7.13 10.18 -5.28
C VAL A 103 8.58 10.11 -4.82
N HIS A 104 9.22 8.97 -5.12
CA HIS A 104 10.61 8.77 -4.75
C HIS A 104 10.79 9.10 -3.26
N GLN A 105 12.04 9.08 -2.83
CA GLN A 105 12.36 9.37 -1.45
C GLN A 105 11.79 8.29 -0.52
N LEU A 106 12.40 8.17 0.64
CA LEU A 106 11.97 7.19 1.62
C LEU A 106 12.00 7.80 3.02
N SER A 107 13.19 8.26 3.40
CA SER A 107 13.37 8.88 4.71
C SER A 107 13.09 7.85 5.81
N SER A 108 13.93 7.88 6.83
CA SER A 108 13.79 6.97 7.94
C SER A 108 13.27 7.72 9.18
N HIS A 109 11.99 7.98 9.17
CA HIS A 109 11.36 8.69 10.29
C HIS A 109 11.57 7.90 11.58
N SER A 110 12.53 8.37 12.36
CA SER A 110 12.84 7.73 13.63
C SER A 110 11.82 8.13 14.69
N ARG A 111 11.69 7.28 15.70
CA ARG A 111 10.76 7.53 16.78
C ARG A 111 11.39 7.20 18.13
N SER A 112 10.97 7.93 19.15
CA SER A 112 11.49 7.72 20.49
C SER A 112 10.47 6.95 21.33
N GLY A 113 10.98 6.10 22.20
CA GLY A 113 10.12 5.30 23.06
C GLY A 113 9.77 6.08 24.34
N PRO A 114 8.44 6.14 24.62
CA PRO A 114 7.96 6.84 25.80
C PRO A 114 8.23 6.03 27.07
N SER A 115 8.37 6.75 28.17
CA SER A 115 8.63 6.10 29.45
C SER A 115 7.32 5.97 30.25
N SER A 116 7.16 4.80 30.85
CA SER A 116 5.97 4.52 31.64
C SER A 116 6.24 3.37 32.61
N GLY A 117 5.61 3.47 33.78
CA GLY A 117 5.76 2.45 34.80
C GLY A 117 4.43 2.11 35.45
N GLY A 1 -23.89 -0.50 -15.77
CA GLY A 1 -24.33 0.11 -17.02
C GLY A 1 -24.12 -0.84 -18.20
N SER A 2 -23.20 -0.46 -19.07
CA SER A 2 -22.90 -1.27 -20.24
C SER A 2 -21.80 -0.59 -21.07
N SER A 3 -20.96 -1.43 -21.67
CA SER A 3 -19.87 -0.93 -22.49
C SER A 3 -19.12 -2.11 -23.12
N GLY A 4 -18.23 -1.76 -24.05
CA GLY A 4 -17.44 -2.77 -24.74
C GLY A 4 -16.26 -2.13 -25.47
N SER A 5 -15.24 -2.94 -25.71
CA SER A 5 -14.05 -2.48 -26.39
C SER A 5 -13.12 -3.66 -26.68
N SER A 6 -12.09 -3.38 -27.46
CA SER A 6 -11.11 -4.39 -27.81
C SER A 6 -9.83 -3.74 -28.31
N GLY A 7 -8.76 -4.54 -28.35
CA GLY A 7 -7.48 -4.05 -28.81
C GLY A 7 -6.43 -5.16 -28.78
N GLY A 8 -5.19 -4.77 -29.05
CA GLY A 8 -4.10 -5.72 -29.06
C GLY A 8 -2.81 -5.09 -28.50
N GLU A 9 -1.89 -5.96 -28.09
CA GLU A 9 -0.63 -5.50 -27.54
C GLU A 9 0.28 -6.69 -27.26
N ARG A 10 1.59 -6.43 -27.36
CA ARG A 10 2.57 -7.47 -27.13
C ARG A 10 3.37 -7.17 -25.85
N ARG A 11 2.76 -7.48 -24.73
CA ARG A 11 3.39 -7.25 -23.44
C ARG A 11 2.51 -7.79 -22.31
N LYS A 12 3.11 -7.88 -21.14
CA LYS A 12 2.39 -8.37 -19.97
C LYS A 12 1.30 -7.35 -19.57
N ASP A 13 1.76 -6.20 -19.12
CA ASP A 13 0.85 -5.15 -18.70
C ASP A 13 1.65 -3.94 -18.19
N ARG A 14 2.14 -3.16 -19.14
CA ARG A 14 2.92 -1.98 -18.81
C ARG A 14 2.72 -0.89 -19.86
N PRO A 15 1.59 -0.13 -19.68
CA PRO A 15 1.28 0.95 -20.60
C PRO A 15 2.18 2.16 -20.37
N TYR A 16 2.68 2.25 -19.14
CA TYR A 16 3.56 3.36 -18.78
C TYR A 16 4.13 3.16 -17.38
N VAL A 17 3.23 2.88 -16.43
CA VAL A 17 3.64 2.67 -15.05
C VAL A 17 3.42 1.19 -14.69
N GLU A 18 3.69 0.89 -13.43
CA GLU A 18 3.53 -0.47 -12.94
C GLU A 18 2.06 -0.77 -12.66
N GLU A 19 1.43 -1.48 -13.59
CA GLU A 19 0.04 -1.83 -13.45
C GLU A 19 -0.29 -2.15 -11.99
N PRO A 20 -1.60 -1.96 -11.64
CA PRO A 20 -2.04 -2.22 -10.29
C PRO A 20 -2.15 -3.73 -10.02
N ARG A 21 -1.54 -4.14 -8.92
CA ARG A 21 -1.56 -5.54 -8.53
C ARG A 21 -2.49 -5.76 -7.35
N HIS A 22 -2.67 -7.03 -6.99
CA HIS A 22 -3.52 -7.38 -5.87
C HIS A 22 -2.73 -8.18 -4.84
N VAL A 23 -2.17 -7.46 -3.88
CA VAL A 23 -1.37 -8.09 -2.84
C VAL A 23 -2.32 -8.73 -1.81
N LYS A 24 -2.27 -10.05 -1.75
CA LYS A 24 -3.10 -10.79 -0.81
C LYS A 24 -2.38 -10.92 0.53
N VAL A 25 -3.16 -10.98 1.58
CA VAL A 25 -2.61 -11.11 2.92
C VAL A 25 -3.38 -12.19 3.68
N GLN A 26 -2.69 -12.81 4.63
CA GLN A 26 -3.29 -13.85 5.44
C GLN A 26 -3.03 -13.60 6.93
N LYS A 27 -3.35 -12.38 7.35
CA LYS A 27 -3.15 -12.00 8.74
C LYS A 27 -3.54 -13.17 9.65
N GLY A 28 -4.81 -13.18 10.03
CA GLY A 28 -5.32 -14.23 10.89
C GLY A 28 -5.35 -13.77 12.35
N SER A 29 -4.33 -14.20 13.09
CA SER A 29 -4.23 -13.83 14.50
C SER A 29 -3.05 -12.89 14.71
N GLU A 30 -2.75 -12.13 13.67
CA GLU A 30 -1.64 -11.18 13.73
C GLU A 30 -1.96 -9.94 12.88
N PRO A 31 -1.31 -8.81 13.25
CA PRO A 31 -1.51 -7.57 12.53
C PRO A 31 -0.78 -7.58 11.19
N LEU A 32 -0.96 -6.51 10.44
CA LEU A 32 -0.32 -6.39 9.13
C LEU A 32 1.14 -5.97 9.32
N GLY A 33 1.31 -4.92 10.12
CA GLY A 33 2.65 -4.41 10.39
C GLY A 33 3.17 -3.58 9.21
N ILE A 34 2.53 -2.44 9.01
CA ILE A 34 2.92 -1.55 7.93
C ILE A 34 2.64 -0.10 8.34
N SER A 35 3.32 0.81 7.66
CA SER A 35 3.15 2.23 7.94
C SER A 35 2.56 2.93 6.73
N ILE A 36 1.69 3.89 7.01
CA ILE A 36 1.04 4.65 5.95
C ILE A 36 1.07 6.14 6.30
N VAL A 37 1.09 6.96 5.26
CA VAL A 37 1.12 8.40 5.45
C VAL A 37 0.17 9.06 4.45
N SER A 38 -0.39 10.19 4.86
CA SER A 38 -1.32 10.92 4.02
C SER A 38 -0.59 12.07 3.32
N GLY A 39 -1.02 12.36 2.11
CA GLY A 39 -0.42 13.44 1.33
C GLY A 39 -1.28 14.70 1.41
N GLU A 40 -0.80 15.73 0.71
CA GLU A 40 -1.51 17.00 0.69
C GLU A 40 -2.85 16.86 -0.02
N LYS A 41 -3.80 16.23 0.68
CA LYS A 41 -5.13 16.03 0.12
C LYS A 41 -5.03 15.08 -1.08
N GLY A 42 -4.20 14.06 -0.92
CA GLY A 42 -4.00 13.08 -1.96
C GLY A 42 -4.54 11.71 -1.55
N GLY A 43 -3.65 10.73 -1.53
CA GLY A 43 -4.01 9.38 -1.14
C GLY A 43 -3.16 8.90 0.02
N ILE A 44 -3.03 7.58 0.10
CA ILE A 44 -2.24 6.97 1.16
C ILE A 44 -1.01 6.29 0.56
N TYR A 45 0.11 6.45 1.25
CA TYR A 45 1.36 5.85 0.79
C TYR A 45 2.06 5.10 1.92
N VAL A 46 2.68 3.99 1.55
CA VAL A 46 3.38 3.17 2.52
C VAL A 46 4.61 3.93 3.03
N SER A 47 4.70 4.03 4.35
CA SER A 47 5.81 4.72 4.97
C SER A 47 6.89 3.72 5.39
N LYS A 48 6.45 2.49 5.63
CA LYS A 48 7.37 1.44 6.04
C LYS A 48 6.58 0.13 6.21
N VAL A 49 7.33 -0.96 6.35
CA VAL A 49 6.72 -2.27 6.52
C VAL A 49 7.64 -3.14 7.36
N THR A 50 7.08 -3.67 8.44
CA THR A 50 7.83 -4.53 9.34
C THR A 50 8.42 -5.71 8.58
N VAL A 51 9.48 -6.28 9.15
CA VAL A 51 10.13 -7.42 8.55
C VAL A 51 9.66 -8.70 9.23
N GLY A 52 9.21 -9.64 8.40
CA GLY A 52 8.72 -10.91 8.92
C GLY A 52 7.24 -10.83 9.27
N SER A 53 6.73 -9.61 9.30
CA SER A 53 5.34 -9.38 9.62
C SER A 53 4.45 -9.83 8.45
N ILE A 54 3.18 -10.05 8.76
CA ILE A 54 2.23 -10.49 7.76
C ILE A 54 2.53 -9.77 6.44
N ALA A 55 2.57 -8.45 6.52
CA ALA A 55 2.85 -7.64 5.34
C ALA A 55 4.06 -8.21 4.61
N HIS A 56 5.20 -8.15 5.28
CA HIS A 56 6.44 -8.65 4.71
C HIS A 56 6.16 -9.94 3.94
N GLN A 57 5.39 -10.81 4.56
CA GLN A 57 5.04 -12.09 3.94
C GLN A 57 4.23 -11.85 2.67
N ALA A 58 3.25 -10.97 2.79
CA ALA A 58 2.39 -10.65 1.65
C ALA A 58 3.25 -10.06 0.52
N GLY A 59 4.19 -9.22 0.92
CA GLY A 59 5.09 -8.59 -0.04
C GLY A 59 4.75 -7.11 -0.21
N LEU A 60 4.63 -6.43 0.93
CA LEU A 60 4.31 -5.01 0.91
C LEU A 60 5.60 -4.19 0.98
N GLU A 61 5.66 -3.17 0.15
CA GLU A 61 6.82 -2.30 0.11
C GLU A 61 6.40 -0.83 0.15
N TYR A 62 7.40 0.03 0.33
CA TYR A 62 7.14 1.46 0.38
C TYR A 62 7.01 2.05 -1.02
N GLY A 63 6.22 3.12 -1.10
CA GLY A 63 6.01 3.79 -2.38
C GLY A 63 4.83 3.16 -3.13
N ASP A 64 4.48 1.96 -2.70
CA ASP A 64 3.37 1.25 -3.31
C ASP A 64 2.05 1.90 -2.89
N GLN A 65 1.60 2.85 -3.70
CA GLN A 65 0.36 3.55 -3.42
C GLN A 65 -0.80 2.56 -3.35
N LEU A 66 -1.52 2.62 -2.24
CA LEU A 66 -2.67 1.74 -2.04
C LEU A 66 -3.92 2.38 -2.63
N LEU A 67 -4.34 1.84 -3.77
CA LEU A 67 -5.51 2.35 -4.46
C LEU A 67 -6.76 1.91 -3.70
N GLU A 68 -6.86 0.60 -3.50
CA GLU A 68 -8.00 0.04 -2.80
C GLU A 68 -7.54 -1.05 -1.83
N PHE A 69 -8.19 -1.10 -0.67
CA PHE A 69 -7.86 -2.08 0.34
C PHE A 69 -8.95 -3.14 0.46
N ASN A 70 -8.67 -4.30 -0.09
CA ASN A 70 -9.62 -5.41 -0.04
C ASN A 70 -11.03 -4.86 -0.30
N GLY A 71 -11.08 -3.77 -1.06
CA GLY A 71 -12.35 -3.15 -1.38
C GLY A 71 -12.64 -1.98 -0.44
N ILE A 72 -11.77 -0.98 -0.51
CA ILE A 72 -11.92 0.20 0.33
C ILE A 72 -11.40 1.42 -0.43
N ASN A 73 -12.01 2.56 -0.14
CA ASN A 73 -11.61 3.81 -0.78
C ASN A 73 -10.41 4.39 -0.05
N LEU A 74 -9.31 4.51 -0.77
CA LEU A 74 -8.09 5.05 -0.21
C LEU A 74 -7.71 6.34 -0.94
N ARG A 75 -7.93 6.33 -2.25
CA ARG A 75 -7.62 7.48 -3.07
C ARG A 75 -8.09 8.76 -2.38
N SER A 76 -9.12 8.61 -1.55
CA SER A 76 -9.67 9.74 -0.83
C SER A 76 -9.97 9.34 0.62
N ALA A 77 -8.94 8.85 1.29
CA ALA A 77 -9.08 8.44 2.67
C ALA A 77 -8.10 9.23 3.54
N THR A 78 -8.24 9.06 4.85
CA THR A 78 -7.39 9.74 5.79
C THR A 78 -6.44 8.76 6.47
N GLU A 79 -5.23 9.23 6.73
CA GLU A 79 -4.23 8.40 7.37
C GLU A 79 -4.86 7.58 8.50
N GLN A 80 -5.80 8.20 9.18
CA GLN A 80 -6.48 7.55 10.28
C GLN A 80 -7.30 6.37 9.77
N GLN A 81 -8.02 6.61 8.69
CA GLN A 81 -8.85 5.58 8.09
C GLN A 81 -7.99 4.38 7.68
N ALA A 82 -6.97 4.67 6.88
CA ALA A 82 -6.07 3.64 6.41
C ALA A 82 -5.58 2.81 7.61
N ARG A 83 -4.94 3.50 8.55
CA ARG A 83 -4.42 2.85 9.73
C ARG A 83 -5.50 1.94 10.36
N LEU A 84 -6.74 2.27 10.05
CA LEU A 84 -7.86 1.50 10.56
C LEU A 84 -8.21 0.38 9.57
N ILE A 85 -8.45 0.78 8.33
CA ILE A 85 -8.79 -0.16 7.29
C ILE A 85 -7.69 -1.22 7.19
N ILE A 86 -6.47 -0.81 7.52
CA ILE A 86 -5.34 -1.71 7.48
C ILE A 86 -5.19 -2.42 8.84
N GLY A 87 -5.53 -1.68 9.88
CA GLY A 87 -5.44 -2.22 11.23
C GLY A 87 -6.68 -3.07 11.56
N GLN A 88 -7.54 -3.21 10.57
CA GLN A 88 -8.75 -4.00 10.73
C GLN A 88 -8.40 -5.47 10.99
N GLN A 89 -9.44 -6.29 11.03
CA GLN A 89 -9.25 -7.71 11.26
C GLN A 89 -9.10 -8.46 9.93
N CYS A 90 -10.16 -9.19 9.58
CA CYS A 90 -10.15 -9.94 8.34
C CYS A 90 -8.90 -10.82 8.31
N ASP A 91 -9.08 -12.08 8.67
CA ASP A 91 -7.98 -13.02 8.70
C ASP A 91 -7.18 -12.90 7.40
N THR A 92 -7.91 -12.82 6.30
CA THR A 92 -7.29 -12.69 5.00
C THR A 92 -7.78 -11.44 4.27
N ILE A 93 -6.89 -10.46 4.16
CA ILE A 93 -7.24 -9.21 3.50
C ILE A 93 -6.31 -9.01 2.31
N THR A 94 -6.86 -8.40 1.26
CA THR A 94 -6.09 -8.13 0.06
C THR A 94 -5.87 -6.63 -0.11
N ILE A 95 -4.85 -6.30 -0.89
CA ILE A 95 -4.51 -4.91 -1.14
C ILE A 95 -4.26 -4.71 -2.63
N LEU A 96 -4.72 -3.57 -3.13
CA LEU A 96 -4.55 -3.25 -4.53
C LEU A 96 -3.60 -2.05 -4.67
N ALA A 97 -2.32 -2.35 -4.65
CA ALA A 97 -1.29 -1.32 -4.77
C ALA A 97 -0.93 -1.13 -6.24
N GLN A 98 -0.09 -0.13 -6.49
CA GLN A 98 0.34 0.15 -7.84
C GLN A 98 1.56 1.08 -7.82
N TYR A 99 2.71 0.48 -7.66
CA TYR A 99 3.96 1.23 -7.62
C TYR A 99 3.91 2.41 -8.59
N ASN A 100 4.30 3.58 -8.08
CA ASN A 100 4.30 4.78 -8.90
C ASN A 100 5.70 5.41 -8.86
N PRO A 101 6.38 5.38 -10.03
CA PRO A 101 7.71 5.96 -10.13
C PRO A 101 7.66 7.48 -10.16
N HIS A 102 7.02 8.03 -9.14
CA HIS A 102 6.89 9.48 -9.03
C HIS A 102 6.44 9.85 -7.61
N VAL A 103 7.06 9.19 -6.64
CA VAL A 103 6.73 9.44 -5.25
C VAL A 103 7.96 9.14 -4.38
N HIS A 104 8.93 10.05 -4.45
CA HIS A 104 10.16 9.91 -3.69
C HIS A 104 10.39 11.16 -2.85
N GLN A 105 9.91 11.11 -1.62
CA GLN A 105 10.06 12.24 -0.71
C GLN A 105 11.33 12.08 0.12
N LEU A 106 12.26 13.01 -0.07
CA LEU A 106 13.52 12.98 0.66
C LEU A 106 14.25 11.67 0.36
N SER A 107 15.51 11.63 0.73
CA SER A 107 16.32 10.45 0.52
C SER A 107 16.80 9.89 1.86
N SER A 108 16.69 8.57 2.00
CA SER A 108 17.11 7.91 3.22
C SER A 108 18.50 7.30 3.03
N HIS A 109 19.35 7.54 4.02
CA HIS A 109 20.71 7.02 3.98
C HIS A 109 21.42 7.36 5.28
N SER A 110 21.16 6.54 6.30
CA SER A 110 21.77 6.74 7.60
C SER A 110 23.30 6.78 7.46
N ARG A 111 23.93 7.41 8.44
CA ARG A 111 25.37 7.54 8.44
C ARG A 111 26.03 6.21 8.82
N SER A 112 27.12 5.91 8.14
CA SER A 112 27.84 4.67 8.40
C SER A 112 29.34 4.96 8.55
N GLY A 113 29.91 5.56 7.51
CA GLY A 113 31.32 5.90 7.52
C GLY A 113 31.99 5.44 6.22
N PRO A 114 32.58 6.42 5.51
CA PRO A 114 33.27 6.14 4.25
C PRO A 114 34.62 5.47 4.51
N SER A 115 35.03 4.65 3.55
CA SER A 115 36.30 3.95 3.65
C SER A 115 37.29 4.50 2.63
N SER A 116 38.55 4.53 3.03
CA SER A 116 39.60 5.03 2.16
C SER A 116 40.20 3.88 1.35
N GLY A 117 40.67 4.22 0.17
CA GLY A 117 41.27 3.23 -0.72
C GLY A 117 41.68 3.86 -2.05
#